data_2D9K
#
_entry.id   2D9K
#
loop_
_entity.id
_entity.type
_entity.pdbx_description
1 polymer 'FLN29 gene product'
2 non-polymer 'ZINC ION'
#
_entity_poly.entity_id   1
_entity_poly.type   'polypeptide(L)'
_entity_poly.pdbx_seq_one_letter_code
;GSSGSSGHEETECPLRLAVCQHCDLELSILKLKEHEDYCGARTELCGNCGRNVLVKDLKTHPEVCGREGSGPSSG
;
_entity_poly.pdbx_strand_id   A
#
# COMPACT_ATOMS: atom_id res chain seq x y z
N GLY A 1 30.30 13.33 21.65
CA GLY A 1 29.39 12.46 20.91
C GLY A 1 29.85 11.01 20.91
N SER A 2 30.88 10.72 20.13
CA SER A 2 31.42 9.36 20.04
C SER A 2 32.91 9.38 19.71
N SER A 3 33.70 8.74 20.56
CA SER A 3 35.15 8.68 20.36
C SER A 3 35.49 7.95 19.07
N GLY A 4 36.50 8.45 18.37
CA GLY A 4 36.92 7.83 17.13
C GLY A 4 37.74 6.58 17.34
N SER A 5 37.10 5.54 17.86
CA SER A 5 37.78 4.28 18.13
C SER A 5 37.70 3.35 16.91
N SER A 6 38.43 2.25 16.97
CA SER A 6 38.46 1.29 15.87
C SER A 6 37.08 1.17 15.22
N GLY A 7 36.06 0.97 16.05
CA GLY A 7 34.70 0.85 15.55
C GLY A 7 34.34 -0.58 15.23
N HIS A 8 33.06 -0.91 15.37
CA HIS A 8 32.59 -2.26 15.09
C HIS A 8 32.43 -2.49 13.60
N GLU A 9 32.69 -3.72 13.16
CA GLU A 9 32.57 -4.07 11.74
C GLU A 9 31.21 -4.67 11.44
N GLU A 10 30.35 -3.87 10.80
CA GLU A 10 29.01 -4.33 10.46
C GLU A 10 29.01 -5.08 9.12
N THR A 11 28.45 -6.28 9.12
CA THR A 11 28.39 -7.10 7.92
C THR A 11 26.96 -7.48 7.57
N GLU A 12 26.70 -7.69 6.29
CA GLU A 12 25.37 -8.06 5.83
C GLU A 12 25.40 -9.38 5.06
N CYS A 13 24.37 -10.20 5.26
CA CYS A 13 24.29 -11.49 4.58
C CYS A 13 23.39 -11.40 3.36
N PRO A 14 23.63 -12.28 2.38
CA PRO A 14 22.85 -12.33 1.14
C PRO A 14 21.43 -12.83 1.37
N LEU A 15 20.49 -11.91 1.48
CA LEU A 15 19.09 -12.26 1.69
C LEU A 15 18.19 -11.61 0.65
N ARG A 16 17.58 -12.43 -0.19
CA ARG A 16 16.70 -11.93 -1.24
C ARG A 16 15.34 -11.53 -0.66
N LEU A 17 15.04 -10.24 -0.72
CA LEU A 17 13.77 -9.73 -0.20
C LEU A 17 12.87 -9.25 -1.34
N ALA A 18 11.56 -9.30 -1.10
CA ALA A 18 10.59 -8.88 -2.11
C ALA A 18 9.87 -7.61 -1.66
N VAL A 19 9.62 -6.72 -2.62
CA VAL A 19 8.93 -5.47 -2.33
C VAL A 19 7.50 -5.50 -2.83
N CYS A 20 6.59 -4.91 -2.05
CA CYS A 20 5.17 -4.87 -2.42
C CYS A 20 4.94 -3.89 -3.56
N GLN A 21 3.81 -4.04 -4.24
CA GLN A 21 3.46 -3.18 -5.36
C GLN A 21 2.42 -2.14 -4.95
N HIS A 22 1.69 -2.44 -3.88
CA HIS A 22 0.66 -1.54 -3.37
C HIS A 22 1.24 -0.57 -2.34
N CYS A 23 1.87 -1.13 -1.30
CA CYS A 23 2.47 -0.31 -0.25
C CYS A 23 3.91 0.04 -0.59
N ASP A 24 4.56 -0.81 -1.36
CA ASP A 24 5.94 -0.59 -1.76
C ASP A 24 6.86 -0.60 -0.55
N LEU A 25 6.63 -1.54 0.36
CA LEU A 25 7.44 -1.66 1.56
C LEU A 25 8.30 -2.92 1.52
N GLU A 26 9.40 -2.90 2.26
CA GLU A 26 10.31 -4.05 2.31
C GLU A 26 9.76 -5.14 3.22
N LEU A 27 9.63 -6.34 2.67
CA LEU A 27 9.11 -7.47 3.42
C LEU A 27 9.77 -8.77 2.97
N SER A 28 9.70 -9.80 3.82
CA SER A 28 10.29 -11.09 3.51
C SER A 28 9.59 -11.74 2.32
N ILE A 29 10.36 -12.05 1.29
CA ILE A 29 9.82 -12.67 0.08
C ILE A 29 8.90 -13.83 0.44
N LEU A 30 9.19 -14.48 1.56
CA LEU A 30 8.40 -15.62 2.02
C LEU A 30 7.02 -15.17 2.50
N LYS A 31 7.00 -14.10 3.29
CA LYS A 31 5.75 -13.56 3.82
C LYS A 31 5.21 -12.46 2.91
N LEU A 32 5.72 -12.39 1.69
CA LEU A 32 5.29 -11.39 0.73
C LEU A 32 3.89 -11.71 0.19
N LYS A 33 3.79 -12.84 -0.51
CA LYS A 33 2.52 -13.27 -1.07
C LYS A 33 1.37 -13.01 -0.11
N GLU A 34 1.48 -13.57 1.09
CA GLU A 34 0.44 -13.40 2.11
C GLU A 34 0.28 -11.92 2.46
N HIS A 35 1.38 -11.28 2.82
CA HIS A 35 1.37 -9.86 3.18
C HIS A 35 0.44 -9.08 2.26
N GLU A 36 0.48 -9.40 0.98
CA GLU A 36 -0.36 -8.73 0.00
C GLU A 36 -1.84 -8.92 0.32
N ASP A 37 -2.23 -10.17 0.54
CA ASP A 37 -3.62 -10.49 0.85
C ASP A 37 -4.23 -9.43 1.77
N TYR A 38 -3.56 -9.15 2.87
CA TYR A 38 -4.03 -8.16 3.83
C TYR A 38 -3.71 -6.75 3.35
N CYS A 39 -2.50 -6.56 2.85
CA CYS A 39 -2.05 -5.27 2.36
C CYS A 39 -3.19 -4.53 1.67
N GLY A 40 -3.80 -5.19 0.68
CA GLY A 40 -4.90 -4.58 -0.05
C GLY A 40 -6.09 -4.29 0.84
N ALA A 41 -6.55 -5.32 1.55
CA ALA A 41 -7.70 -5.17 2.44
C ALA A 41 -7.62 -3.87 3.23
N ARG A 42 -6.40 -3.46 3.57
CA ARG A 42 -6.18 -2.24 4.32
C ARG A 42 -6.87 -1.05 3.65
N THR A 43 -7.33 -0.11 4.46
CA THR A 43 -8.01 1.08 3.96
C THR A 43 -7.24 2.35 4.32
N GLU A 44 -7.11 3.25 3.35
CA GLU A 44 -6.41 4.51 3.58
C GLU A 44 -7.38 5.68 3.57
N LEU A 45 -6.91 6.83 4.05
CA LEU A 45 -7.74 8.04 4.10
C LEU A 45 -7.62 8.83 2.81
N CYS A 46 -8.76 9.05 2.15
CA CYS A 46 -8.79 9.79 0.90
C CYS A 46 -8.67 11.29 1.16
N GLY A 47 -8.28 12.04 0.14
CA GLY A 47 -8.13 13.47 0.27
C GLY A 47 -9.34 14.23 -0.24
N ASN A 48 -10.01 13.67 -1.24
CA ASN A 48 -11.19 14.31 -1.82
C ASN A 48 -12.38 14.21 -0.86
N CYS A 49 -12.85 12.99 -0.62
CA CYS A 49 -13.98 12.76 0.26
C CYS A 49 -13.52 12.72 1.72
N GLY A 50 -12.47 11.95 1.99
CA GLY A 50 -11.95 11.84 3.34
C GLY A 50 -12.50 10.64 4.07
N ARG A 51 -12.60 9.51 3.37
CA ARG A 51 -13.11 8.28 3.96
C ARG A 51 -12.15 7.13 3.73
N ASN A 52 -12.23 6.11 4.59
CA ASN A 52 -11.36 4.95 4.47
C ASN A 52 -11.73 4.11 3.25
N VAL A 53 -10.77 3.95 2.34
CA VAL A 53 -10.99 3.17 1.13
C VAL A 53 -9.91 2.11 0.96
N LEU A 54 -10.32 0.96 0.44
CA LEU A 54 -9.38 -0.14 0.22
C LEU A 54 -8.22 0.30 -0.67
N VAL A 55 -7.04 -0.23 -0.39
CA VAL A 55 -5.84 0.10 -1.17
C VAL A 55 -6.03 -0.27 -2.64
N LYS A 56 -6.43 -1.51 -2.89
CA LYS A 56 -6.64 -1.99 -4.25
C LYS A 56 -7.81 -1.27 -4.90
N ASP A 57 -8.76 -0.82 -4.08
CA ASP A 57 -9.93 -0.11 -4.57
C ASP A 57 -9.58 1.33 -4.95
N LEU A 58 -8.62 1.91 -4.23
CA LEU A 58 -8.19 3.27 -4.48
C LEU A 58 -7.95 3.51 -5.98
N LYS A 59 -7.76 2.42 -6.71
CA LYS A 59 -7.53 2.49 -8.15
C LYS A 59 -8.74 3.07 -8.86
N THR A 60 -9.92 2.53 -8.55
CA THR A 60 -11.15 2.98 -9.17
C THR A 60 -12.05 3.68 -8.15
N HIS A 61 -11.46 4.08 -7.03
CA HIS A 61 -12.21 4.75 -5.97
C HIS A 61 -12.64 6.15 -6.42
N PRO A 62 -11.73 6.87 -7.09
CA PRO A 62 -12.00 8.22 -7.59
C PRO A 62 -13.33 8.32 -8.33
N GLU A 63 -13.71 7.24 -9.00
CA GLU A 63 -14.96 7.20 -9.74
C GLU A 63 -16.16 7.35 -8.81
N VAL A 64 -16.17 6.53 -7.75
CA VAL A 64 -17.26 6.56 -6.78
C VAL A 64 -16.98 7.60 -5.68
N CYS A 65 -15.78 8.16 -5.70
CA CYS A 65 -15.39 9.17 -4.71
C CYS A 65 -16.10 10.48 -4.98
N GLY A 66 -17.04 10.85 -4.10
CA GLY A 66 -17.77 12.09 -4.27
C GLY A 66 -19.25 11.86 -4.47
N ARG A 67 -19.59 10.84 -5.24
CA ARG A 67 -20.99 10.51 -5.53
C ARG A 67 -21.52 9.50 -4.52
N GLU A 68 -20.70 8.52 -4.17
CA GLU A 68 -21.09 7.49 -3.22
C GLU A 68 -20.67 7.87 -1.80
N GLY A 69 -21.55 7.60 -0.84
CA GLY A 69 -21.25 7.92 0.55
C GLY A 69 -22.42 8.60 1.24
N SER A 70 -22.66 8.22 2.49
CA SER A 70 -23.75 8.80 3.28
C SER A 70 -23.64 10.32 3.31
N GLY A 71 -22.44 10.82 3.56
CA GLY A 71 -22.22 12.25 3.62
C GLY A 71 -21.03 12.62 4.47
N PRO A 72 -21.08 13.81 5.10
CA PRO A 72 -20.00 14.30 5.95
C PRO A 72 -19.88 13.50 7.25
N SER A 73 -19.09 12.44 7.21
CA SER A 73 -18.89 11.59 8.37
C SER A 73 -17.94 12.26 9.37
N SER A 74 -16.77 12.67 8.88
CA SER A 74 -15.77 13.31 9.72
C SER A 74 -15.07 14.45 8.97
N GLY A 75 -14.34 15.28 9.70
CA GLY A 75 -13.63 16.39 9.09
C GLY A 75 -12.26 15.99 8.58
N GLY A 1 24.24 20.67 -11.41
CA GLY A 1 23.79 19.65 -10.48
C GLY A 1 24.94 19.02 -9.71
N SER A 2 26.04 18.74 -10.42
CA SER A 2 27.21 18.12 -9.80
C SER A 2 28.21 19.19 -9.37
N SER A 3 29.11 18.81 -8.48
CA SER A 3 30.14 19.73 -7.98
C SER A 3 31.44 18.98 -7.69
N GLY A 4 32.53 19.47 -8.29
CA GLY A 4 33.83 18.84 -8.09
C GLY A 4 33.84 17.40 -8.55
N SER A 5 34.49 16.54 -7.77
CA SER A 5 34.59 15.13 -8.10
C SER A 5 33.88 14.27 -7.06
N SER A 6 32.69 13.77 -7.42
CA SER A 6 31.91 12.94 -6.52
C SER A 6 30.83 12.18 -7.28
N GLY A 7 30.33 11.11 -6.68
CA GLY A 7 29.30 10.30 -7.32
C GLY A 7 28.37 9.64 -6.32
N HIS A 8 27.83 8.49 -6.69
CA HIS A 8 26.94 7.75 -5.82
C HIS A 8 27.46 6.34 -5.54
N GLU A 9 27.19 5.83 -4.35
CA GLU A 9 27.64 4.50 -3.97
C GLU A 9 26.48 3.66 -3.46
N GLU A 10 26.61 2.33 -3.58
CA GLU A 10 25.57 1.43 -3.13
C GLU A 10 26.16 0.10 -2.67
N THR A 11 25.33 -0.76 -2.11
CA THR A 11 25.77 -2.06 -1.64
C THR A 11 24.68 -3.11 -1.80
N GLU A 12 25.07 -4.32 -2.18
CA GLU A 12 24.12 -5.41 -2.37
C GLU A 12 24.34 -6.51 -1.34
N CYS A 13 23.26 -7.17 -0.95
CA CYS A 13 23.34 -8.25 0.04
C CYS A 13 22.44 -9.41 -0.36
N PRO A 14 22.78 -10.62 0.13
CA PRO A 14 22.00 -11.83 -0.16
C PRO A 14 20.64 -11.83 0.51
N LEU A 15 20.30 -10.71 1.13
CA LEU A 15 19.01 -10.58 1.82
C LEU A 15 17.93 -11.38 1.10
N ARG A 16 17.79 -11.13 -0.20
CA ARG A 16 16.78 -11.82 -1.00
C ARG A 16 15.37 -11.48 -0.52
N LEU A 17 15.12 -10.19 -0.31
CA LEU A 17 13.82 -9.74 0.15
C LEU A 17 12.96 -9.27 -1.03
N ALA A 18 11.65 -9.22 -0.82
CA ALA A 18 10.73 -8.77 -1.86
C ALA A 18 10.08 -7.44 -1.49
N VAL A 19 9.48 -6.79 -2.49
CA VAL A 19 8.83 -5.51 -2.26
C VAL A 19 7.40 -5.52 -2.79
N CYS A 20 6.50 -4.84 -2.09
CA CYS A 20 5.10 -4.77 -2.49
C CYS A 20 4.91 -3.79 -3.63
N GLN A 21 3.79 -3.92 -4.34
CA GLN A 21 3.49 -3.03 -5.46
C GLN A 21 2.47 -1.97 -5.06
N HIS A 22 1.73 -2.24 -3.99
CA HIS A 22 0.72 -1.31 -3.50
C HIS A 22 1.31 -0.36 -2.46
N CYS A 23 1.87 -0.93 -1.40
CA CYS A 23 2.47 -0.13 -0.34
C CYS A 23 3.93 0.18 -0.65
N ASP A 24 4.58 -0.73 -1.37
CA ASP A 24 5.98 -0.56 -1.73
C ASP A 24 6.88 -0.63 -0.50
N LEU A 25 6.58 -1.57 0.39
CA LEU A 25 7.35 -1.74 1.62
C LEU A 25 8.25 -2.97 1.53
N GLU A 26 9.36 -2.95 2.27
CA GLU A 26 10.29 -4.08 2.27
C GLU A 26 9.76 -5.21 3.14
N LEU A 27 9.62 -6.39 2.54
CA LEU A 27 9.14 -7.55 3.27
C LEU A 27 9.80 -8.84 2.75
N SER A 28 9.75 -9.89 3.57
CA SER A 28 10.34 -11.16 3.19
C SER A 28 9.56 -11.82 2.05
N ILE A 29 10.28 -12.28 1.03
CA ILE A 29 9.66 -12.93 -0.11
C ILE A 29 8.64 -13.96 0.32
N LEU A 30 8.89 -14.58 1.48
CA LEU A 30 7.99 -15.59 2.01
C LEU A 30 6.70 -14.96 2.52
N LYS A 31 6.82 -13.78 3.12
CA LYS A 31 5.66 -13.07 3.65
C LYS A 31 4.89 -12.38 2.53
N LEU A 32 5.62 -11.82 1.56
CA LEU A 32 5.01 -11.13 0.44
C LEU A 32 3.69 -11.79 0.05
N LYS A 33 3.74 -13.09 -0.24
CA LYS A 33 2.56 -13.84 -0.63
C LYS A 33 1.38 -13.51 0.29
N GLU A 34 1.56 -13.77 1.58
CA GLU A 34 0.51 -13.50 2.55
C GLU A 34 0.26 -11.99 2.68
N HIS A 35 1.30 -11.26 3.09
CA HIS A 35 1.19 -9.82 3.26
C HIS A 35 0.32 -9.20 2.16
N GLU A 36 0.77 -9.32 0.92
CA GLU A 36 0.03 -8.78 -0.21
C GLU A 36 -1.47 -8.89 0.01
N ASP A 37 -1.92 -10.05 0.45
CA ASP A 37 -3.33 -10.29 0.72
C ASP A 37 -3.89 -9.24 1.67
N TYR A 38 -3.36 -9.20 2.88
CA TYR A 38 -3.80 -8.24 3.89
C TYR A 38 -3.61 -6.81 3.40
N CYS A 39 -2.41 -6.52 2.93
CA CYS A 39 -2.09 -5.18 2.42
C CYS A 39 -3.31 -4.55 1.74
N GLY A 40 -3.79 -5.19 0.68
CA GLY A 40 -4.93 -4.68 -0.04
C GLY A 40 -6.16 -4.56 0.84
N ALA A 41 -6.41 -5.57 1.67
CA ALA A 41 -7.56 -5.56 2.57
C ALA A 41 -7.66 -4.24 3.32
N ARG A 42 -6.50 -3.66 3.63
CA ARG A 42 -6.47 -2.39 4.36
C ARG A 42 -7.11 -1.27 3.53
N THR A 43 -7.85 -0.40 4.20
CA THR A 43 -8.52 0.70 3.52
C THR A 43 -7.89 2.04 3.91
N GLU A 44 -8.00 3.03 3.02
CA GLU A 44 -7.45 4.35 3.28
C GLU A 44 -8.50 5.42 3.07
N LEU A 45 -8.34 6.55 3.78
CA LEU A 45 -9.28 7.66 3.68
C LEU A 45 -8.87 8.63 2.58
N CYS A 46 -9.70 8.74 1.55
CA CYS A 46 -9.41 9.63 0.43
C CYS A 46 -9.62 11.09 0.83
N GLY A 47 -8.98 12.00 0.10
CA GLY A 47 -9.11 13.41 0.40
C GLY A 47 -10.07 14.12 -0.54
N ASN A 48 -10.19 13.59 -1.75
CA ASN A 48 -11.08 14.17 -2.76
C ASN A 48 -12.54 13.91 -2.41
N CYS A 49 -12.93 12.65 -2.39
CA CYS A 49 -14.29 12.26 -2.07
C CYS A 49 -14.51 12.22 -0.56
N GLY A 50 -13.58 11.58 0.14
CA GLY A 50 -13.69 11.47 1.59
C GLY A 50 -14.26 10.14 2.04
N ARG A 51 -13.95 9.08 1.30
CA ARG A 51 -14.44 7.75 1.63
C ARG A 51 -13.28 6.78 1.80
N ASN A 52 -13.57 5.63 2.42
CA ASN A 52 -12.55 4.61 2.65
C ASN A 52 -12.52 3.61 1.50
N VAL A 53 -11.38 3.49 0.86
CA VAL A 53 -11.22 2.55 -0.26
C VAL A 53 -10.02 1.65 -0.06
N LEU A 54 -10.17 0.37 -0.39
CA LEU A 54 -9.09 -0.60 -0.24
C LEU A 54 -7.85 -0.15 -1.02
N VAL A 55 -6.68 -0.44 -0.46
CA VAL A 55 -5.42 -0.08 -1.10
C VAL A 55 -5.39 -0.53 -2.55
N LYS A 56 -5.83 -1.76 -2.79
CA LYS A 56 -5.86 -2.31 -4.14
C LYS A 56 -6.67 -1.42 -5.08
N ASP A 57 -7.76 -0.86 -4.56
CA ASP A 57 -8.62 0.01 -5.34
C ASP A 57 -7.96 1.36 -5.59
N LEU A 58 -7.34 1.91 -4.56
CA LEU A 58 -6.66 3.20 -4.67
C LEU A 58 -6.02 3.36 -6.05
N LYS A 59 -5.55 2.26 -6.60
CA LYS A 59 -4.92 2.28 -7.92
C LYS A 59 -5.84 2.90 -8.96
N THR A 60 -7.07 2.39 -9.02
CA THR A 60 -8.06 2.89 -9.97
C THR A 60 -9.24 3.53 -9.25
N HIS A 61 -9.04 3.88 -7.99
CA HIS A 61 -10.08 4.51 -7.19
C HIS A 61 -10.48 5.85 -7.78
N PRO A 62 -9.47 6.62 -8.21
CA PRO A 62 -9.70 7.96 -8.80
C PRO A 62 -10.78 7.95 -9.87
N GLU A 63 -10.77 6.91 -10.71
CA GLU A 63 -11.76 6.79 -11.77
C GLU A 63 -13.17 7.05 -11.24
N VAL A 64 -13.59 6.22 -10.28
CA VAL A 64 -14.91 6.36 -9.70
C VAL A 64 -14.97 7.57 -8.77
N CYS A 65 -13.90 7.81 -8.03
CA CYS A 65 -13.84 8.94 -7.11
C CYS A 65 -14.20 10.23 -7.82
N GLY A 66 -14.94 11.10 -7.12
CA GLY A 66 -15.34 12.36 -7.70
C GLY A 66 -15.60 12.27 -9.19
N ARG A 67 -16.50 11.37 -9.56
CA ARG A 67 -16.85 11.17 -10.97
C ARG A 67 -17.28 12.49 -11.60
N GLU A 68 -18.12 13.23 -10.90
CA GLU A 68 -18.61 14.51 -11.40
C GLU A 68 -17.67 15.64 -11.03
N GLY A 69 -17.44 16.54 -11.98
CA GLY A 69 -16.55 17.67 -11.74
C GLY A 69 -15.09 17.34 -12.02
N SER A 70 -14.56 17.88 -13.10
CA SER A 70 -13.18 17.63 -13.49
C SER A 70 -12.43 18.94 -13.69
N GLY A 71 -11.26 19.05 -13.05
CA GLY A 71 -10.46 20.25 -13.17
C GLY A 71 -9.41 20.15 -14.27
N PRO A 72 -9.03 21.29 -14.85
CA PRO A 72 -8.04 21.35 -15.92
C PRO A 72 -6.63 21.03 -15.42
N SER A 73 -6.03 20.00 -16.01
CA SER A 73 -4.69 19.58 -15.62
C SER A 73 -3.92 19.05 -16.83
N SER A 74 -2.86 19.75 -17.21
CA SER A 74 -2.04 19.35 -18.34
C SER A 74 -0.84 18.53 -17.89
N GLY A 75 -0.37 18.79 -16.68
CA GLY A 75 0.77 18.07 -16.14
C GLY A 75 1.33 18.71 -14.89
N GLY A 1 26.37 20.29 14.68
CA GLY A 1 26.07 19.52 13.49
C GLY A 1 27.00 19.85 12.34
N SER A 2 27.77 18.85 11.90
CA SER A 2 28.70 19.04 10.80
C SER A 2 27.98 19.41 9.51
N SER A 3 27.05 18.54 9.11
CA SER A 3 26.28 18.76 7.89
C SER A 3 24.99 17.95 7.90
N GLY A 4 24.06 18.32 7.03
CA GLY A 4 22.79 17.61 6.96
C GLY A 4 22.91 16.30 6.21
N SER A 5 23.39 15.27 6.89
CA SER A 5 23.56 13.96 6.27
C SER A 5 23.32 12.84 7.29
N SER A 6 22.65 11.79 6.85
CA SER A 6 22.34 10.66 7.73
C SER A 6 23.63 10.01 8.24
N GLY A 7 24.54 9.73 7.31
CA GLY A 7 25.81 9.11 7.68
C GLY A 7 25.98 7.73 7.08
N HIS A 8 27.22 7.34 6.85
CA HIS A 8 27.53 6.05 6.26
C HIS A 8 27.43 4.94 7.31
N GLU A 9 26.37 4.14 7.23
CA GLU A 9 26.17 3.05 8.17
C GLU A 9 26.60 1.72 7.57
N GLU A 10 26.87 0.74 8.43
CA GLU A 10 27.29 -0.58 7.99
C GLU A 10 26.26 -1.20 7.04
N THR A 11 26.65 -2.26 6.36
CA THR A 11 25.76 -2.95 5.43
C THR A 11 25.35 -4.31 5.96
N GLU A 12 24.13 -4.73 5.62
CA GLU A 12 23.62 -6.02 6.06
C GLU A 12 23.90 -7.11 5.02
N CYS A 13 23.54 -8.35 5.35
CA CYS A 13 23.74 -9.47 4.45
C CYS A 13 22.81 -9.38 3.25
N PRO A 14 23.36 -9.66 2.05
CA PRO A 14 22.59 -9.63 0.81
C PRO A 14 21.57 -10.75 0.71
N LEU A 15 20.41 -10.53 1.30
CA LEU A 15 19.34 -11.54 1.29
C LEU A 15 18.26 -11.17 0.27
N ARG A 16 17.77 -12.17 -0.45
CA ARG A 16 16.73 -11.97 -1.45
C ARG A 16 15.42 -11.52 -0.80
N LEU A 17 15.01 -10.29 -1.09
CA LEU A 17 13.77 -9.75 -0.53
C LEU A 17 12.83 -9.29 -1.63
N ALA A 18 11.55 -9.18 -1.31
CA ALA A 18 10.55 -8.75 -2.28
C ALA A 18 9.83 -7.50 -1.79
N VAL A 19 9.57 -6.58 -2.71
CA VAL A 19 8.88 -5.34 -2.38
C VAL A 19 7.45 -5.35 -2.89
N CYS A 20 6.53 -4.88 -2.06
CA CYS A 20 5.12 -4.83 -2.42
C CYS A 20 4.87 -3.80 -3.51
N GLN A 21 3.73 -3.93 -4.19
CA GLN A 21 3.38 -3.00 -5.26
C GLN A 21 2.35 -1.97 -4.77
N HIS A 22 1.65 -2.31 -3.70
CA HIS A 22 0.65 -1.41 -3.13
C HIS A 22 1.26 -0.49 -2.09
N CYS A 23 1.86 -1.08 -1.06
CA CYS A 23 2.49 -0.32 0.00
C CYS A 23 3.93 0.05 -0.36
N ASP A 24 4.56 -0.78 -1.18
CA ASP A 24 5.94 -0.55 -1.61
C ASP A 24 6.88 -0.59 -0.42
N LEU A 25 6.66 -1.53 0.48
CA LEU A 25 7.49 -1.68 1.67
C LEU A 25 8.37 -2.92 1.58
N GLU A 26 9.50 -2.89 2.27
CA GLU A 26 10.43 -4.03 2.26
C GLU A 26 9.93 -5.14 3.18
N LEU A 27 9.77 -6.33 2.60
CA LEU A 27 9.30 -7.48 3.37
C LEU A 27 9.99 -8.76 2.90
N SER A 28 9.75 -9.85 3.63
CA SER A 28 10.35 -11.14 3.29
C SER A 28 9.61 -11.81 2.14
N ILE A 29 10.35 -12.31 1.16
CA ILE A 29 9.77 -12.98 0.02
C ILE A 29 8.73 -14.00 0.44
N LEU A 30 8.96 -14.63 1.59
CA LEU A 30 8.04 -15.64 2.11
C LEU A 30 6.78 -14.98 2.68
N LYS A 31 6.98 -13.90 3.43
CA LYS A 31 5.86 -13.18 4.04
C LYS A 31 5.30 -12.15 3.07
N LEU A 32 5.60 -12.31 1.79
CA LEU A 32 5.12 -11.39 0.76
C LEU A 32 3.74 -11.81 0.27
N LYS A 33 3.61 -13.07 -0.12
CA LYS A 33 2.33 -13.59 -0.61
C LYS A 33 1.22 -13.33 0.40
N GLU A 34 1.44 -13.75 1.65
CA GLU A 34 0.45 -13.56 2.70
C GLU A 34 0.20 -12.07 2.95
N HIS A 35 1.29 -11.32 3.12
CA HIS A 35 1.19 -9.88 3.36
C HIS A 35 0.29 -9.21 2.33
N GLU A 36 0.72 -9.27 1.06
CA GLU A 36 -0.05 -8.66 -0.02
C GLU A 36 -1.54 -8.86 0.19
N ASP A 37 -1.97 -10.12 0.26
CA ASP A 37 -3.37 -10.44 0.47
C ASP A 37 -4.03 -9.45 1.41
N TYR A 38 -3.32 -9.12 2.50
CA TYR A 38 -3.85 -8.18 3.49
C TYR A 38 -3.64 -6.75 3.03
N CYS A 39 -2.44 -6.45 2.54
CA CYS A 39 -2.12 -5.11 2.07
C CYS A 39 -3.33 -4.44 1.42
N GLY A 40 -3.84 -5.07 0.36
CA GLY A 40 -5.00 -4.52 -0.32
C GLY A 40 -6.22 -4.44 0.57
N ALA A 41 -6.44 -5.49 1.35
CA ALA A 41 -7.59 -5.53 2.26
C ALA A 41 -7.64 -4.29 3.14
N ARG A 42 -6.46 -3.84 3.58
CA ARG A 42 -6.37 -2.66 4.44
C ARG A 42 -7.09 -1.46 3.80
N THR A 43 -7.95 -0.83 4.56
CA THR A 43 -8.70 0.32 4.08
C THR A 43 -8.16 1.62 4.66
N GLU A 44 -7.94 2.62 3.81
CA GLU A 44 -7.42 3.90 4.24
C GLU A 44 -8.46 5.01 4.04
N LEU A 45 -8.47 5.98 4.94
CA LEU A 45 -9.40 7.09 4.86
C LEU A 45 -8.90 8.17 3.91
N CYS A 46 -9.55 8.27 2.75
CA CYS A 46 -9.16 9.27 1.76
C CYS A 46 -9.29 10.68 2.31
N GLY A 47 -8.60 11.62 1.68
CA GLY A 47 -8.65 13.01 2.13
C GLY A 47 -9.63 13.84 1.33
N ASN A 48 -9.80 13.50 0.06
CA ASN A 48 -10.72 14.23 -0.81
C ASN A 48 -12.17 13.92 -0.44
N CYS A 49 -12.58 12.68 -0.64
CA CYS A 49 -13.94 12.26 -0.33
C CYS A 49 -14.12 12.05 1.17
N GLY A 50 -13.18 11.33 1.77
CA GLY A 50 -13.25 11.06 3.20
C GLY A 50 -14.01 9.79 3.52
N ARG A 51 -13.80 8.76 2.70
CA ARG A 51 -14.47 7.48 2.90
C ARG A 51 -13.46 6.34 2.95
N ASN A 52 -13.84 5.25 3.61
CA ASN A 52 -12.98 4.09 3.74
C ASN A 52 -12.91 3.31 2.43
N VAL A 53 -11.73 3.29 1.82
CA VAL A 53 -11.53 2.58 0.56
C VAL A 53 -10.34 1.64 0.64
N LEU A 54 -10.48 0.47 0.02
CA LEU A 54 -9.41 -0.52 0.02
C LEU A 54 -8.17 0.00 -0.70
N VAL A 55 -7.01 -0.57 -0.39
CA VAL A 55 -5.77 -0.15 -1.01
C VAL A 55 -5.62 -0.75 -2.41
N LYS A 56 -6.15 -1.96 -2.59
CA LYS A 56 -6.09 -2.65 -3.87
C LYS A 56 -7.03 -1.99 -4.88
N ASP A 57 -8.06 -1.31 -4.37
CA ASP A 57 -9.03 -0.65 -5.23
C ASP A 57 -8.65 0.81 -5.46
N LEU A 58 -7.79 1.33 -4.58
CA LEU A 58 -7.34 2.72 -4.70
C LEU A 58 -6.94 3.04 -6.13
N LYS A 59 -6.64 2.01 -6.90
CA LYS A 59 -6.24 2.18 -8.30
C LYS A 59 -7.35 2.87 -9.10
N THR A 60 -8.59 2.50 -8.81
CA THR A 60 -9.74 3.07 -9.50
C THR A 60 -10.65 3.81 -8.53
N HIS A 61 -10.13 4.13 -7.35
CA HIS A 61 -10.89 4.83 -6.33
C HIS A 61 -11.14 6.28 -6.74
N PRO A 62 -10.10 6.93 -7.30
CA PRO A 62 -10.19 8.32 -7.74
C PRO A 62 -11.43 8.59 -8.59
N GLU A 63 -11.76 7.65 -9.47
CA GLU A 63 -12.93 7.78 -10.33
C GLU A 63 -14.18 8.03 -9.51
N VAL A 64 -14.49 7.10 -8.60
CA VAL A 64 -15.67 7.23 -7.76
C VAL A 64 -15.47 8.29 -6.69
N CYS A 65 -14.21 8.56 -6.35
CA CYS A 65 -13.88 9.55 -5.34
C CYS A 65 -14.21 10.96 -5.83
N GLY A 66 -14.73 11.78 -4.93
CA GLY A 66 -15.08 13.15 -5.29
C GLY A 66 -16.55 13.29 -5.68
N ARG A 67 -16.94 12.62 -6.75
CA ARG A 67 -18.31 12.68 -7.22
C ARG A 67 -19.29 12.37 -6.08
N GLU A 68 -18.90 11.46 -5.21
CA GLU A 68 -19.74 11.08 -4.07
C GLU A 68 -20.29 12.31 -3.36
N GLY A 69 -19.42 13.29 -3.12
CA GLY A 69 -19.84 14.51 -2.45
C GLY A 69 -18.69 15.45 -2.17
N SER A 70 -18.48 15.78 -0.90
CA SER A 70 -17.40 16.68 -0.51
C SER A 70 -17.51 18.01 -1.24
N GLY A 71 -18.74 18.49 -1.42
CA GLY A 71 -18.95 19.75 -2.11
C GLY A 71 -18.80 19.62 -3.62
N PRO A 72 -19.07 20.72 -4.34
CA PRO A 72 -18.96 20.75 -5.80
C PRO A 72 -17.51 20.68 -6.28
N SER A 73 -16.59 20.53 -5.32
CA SER A 73 -15.17 20.46 -5.65
C SER A 73 -14.95 19.77 -6.99
N SER A 74 -15.34 18.49 -7.07
CA SER A 74 -15.19 17.72 -8.30
C SER A 74 -16.46 17.76 -9.12
N GLY A 75 -16.32 18.05 -10.41
CA GLY A 75 -17.47 18.11 -11.30
C GLY A 75 -18.22 16.79 -11.37
N GLY A 1 9.40 6.00 -36.15
CA GLY A 1 8.92 5.22 -35.02
C GLY A 1 8.20 6.07 -33.98
N SER A 2 7.90 5.48 -32.83
CA SER A 2 7.21 6.19 -31.77
C SER A 2 7.87 5.92 -30.42
N SER A 3 8.49 6.95 -29.85
CA SER A 3 9.15 6.83 -28.56
C SER A 3 9.05 8.12 -27.76
N GLY A 4 8.41 8.04 -26.59
CA GLY A 4 8.25 9.21 -25.75
C GLY A 4 9.15 9.17 -24.52
N SER A 5 8.91 8.21 -23.64
CA SER A 5 9.69 8.07 -22.43
C SER A 5 10.27 6.67 -22.32
N SER A 6 11.60 6.59 -22.30
CA SER A 6 12.30 5.30 -22.21
C SER A 6 12.58 4.95 -20.75
N GLY A 7 13.11 3.75 -20.53
CA GLY A 7 13.43 3.32 -19.19
C GLY A 7 14.79 3.78 -18.72
N HIS A 8 14.87 4.27 -17.49
CA HIS A 8 16.13 4.75 -16.92
C HIS A 8 16.87 3.63 -16.23
N GLU A 9 18.21 3.74 -16.19
CA GLU A 9 19.04 2.73 -15.55
C GLU A 9 18.84 2.74 -14.04
N GLU A 10 18.17 1.71 -13.53
CA GLU A 10 17.91 1.60 -12.10
C GLU A 10 18.90 0.63 -11.45
N THR A 11 19.72 1.15 -10.55
CA THR A 11 20.71 0.33 -9.85
C THR A 11 20.03 -0.76 -9.02
N GLU A 12 20.13 -2.00 -9.50
CA GLU A 12 19.52 -3.12 -8.81
C GLU A 12 20.58 -3.90 -8.02
N CYS A 13 20.12 -4.67 -7.03
CA CYS A 13 21.02 -5.47 -6.21
C CYS A 13 20.37 -6.79 -5.80
N PRO A 14 21.20 -7.81 -5.57
CA PRO A 14 20.73 -9.14 -5.18
C PRO A 14 20.17 -9.16 -3.77
N LEU A 15 18.89 -9.55 -3.65
CA LEU A 15 18.23 -9.61 -2.35
C LEU A 15 17.12 -10.66 -2.36
N ARG A 16 16.97 -11.36 -1.24
CA ARG A 16 15.95 -12.39 -1.11
C ARG A 16 14.65 -11.80 -0.59
N LEU A 17 14.53 -10.47 -0.65
CA LEU A 17 13.34 -9.78 -0.17
C LEU A 17 12.52 -9.25 -1.34
N ALA A 18 11.20 -9.30 -1.20
CA ALA A 18 10.30 -8.82 -2.24
C ALA A 18 9.56 -7.57 -1.80
N VAL A 19 9.54 -6.56 -2.66
CA VAL A 19 8.87 -5.30 -2.36
C VAL A 19 7.43 -5.30 -2.89
N CYS A 20 6.51 -4.79 -2.07
CA CYS A 20 5.11 -4.73 -2.46
C CYS A 20 4.88 -3.67 -3.53
N GLN A 21 3.75 -3.77 -4.22
CA GLN A 21 3.42 -2.81 -5.28
C GLN A 21 2.41 -1.79 -4.78
N HIS A 22 1.67 -2.15 -3.74
CA HIS A 22 0.66 -1.25 -3.18
C HIS A 22 1.29 -0.32 -2.13
N CYS A 23 1.88 -0.90 -1.10
CA CYS A 23 2.52 -0.13 -0.05
C CYS A 23 3.95 0.22 -0.42
N ASP A 24 4.60 -0.66 -1.17
CA ASP A 24 5.98 -0.44 -1.60
C ASP A 24 6.93 -0.48 -0.42
N LEU A 25 6.73 -1.46 0.47
CA LEU A 25 7.57 -1.62 1.64
C LEU A 25 8.44 -2.87 1.53
N GLU A 26 9.60 -2.84 2.18
CA GLU A 26 10.51 -3.97 2.15
C GLU A 26 10.03 -5.09 3.08
N LEU A 27 9.80 -6.27 2.50
CA LEU A 27 9.35 -7.42 3.28
C LEU A 27 9.99 -8.70 2.77
N SER A 28 9.79 -9.79 3.52
CA SER A 28 10.35 -11.08 3.15
C SER A 28 9.55 -11.71 2.03
N ILE A 29 10.22 -12.49 1.18
CA ILE A 29 9.57 -13.16 0.06
C ILE A 29 8.59 -14.22 0.55
N LEU A 30 8.89 -14.80 1.70
CA LEU A 30 8.04 -15.83 2.28
C LEU A 30 6.74 -15.24 2.83
N LYS A 31 6.84 -14.02 3.36
CA LYS A 31 5.68 -13.33 3.90
C LYS A 31 4.90 -12.60 2.81
N LEU A 32 5.63 -12.01 1.86
CA LEU A 32 5.01 -11.29 0.75
C LEU A 32 3.71 -11.96 0.33
N LYS A 33 3.80 -13.17 -0.20
CA LYS A 33 2.63 -13.92 -0.64
C LYS A 33 1.44 -13.65 0.28
N GLU A 34 1.70 -13.63 1.58
CA GLU A 34 0.65 -13.38 2.57
C GLU A 34 0.38 -11.88 2.72
N HIS A 35 1.41 -11.14 3.11
CA HIS A 35 1.27 -9.70 3.29
C HIS A 35 0.41 -9.09 2.18
N GLU A 36 0.80 -9.34 0.94
CA GLU A 36 0.06 -8.82 -0.21
C GLU A 36 -1.45 -8.90 0.03
N ASP A 37 -1.92 -10.09 0.37
CA ASP A 37 -3.34 -10.31 0.62
C ASP A 37 -3.88 -9.27 1.61
N TYR A 38 -3.12 -9.03 2.68
CA TYR A 38 -3.53 -8.06 3.69
C TYR A 38 -3.47 -6.65 3.15
N CYS A 39 -2.31 -6.26 2.63
CA CYS A 39 -2.11 -4.92 2.07
C CYS A 39 -3.36 -4.47 1.33
N GLY A 40 -3.88 -5.34 0.46
CA GLY A 40 -5.07 -4.99 -0.30
C GLY A 40 -6.32 -4.94 0.56
N ALA A 41 -6.39 -5.80 1.56
CA ALA A 41 -7.53 -5.84 2.47
C ALA A 41 -7.94 -4.44 2.89
N ARG A 42 -6.96 -3.59 3.18
CA ARG A 42 -7.23 -2.22 3.60
C ARG A 42 -8.15 -1.52 2.61
N THR A 43 -8.80 -0.46 3.06
CA THR A 43 -9.71 0.30 2.21
C THR A 43 -9.19 1.71 1.98
N GLU A 44 -9.74 2.37 0.97
CA GLU A 44 -9.33 3.74 0.63
C GLU A 44 -10.52 4.55 0.13
N LEU A 45 -10.83 5.64 0.82
CA LEU A 45 -11.94 6.50 0.43
C LEU A 45 -11.64 7.22 -0.88
N CYS A 46 -12.64 7.34 -1.73
CA CYS A 46 -12.49 8.00 -3.03
C CYS A 46 -13.12 9.39 -2.99
N GLY A 47 -12.48 10.33 -3.68
CA GLY A 47 -12.98 11.69 -3.72
C GLY A 47 -14.08 11.88 -4.75
N ASN A 48 -14.11 10.99 -5.74
CA ASN A 48 -15.11 11.06 -6.80
C ASN A 48 -16.47 10.57 -6.30
N CYS A 49 -16.56 9.28 -6.01
CA CYS A 49 -17.80 8.69 -5.53
C CYS A 49 -17.98 8.96 -4.04
N GLY A 50 -16.98 8.56 -3.24
CA GLY A 50 -17.05 8.77 -1.81
C GLY A 50 -17.32 7.49 -1.05
N ARG A 51 -16.70 6.40 -1.48
CA ARG A 51 -16.87 5.10 -0.84
C ARG A 51 -15.53 4.48 -0.48
N ASN A 52 -15.55 3.48 0.39
CA ASN A 52 -14.34 2.81 0.81
C ASN A 52 -14.03 1.61 -0.09
N VAL A 53 -13.01 1.75 -0.91
CA VAL A 53 -12.62 0.68 -1.83
C VAL A 53 -11.29 0.07 -1.41
N LEU A 54 -11.18 -1.24 -1.55
CA LEU A 54 -9.96 -1.95 -1.19
C LEU A 54 -8.77 -1.45 -2.00
N VAL A 55 -7.62 -1.35 -1.34
CA VAL A 55 -6.41 -0.88 -2.01
C VAL A 55 -6.14 -1.66 -3.28
N LYS A 56 -6.41 -2.96 -3.24
CA LYS A 56 -6.20 -3.82 -4.41
C LYS A 56 -7.22 -3.51 -5.51
N ASP A 57 -8.45 -3.25 -5.09
CA ASP A 57 -9.52 -2.94 -6.04
C ASP A 57 -9.29 -1.58 -6.69
N LEU A 58 -8.68 -0.67 -5.95
CA LEU A 58 -8.40 0.67 -6.45
C LEU A 58 -7.84 0.61 -7.88
N LYS A 59 -7.25 -0.52 -8.22
CA LYS A 59 -6.69 -0.72 -9.55
C LYS A 59 -7.78 -0.70 -10.62
N THR A 60 -8.85 -1.43 -10.36
CA THR A 60 -9.97 -1.51 -11.29
C THR A 60 -11.20 -0.78 -10.75
N HIS A 61 -10.98 0.07 -9.76
CA HIS A 61 -12.07 0.83 -9.15
C HIS A 61 -12.53 1.96 -10.07
N PRO A 62 -11.56 2.66 -10.68
CA PRO A 62 -11.84 3.77 -11.60
C PRO A 62 -12.90 3.40 -12.63
N GLU A 63 -13.08 2.11 -12.86
CA GLU A 63 -14.06 1.63 -13.83
C GLU A 63 -15.48 1.74 -13.27
N VAL A 64 -15.69 1.15 -12.09
CA VAL A 64 -17.00 1.18 -11.45
C VAL A 64 -17.30 2.55 -10.87
N CYS A 65 -16.24 3.24 -10.44
CA CYS A 65 -16.40 4.57 -9.85
C CYS A 65 -17.18 5.49 -10.78
N GLY A 66 -17.93 6.42 -10.19
CA GLY A 66 -18.72 7.34 -10.98
C GLY A 66 -19.53 6.65 -12.06
N ARG A 67 -20.32 5.65 -11.67
CA ARG A 67 -21.13 4.90 -12.61
C ARG A 67 -22.26 5.77 -13.17
N GLU A 68 -22.86 6.57 -12.30
CA GLU A 68 -23.95 7.45 -12.70
C GLU A 68 -23.43 8.79 -13.20
N GLY A 69 -22.45 9.34 -12.48
CA GLY A 69 -21.87 10.62 -12.86
C GLY A 69 -20.87 10.48 -13.99
N SER A 70 -21.25 9.75 -15.03
CA SER A 70 -20.37 9.53 -16.18
C SER A 70 -20.65 10.56 -17.28
N GLY A 71 -21.93 10.68 -17.65
CA GLY A 71 -22.30 11.63 -18.69
C GLY A 71 -23.22 11.00 -19.72
N PRO A 72 -24.07 11.84 -20.34
CA PRO A 72 -25.02 11.39 -21.35
C PRO A 72 -24.34 10.98 -22.65
N SER A 73 -23.00 11.02 -22.66
CA SER A 73 -22.23 10.66 -23.83
C SER A 73 -22.02 9.14 -23.89
N SER A 74 -22.74 8.43 -23.03
CA SER A 74 -22.64 6.97 -22.99
C SER A 74 -23.72 6.32 -23.84
N GLY A 75 -23.31 5.50 -24.80
CA GLY A 75 -24.26 4.83 -25.67
C GLY A 75 -24.12 5.26 -27.11
N GLY A 1 48.42 13.08 -16.74
CA GLY A 1 48.59 11.78 -17.35
C GLY A 1 47.27 11.10 -17.66
N SER A 2 47.34 9.97 -18.34
CA SER A 2 46.14 9.23 -18.70
C SER A 2 45.69 8.32 -17.55
N SER A 3 44.38 8.10 -17.46
CA SER A 3 43.82 7.26 -16.40
C SER A 3 43.20 6.00 -16.99
N GLY A 4 43.04 4.98 -16.16
CA GLY A 4 42.45 3.73 -16.60
C GLY A 4 41.25 3.32 -15.77
N SER A 5 40.06 3.50 -16.31
CA SER A 5 38.83 3.16 -15.61
C SER A 5 38.20 1.90 -16.20
N SER A 6 37.62 1.08 -15.34
CA SER A 6 36.98 -0.16 -15.78
C SER A 6 35.58 -0.30 -15.18
N GLY A 7 34.64 -0.70 -16.01
CA GLY A 7 33.26 -0.87 -15.56
C GLY A 7 32.79 -2.30 -15.65
N HIS A 8 32.43 -2.88 -14.50
CA HIS A 8 31.96 -4.25 -14.47
C HIS A 8 30.75 -4.38 -13.54
N GLU A 9 29.64 -4.86 -14.08
CA GLU A 9 28.42 -5.04 -13.30
C GLU A 9 28.43 -6.36 -12.54
N GLU A 10 28.47 -6.26 -11.21
CA GLU A 10 28.50 -7.45 -10.37
C GLU A 10 27.75 -7.21 -9.06
N THR A 11 27.31 -8.28 -8.41
CA THR A 11 26.59 -8.18 -7.16
C THR A 11 27.45 -8.66 -5.99
N GLU A 12 27.35 -7.96 -4.86
CA GLU A 12 28.12 -8.31 -3.67
C GLU A 12 27.44 -9.44 -2.91
N CYS A 13 26.13 -9.31 -2.71
CA CYS A 13 25.37 -10.31 -1.98
C CYS A 13 24.01 -10.54 -2.64
N PRO A 14 23.45 -11.75 -2.46
CA PRO A 14 22.15 -12.12 -3.02
C PRO A 14 21.00 -11.39 -2.35
N LEU A 15 19.82 -11.47 -2.95
CA LEU A 15 18.64 -10.83 -2.40
C LEU A 15 17.41 -11.72 -2.52
N ARG A 16 16.83 -12.08 -1.39
CA ARG A 16 15.65 -12.94 -1.37
C ARG A 16 14.43 -12.18 -0.81
N LEU A 17 14.55 -10.87 -0.74
CA LEU A 17 13.46 -10.03 -0.23
C LEU A 17 12.64 -9.44 -1.37
N ALA A 18 11.33 -9.35 -1.16
CA ALA A 18 10.44 -8.80 -2.17
C ALA A 18 9.83 -7.48 -1.70
N VAL A 19 9.30 -6.71 -2.65
CA VAL A 19 8.70 -5.42 -2.34
C VAL A 19 7.24 -5.38 -2.80
N CYS A 20 6.38 -4.80 -1.96
CA CYS A 20 4.97 -4.69 -2.28
C CYS A 20 4.74 -3.70 -3.43
N GLN A 21 3.57 -3.79 -4.06
CA GLN A 21 3.24 -2.91 -5.16
C GLN A 21 2.27 -1.82 -4.72
N HIS A 22 1.53 -2.09 -3.65
CA HIS A 22 0.57 -1.12 -3.12
C HIS A 22 1.23 -0.21 -2.09
N CYS A 23 1.83 -0.83 -1.07
CA CYS A 23 2.50 -0.08 -0.01
C CYS A 23 3.96 0.19 -0.37
N ASP A 24 4.53 -0.67 -1.21
CA ASP A 24 5.91 -0.52 -1.64
C ASP A 24 6.86 -0.57 -0.44
N LEU A 25 6.62 -1.52 0.45
CA LEU A 25 7.45 -1.70 1.64
C LEU A 25 8.35 -2.91 1.50
N GLU A 26 9.50 -2.86 2.17
CA GLU A 26 10.46 -3.96 2.13
C GLU A 26 10.04 -5.09 3.06
N LEU A 27 9.88 -6.29 2.49
CA LEU A 27 9.47 -7.45 3.27
C LEU A 27 10.09 -8.73 2.70
N SER A 28 9.92 -9.84 3.42
CA SER A 28 10.46 -11.12 2.99
C SER A 28 9.64 -11.68 1.83
N ILE A 29 10.26 -12.55 1.04
CA ILE A 29 9.59 -13.17 -0.10
C ILE A 29 8.59 -14.22 0.36
N LEU A 30 8.86 -14.81 1.52
CA LEU A 30 7.98 -15.84 2.07
C LEU A 30 6.72 -15.22 2.66
N LYS A 31 6.89 -14.13 3.40
CA LYS A 31 5.76 -13.44 4.02
C LYS A 31 5.02 -12.59 2.99
N LEU A 32 5.78 -11.90 2.13
CA LEU A 32 5.19 -11.06 1.10
C LEU A 32 3.86 -11.62 0.62
N LYS A 33 3.91 -12.81 0.01
CA LYS A 33 2.71 -13.46 -0.49
C LYS A 33 1.52 -13.18 0.42
N GLU A 34 1.60 -13.64 1.66
CA GLU A 34 0.53 -13.44 2.62
C GLU A 34 0.29 -11.95 2.86
N HIS A 35 1.37 -11.21 3.03
CA HIS A 35 1.27 -9.77 3.27
C HIS A 35 0.37 -9.10 2.23
N GLU A 36 0.79 -9.18 0.97
CA GLU A 36 0.02 -8.59 -0.12
C GLU A 36 -1.48 -8.77 0.10
N ASP A 37 -1.88 -10.00 0.39
CA ASP A 37 -3.29 -10.31 0.63
C ASP A 37 -3.89 -9.33 1.64
N TYR A 38 -3.15 -9.05 2.70
CA TYR A 38 -3.61 -8.15 3.74
C TYR A 38 -3.50 -6.69 3.29
N CYS A 39 -2.40 -6.38 2.60
CA CYS A 39 -2.17 -5.03 2.11
C CYS A 39 -3.35 -4.54 1.27
N GLY A 40 -3.71 -5.34 0.26
CA GLY A 40 -4.81 -4.97 -0.60
C GLY A 40 -6.16 -5.33 0.00
N ALA A 41 -6.21 -5.44 1.33
CA ALA A 41 -7.44 -5.77 2.03
C ALA A 41 -7.99 -4.58 2.80
N ARG A 42 -7.07 -3.73 3.29
CA ARG A 42 -7.47 -2.55 4.04
C ARG A 42 -8.38 -1.65 3.22
N THR A 43 -9.45 -1.17 3.84
CA THR A 43 -10.40 -0.29 3.16
C THR A 43 -10.34 1.12 3.71
N GLU A 44 -10.38 2.10 2.82
CA GLU A 44 -10.34 3.50 3.22
C GLU A 44 -11.68 4.19 2.97
N LEU A 45 -12.10 5.01 3.92
CA LEU A 45 -13.36 5.73 3.81
C LEU A 45 -13.23 6.92 2.86
N CYS A 46 -13.74 6.76 1.64
CA CYS A 46 -13.68 7.82 0.64
C CYS A 46 -14.56 8.99 1.05
N GLY A 47 -14.19 10.18 0.58
CA GLY A 47 -14.95 11.38 0.91
C GLY A 47 -15.90 11.78 -0.20
N ASN A 48 -15.50 11.53 -1.44
CA ASN A 48 -16.31 11.88 -2.60
C ASN A 48 -17.64 11.12 -2.56
N CYS A 49 -17.55 9.80 -2.50
CA CYS A 49 -18.74 8.96 -2.47
C CYS A 49 -19.19 8.70 -1.03
N GLY A 50 -18.23 8.34 -0.17
CA GLY A 50 -18.55 8.08 1.22
C GLY A 50 -18.79 6.61 1.49
N ARG A 51 -18.05 5.76 0.80
CA ARG A 51 -18.18 4.31 0.97
C ARG A 51 -16.82 3.67 1.23
N ASN A 52 -16.85 2.39 1.61
CA ASN A 52 -15.61 1.67 1.90
C ASN A 52 -15.07 0.99 0.64
N VAL A 53 -13.89 1.42 0.22
CA VAL A 53 -13.25 0.86 -0.98
C VAL A 53 -11.89 0.28 -0.64
N LEU A 54 -11.58 -0.87 -1.23
CA LEU A 54 -10.30 -1.54 -1.00
C LEU A 54 -9.17 -0.80 -1.71
N VAL A 55 -7.99 -0.82 -1.10
CA VAL A 55 -6.82 -0.16 -1.69
C VAL A 55 -6.64 -0.55 -3.15
N LYS A 56 -6.58 -1.87 -3.38
CA LYS A 56 -6.40 -2.39 -4.74
C LYS A 56 -7.34 -1.68 -5.72
N ASP A 57 -8.49 -1.25 -5.21
CA ASP A 57 -9.48 -0.56 -6.04
C ASP A 57 -9.24 0.95 -6.03
N LEU A 58 -8.91 1.47 -4.86
CA LEU A 58 -8.66 2.90 -4.71
C LEU A 58 -8.02 3.48 -5.97
N LYS A 59 -7.16 2.69 -6.60
CA LYS A 59 -6.47 3.12 -7.82
C LYS A 59 -7.49 3.49 -8.90
N THR A 60 -8.39 2.58 -9.20
CA THR A 60 -9.42 2.80 -10.22
C THR A 60 -10.79 3.00 -9.58
N HIS A 61 -10.80 3.30 -8.29
CA HIS A 61 -12.05 3.52 -7.56
C HIS A 61 -12.74 4.79 -8.04
N PRO A 62 -11.95 5.85 -8.24
CA PRO A 62 -12.47 7.14 -8.70
C PRO A 62 -13.40 7.00 -9.89
N GLU A 63 -13.04 6.13 -10.83
CA GLU A 63 -13.85 5.90 -12.02
C GLU A 63 -15.31 5.65 -11.65
N VAL A 64 -15.52 4.70 -10.74
CA VAL A 64 -16.87 4.36 -10.29
C VAL A 64 -17.38 5.36 -9.27
N CYS A 65 -16.47 5.85 -8.42
CA CYS A 65 -16.84 6.82 -7.39
C CYS A 65 -17.52 8.03 -8.00
N GLY A 66 -18.54 8.54 -7.31
CA GLY A 66 -19.26 9.70 -7.80
C GLY A 66 -20.22 9.36 -8.93
N ARG A 67 -19.75 8.56 -9.87
CA ARG A 67 -20.57 8.15 -11.01
C ARG A 67 -21.76 7.32 -10.55
N GLU A 68 -21.49 6.33 -9.70
CA GLU A 68 -22.54 5.46 -9.18
C GLU A 68 -23.34 6.17 -8.09
N GLY A 69 -24.54 5.65 -7.82
CA GLY A 69 -25.39 6.24 -6.81
C GLY A 69 -25.98 7.56 -7.23
N SER A 70 -26.56 8.29 -6.29
CA SER A 70 -27.18 9.58 -6.57
C SER A 70 -27.20 10.47 -5.34
N GLY A 71 -27.15 11.78 -5.55
CA GLY A 71 -27.17 12.71 -4.45
C GLY A 71 -28.38 13.62 -4.46
N PRO A 72 -28.89 13.96 -3.26
CA PRO A 72 -30.06 14.82 -3.12
C PRO A 72 -29.77 16.27 -3.51
N SER A 73 -30.82 17.08 -3.58
CA SER A 73 -30.67 18.48 -3.94
C SER A 73 -29.81 19.23 -2.92
N SER A 74 -29.44 20.45 -3.25
CA SER A 74 -28.61 21.26 -2.36
C SER A 74 -29.46 21.93 -1.29
N GLY A 75 -30.58 22.52 -1.71
CA GLY A 75 -31.46 23.18 -0.77
C GLY A 75 -31.05 24.62 -0.50
N GLY A 1 5.46 -28.18 2.13
CA GLY A 1 6.76 -28.52 2.65
C GLY A 1 7.17 -29.94 2.34
N SER A 2 8.06 -30.11 1.36
CA SER A 2 8.51 -31.43 0.96
C SER A 2 9.97 -31.64 1.37
N SER A 3 10.77 -30.57 1.26
CA SER A 3 12.18 -30.65 1.61
C SER A 3 12.42 -30.13 3.02
N GLY A 4 13.59 -30.45 3.58
CA GLY A 4 13.92 -30.00 4.92
C GLY A 4 15.03 -30.81 5.54
N SER A 5 16.10 -30.14 5.96
CA SER A 5 17.24 -30.81 6.57
C SER A 5 17.89 -29.92 7.62
N SER A 6 17.91 -30.40 8.86
CA SER A 6 18.49 -29.65 9.96
C SER A 6 19.87 -29.11 9.59
N GLY A 7 20.72 -30.00 9.07
CA GLY A 7 22.07 -29.60 8.68
C GLY A 7 22.85 -29.01 9.84
N HIS A 8 23.18 -27.73 9.72
CA HIS A 8 23.94 -27.04 10.76
C HIS A 8 23.37 -25.65 11.02
N GLU A 9 23.25 -25.29 12.29
CA GLU A 9 22.73 -23.98 12.66
C GLU A 9 23.69 -22.86 12.27
N GLU A 10 23.18 -21.88 11.53
CA GLU A 10 24.00 -20.76 11.08
C GLU A 10 23.16 -19.51 10.89
N THR A 11 23.72 -18.35 11.20
CA THR A 11 23.02 -17.09 11.05
C THR A 11 23.08 -16.58 9.62
N GLU A 12 21.96 -16.71 8.91
CA GLU A 12 21.89 -16.27 7.52
C GLU A 12 21.36 -14.84 7.44
N CYS A 13 21.98 -14.03 6.59
CA CYS A 13 21.57 -12.64 6.41
C CYS A 13 20.37 -12.54 5.49
N PRO A 14 19.57 -11.48 5.66
CA PRO A 14 18.38 -11.25 4.85
C PRO A 14 18.70 -10.88 3.41
N LEU A 15 18.23 -11.70 2.47
CA LEU A 15 18.48 -11.46 1.06
C LEU A 15 17.31 -11.95 0.21
N ARG A 16 17.35 -11.64 -1.09
CA ARG A 16 16.30 -12.05 -2.00
C ARG A 16 14.93 -11.65 -1.48
N LEU A 17 14.81 -10.41 -1.03
CA LEU A 17 13.55 -9.89 -0.51
C LEU A 17 12.69 -9.33 -1.62
N ALA A 18 11.38 -9.19 -1.35
CA ALA A 18 10.45 -8.66 -2.33
C ALA A 18 9.73 -7.43 -1.78
N VAL A 19 9.44 -6.48 -2.67
CA VAL A 19 8.75 -5.25 -2.28
C VAL A 19 7.31 -5.25 -2.78
N CYS A 20 6.39 -4.82 -1.91
CA CYS A 20 4.98 -4.77 -2.27
C CYS A 20 4.73 -3.77 -3.40
N GLN A 21 3.59 -3.90 -4.06
CA GLN A 21 3.24 -3.00 -5.15
C GLN A 21 2.28 -1.93 -4.70
N HIS A 22 1.59 -2.18 -3.58
CA HIS A 22 0.64 -1.22 -3.03
C HIS A 22 1.32 -0.28 -2.04
N CYS A 23 1.89 -0.86 -0.98
CA CYS A 23 2.57 -0.07 0.04
C CYS A 23 4.01 0.22 -0.38
N ASP A 24 4.61 -0.70 -1.12
CA ASP A 24 5.99 -0.53 -1.59
C ASP A 24 6.96 -0.60 -0.42
N LEU A 25 6.73 -1.54 0.49
CA LEU A 25 7.59 -1.71 1.65
C LEU A 25 8.44 -2.97 1.52
N GLU A 26 9.61 -2.95 2.15
CA GLU A 26 10.52 -4.09 2.11
C GLU A 26 10.07 -5.18 3.06
N LEU A 27 9.98 -6.41 2.55
CA LEU A 27 9.56 -7.55 3.36
C LEU A 27 10.10 -8.85 2.80
N SER A 28 9.98 -9.93 3.57
CA SER A 28 10.45 -11.23 3.14
C SER A 28 9.51 -11.86 2.12
N ILE A 29 10.07 -12.30 0.99
CA ILE A 29 9.28 -12.92 -0.06
C ILE A 29 8.37 -14.00 0.50
N LEU A 30 8.86 -14.71 1.51
CA LEU A 30 8.09 -15.78 2.14
C LEU A 30 6.78 -15.25 2.72
N LYS A 31 6.79 -13.98 3.11
CA LYS A 31 5.60 -13.35 3.68
C LYS A 31 4.87 -12.53 2.62
N LEU A 32 5.63 -11.91 1.73
CA LEU A 32 5.05 -11.09 0.66
C LEU A 32 3.76 -11.71 0.14
N LYS A 33 3.67 -13.03 0.23
CA LYS A 33 2.49 -13.75 -0.23
C LYS A 33 1.31 -13.52 0.70
N GLU A 34 1.57 -13.59 2.00
CA GLU A 34 0.52 -13.38 3.00
C GLU A 34 0.26 -11.90 3.21
N HIS A 35 1.33 -11.11 3.29
CA HIS A 35 1.22 -9.68 3.50
C HIS A 35 0.38 -9.04 2.38
N GLU A 36 0.83 -9.20 1.14
CA GLU A 36 0.13 -8.65 -0.01
C GLU A 36 -1.39 -8.84 0.14
N ASP A 37 -1.79 -10.06 0.48
CA ASP A 37 -3.20 -10.37 0.65
C ASP A 37 -3.88 -9.36 1.57
N TYR A 38 -3.21 -9.03 2.67
CA TYR A 38 -3.74 -8.08 3.64
C TYR A 38 -3.61 -6.65 3.13
N CYS A 39 -2.40 -6.28 2.73
CA CYS A 39 -2.13 -4.94 2.23
C CYS A 39 -3.30 -4.44 1.38
N GLY A 40 -3.63 -5.19 0.34
CA GLY A 40 -4.72 -4.81 -0.53
C GLY A 40 -6.06 -4.85 0.17
N ALA A 41 -6.36 -5.97 0.82
CA ALA A 41 -7.62 -6.12 1.53
C ALA A 41 -7.93 -4.89 2.38
N ARG A 42 -6.89 -4.27 2.91
CA ARG A 42 -7.05 -3.09 3.74
C ARG A 42 -7.90 -2.04 3.03
N THR A 43 -8.42 -1.09 3.80
CA THR A 43 -9.26 -0.02 3.25
C THR A 43 -8.80 1.34 3.72
N GLU A 44 -9.06 2.37 2.92
CA GLU A 44 -8.67 3.72 3.25
C GLU A 44 -9.87 4.67 3.18
N LEU A 45 -10.12 5.39 4.28
CA LEU A 45 -11.23 6.33 4.34
C LEU A 45 -11.05 7.46 3.35
N CYS A 46 -11.94 7.53 2.36
CA CYS A 46 -11.88 8.58 1.34
C CYS A 46 -12.25 9.93 1.93
N GLY A 47 -11.76 10.99 1.31
CA GLY A 47 -12.06 12.34 1.78
C GLY A 47 -13.27 12.94 1.10
N ASN A 48 -13.50 12.53 -0.15
CA ASN A 48 -14.63 13.04 -0.92
C ASN A 48 -15.95 12.43 -0.42
N CYS A 49 -16.09 11.12 -0.57
CA CYS A 49 -17.29 10.42 -0.13
C CYS A 49 -17.23 10.13 1.36
N GLY A 50 -16.20 9.41 1.78
CA GLY A 50 -16.04 9.07 3.19
C GLY A 50 -16.40 7.63 3.47
N ARG A 51 -15.96 6.73 2.60
CA ARG A 51 -16.25 5.31 2.77
C ARG A 51 -14.97 4.48 2.70
N ASN A 52 -15.00 3.30 3.31
CA ASN A 52 -13.83 2.42 3.32
C ASN A 52 -13.75 1.61 2.03
N VAL A 53 -12.82 1.99 1.16
CA VAL A 53 -12.63 1.30 -0.12
C VAL A 53 -11.34 0.49 -0.12
N LEU A 54 -11.40 -0.72 -0.67
CA LEU A 54 -10.22 -1.58 -0.74
C LEU A 54 -9.11 -0.92 -1.54
N VAL A 55 -7.88 -1.02 -1.03
CA VAL A 55 -6.72 -0.43 -1.70
C VAL A 55 -6.71 -0.78 -3.18
N LYS A 56 -6.93 -2.06 -3.48
CA LYS A 56 -6.94 -2.53 -4.86
C LYS A 56 -8.06 -1.85 -5.66
N ASP A 57 -9.12 -1.47 -4.97
CA ASP A 57 -10.25 -0.81 -5.62
C ASP A 57 -9.96 0.67 -5.82
N LEU A 58 -9.28 1.28 -4.86
CA LEU A 58 -8.95 2.70 -4.94
C LEU A 58 -8.52 3.08 -6.36
N LYS A 59 -8.03 2.09 -7.11
CA LYS A 59 -7.59 2.31 -8.48
C LYS A 59 -8.75 2.78 -9.36
N THR A 60 -9.89 2.10 -9.23
CA THR A 60 -11.07 2.44 -10.01
C THR A 60 -12.18 2.98 -9.12
N HIS A 61 -11.81 3.39 -7.90
CA HIS A 61 -12.77 3.94 -6.96
C HIS A 61 -13.23 5.32 -7.38
N PRO A 62 -12.29 6.14 -7.86
CA PRO A 62 -12.58 7.51 -8.31
C PRO A 62 -13.79 7.57 -9.25
N GLU A 63 -14.00 6.50 -10.00
CA GLU A 63 -15.11 6.42 -10.93
C GLU A 63 -16.45 6.37 -10.19
N VAL A 64 -16.51 5.52 -9.17
CA VAL A 64 -17.72 5.37 -8.37
C VAL A 64 -17.61 6.12 -7.05
N CYS A 65 -16.65 7.03 -6.98
CA CYS A 65 -16.43 7.82 -5.78
C CYS A 65 -17.27 9.10 -5.81
N GLY A 66 -17.91 9.41 -4.70
CA GLY A 66 -18.73 10.60 -4.62
C GLY A 66 -20.07 10.44 -5.33
N ARG A 67 -20.88 9.52 -4.82
CA ARG A 67 -22.19 9.26 -5.41
C ARG A 67 -23.17 8.76 -4.35
N GLU A 68 -24.15 9.60 -4.01
CA GLU A 68 -25.15 9.24 -3.02
C GLU A 68 -25.55 7.78 -3.16
N GLY A 69 -26.04 7.41 -4.34
CA GLY A 69 -26.45 6.04 -4.59
C GLY A 69 -27.95 5.86 -4.45
N SER A 70 -28.52 4.99 -5.27
CA SER A 70 -29.95 4.72 -5.25
C SER A 70 -30.24 3.24 -5.50
N GLY A 71 -31.43 2.81 -5.07
CA GLY A 71 -31.80 1.41 -5.26
C GLY A 71 -32.86 0.97 -4.26
N PRO A 72 -33.80 0.13 -4.73
CA PRO A 72 -34.88 -0.38 -3.88
C PRO A 72 -34.38 -1.39 -2.84
N SER A 73 -33.07 -1.60 -2.83
CA SER A 73 -32.45 -2.54 -1.89
C SER A 73 -31.16 -1.97 -1.33
N SER A 74 -30.94 -2.17 -0.02
CA SER A 74 -29.74 -1.68 0.64
C SER A 74 -28.49 -2.23 -0.04
N GLY A 75 -27.39 -1.49 0.08
CA GLY A 75 -26.14 -1.91 -0.53
C GLY A 75 -25.57 -0.87 -1.48
N GLY A 1 33.05 1.10 12.33
CA GLY A 1 34.14 0.64 11.49
C GLY A 1 35.05 1.77 11.04
N SER A 2 36.31 1.71 11.43
CA SER A 2 37.29 2.73 11.06
C SER A 2 37.53 2.74 9.55
N SER A 3 37.17 3.84 8.91
CA SER A 3 37.34 3.97 7.47
C SER A 3 36.55 2.90 6.72
N GLY A 4 35.33 2.65 7.18
CA GLY A 4 34.48 1.65 6.56
C GLY A 4 35.21 0.35 6.31
N SER A 5 35.20 -0.10 5.06
CA SER A 5 35.86 -1.35 4.69
C SER A 5 37.02 -1.09 3.73
N SER A 6 38.24 -1.34 4.20
CA SER A 6 39.42 -1.13 3.39
C SER A 6 39.42 -2.05 2.17
N GLY A 7 39.06 -3.31 2.38
CA GLY A 7 39.02 -4.27 1.29
C GLY A 7 38.54 -3.65 0.00
N HIS A 8 39.00 -4.19 -1.12
CA HIS A 8 38.61 -3.68 -2.44
C HIS A 8 37.93 -4.77 -3.25
N GLU A 9 36.87 -4.40 -3.97
CA GLU A 9 36.13 -5.34 -4.80
C GLU A 9 35.68 -6.54 -3.98
N GLU A 10 35.18 -6.28 -2.78
CA GLU A 10 34.72 -7.33 -1.89
C GLU A 10 33.48 -8.01 -2.45
N THR A 11 33.44 -9.34 -2.37
CA THR A 11 32.31 -10.11 -2.87
C THR A 11 31.07 -9.91 -2.01
N GLU A 12 29.90 -10.01 -2.63
CA GLU A 12 28.64 -9.84 -1.91
C GLU A 12 27.53 -10.67 -2.55
N CYS A 13 26.58 -11.09 -1.73
CA CYS A 13 25.46 -11.90 -2.20
C CYS A 13 24.18 -11.08 -2.26
N PRO A 14 23.36 -11.34 -3.29
CA PRO A 14 22.09 -10.63 -3.50
C PRO A 14 21.04 -11.01 -2.45
N LEU A 15 19.96 -10.26 -2.41
CA LEU A 15 18.88 -10.52 -1.45
C LEU A 15 17.67 -11.14 -2.15
N ARG A 16 16.95 -11.98 -1.43
CA ARG A 16 15.77 -12.64 -1.97
C ARG A 16 14.49 -11.99 -1.44
N LEU A 17 14.64 -10.85 -0.79
CA LEU A 17 13.50 -10.14 -0.23
C LEU A 17 12.62 -9.54 -1.34
N ALA A 18 11.31 -9.50 -1.09
CA ALA A 18 10.38 -8.96 -2.06
C ALA A 18 9.76 -7.65 -1.56
N VAL A 19 9.32 -6.82 -2.50
CA VAL A 19 8.71 -5.54 -2.16
C VAL A 19 7.32 -5.41 -2.75
N CYS A 20 6.37 -4.95 -1.95
CA CYS A 20 4.99 -4.79 -2.40
C CYS A 20 4.89 -3.66 -3.42
N GLN A 21 3.80 -3.65 -4.19
CA GLN A 21 3.59 -2.63 -5.20
C GLN A 21 2.53 -1.63 -4.74
N HIS A 22 1.70 -2.04 -3.79
CA HIS A 22 0.65 -1.18 -3.27
C HIS A 22 1.20 -0.21 -2.23
N CYS A 23 1.88 -0.75 -1.22
CA CYS A 23 2.46 0.06 -0.17
C CYS A 23 3.91 0.42 -0.49
N ASP A 24 4.57 -0.45 -1.25
CA ASP A 24 5.96 -0.24 -1.63
C ASP A 24 6.88 -0.32 -0.42
N LEU A 25 6.65 -1.34 0.41
CA LEU A 25 7.46 -1.54 1.61
C LEU A 25 8.32 -2.80 1.49
N GLU A 26 9.45 -2.80 2.18
CA GLU A 26 10.36 -3.95 2.14
C GLU A 26 9.83 -5.08 3.02
N LEU A 27 9.81 -6.29 2.47
CA LEU A 27 9.34 -7.46 3.19
C LEU A 27 10.07 -8.72 2.76
N SER A 28 9.76 -9.84 3.39
CA SER A 28 10.40 -11.11 3.07
C SER A 28 9.77 -11.74 1.84
N ILE A 29 10.41 -12.77 1.31
CA ILE A 29 9.91 -13.46 0.13
C ILE A 29 8.71 -14.34 0.47
N LEU A 30 8.83 -15.11 1.54
CA LEU A 30 7.76 -15.99 1.98
C LEU A 30 6.69 -15.21 2.75
N LYS A 31 7.00 -13.97 3.08
CA LYS A 31 6.07 -13.12 3.81
C LYS A 31 5.25 -12.25 2.86
N LEU A 32 5.84 -11.90 1.72
CA LEU A 32 5.16 -11.09 0.72
C LEU A 32 3.82 -11.69 0.35
N LYS A 33 3.84 -12.95 -0.07
CA LYS A 33 2.61 -13.65 -0.45
C LYS A 33 1.45 -13.28 0.47
N GLU A 34 1.59 -13.65 1.74
CA GLU A 34 0.56 -13.36 2.73
C GLU A 34 0.32 -11.85 2.84
N HIS A 35 1.37 -11.11 3.16
CA HIS A 35 1.27 -9.66 3.29
C HIS A 35 0.34 -9.08 2.23
N GLU A 36 0.75 -9.19 0.97
CA GLU A 36 -0.06 -8.67 -0.13
C GLU A 36 -1.54 -8.85 0.15
N ASP A 37 -1.96 -10.08 0.41
CA ASP A 37 -3.36 -10.37 0.70
C ASP A 37 -3.94 -9.33 1.67
N TYR A 38 -3.20 -9.05 2.74
CA TYR A 38 -3.65 -8.09 3.73
C TYR A 38 -3.57 -6.66 3.19
N CYS A 39 -2.39 -6.30 2.69
CA CYS A 39 -2.18 -4.97 2.14
C CYS A 39 -3.42 -4.49 1.39
N GLY A 40 -3.86 -5.26 0.40
CA GLY A 40 -5.03 -4.89 -0.37
C GLY A 40 -6.32 -5.02 0.43
N ALA A 41 -6.33 -5.96 1.38
CA ALA A 41 -7.50 -6.18 2.21
C ALA A 41 -8.00 -4.87 2.83
N ARG A 42 -7.11 -3.88 2.88
CA ARG A 42 -7.46 -2.58 3.44
C ARG A 42 -8.46 -1.85 2.56
N THR A 43 -9.38 -1.13 3.20
CA THR A 43 -10.41 -0.39 2.48
C THR A 43 -10.47 1.06 2.95
N GLU A 44 -10.60 1.99 2.00
CA GLU A 44 -10.67 3.40 2.31
C GLU A 44 -12.07 3.95 2.04
N LEU A 45 -12.58 4.75 2.97
CA LEU A 45 -13.91 5.33 2.84
C LEU A 45 -13.92 6.39 1.73
N CYS A 46 -14.48 6.03 0.59
CA CYS A 46 -14.56 6.93 -0.55
C CYS A 46 -15.35 8.18 -0.18
N GLY A 47 -15.13 9.26 -0.94
CA GLY A 47 -15.84 10.51 -0.68
C GLY A 47 -17.00 10.73 -1.63
N ASN A 48 -16.91 10.14 -2.81
CA ASN A 48 -17.97 10.28 -3.82
C ASN A 48 -19.19 9.46 -3.41
N CYS A 49 -18.99 8.17 -3.19
CA CYS A 49 -20.09 7.29 -2.81
C CYS A 49 -20.21 7.20 -1.29
N GLY A 50 -19.12 6.80 -0.64
CA GLY A 50 -19.13 6.68 0.81
C GLY A 50 -19.08 5.23 1.28
N ARG A 51 -18.41 4.39 0.49
CA ARG A 51 -18.29 2.98 0.82
C ARG A 51 -16.82 2.54 0.82
N ASN A 52 -16.42 1.84 1.87
CA ASN A 52 -15.04 1.37 1.99
C ASN A 52 -14.75 0.30 0.94
N VAL A 53 -13.94 0.65 -0.05
CA VAL A 53 -13.59 -0.28 -1.12
C VAL A 53 -12.15 -0.75 -0.96
N LEU A 54 -11.92 -2.05 -1.20
CA LEU A 54 -10.60 -2.63 -1.08
C LEU A 54 -9.62 -1.95 -2.05
N VAL A 55 -8.41 -1.70 -1.57
CA VAL A 55 -7.38 -1.06 -2.39
C VAL A 55 -7.32 -1.69 -3.77
N LYS A 56 -7.07 -2.99 -3.81
CA LYS A 56 -6.98 -3.72 -5.08
C LYS A 56 -8.07 -3.25 -6.05
N ASP A 57 -9.16 -2.72 -5.49
CA ASP A 57 -10.27 -2.24 -6.31
C ASP A 57 -10.16 -0.73 -6.53
N LEU A 58 -9.70 -0.02 -5.51
CA LEU A 58 -9.56 1.43 -5.60
C LEU A 58 -9.04 1.85 -6.98
N LYS A 59 -8.31 0.95 -7.62
CA LYS A 59 -7.75 1.22 -8.94
C LYS A 59 -8.86 1.30 -9.99
N THR A 60 -9.75 0.31 -9.99
CA THR A 60 -10.85 0.28 -10.94
C THR A 60 -12.18 0.56 -10.24
N HIS A 61 -12.10 1.13 -9.04
CA HIS A 61 -13.30 1.47 -8.28
C HIS A 61 -14.00 2.68 -8.86
N PRO A 62 -13.20 3.69 -9.26
CA PRO A 62 -13.72 4.93 -9.84
C PRO A 62 -14.75 4.67 -10.94
N GLU A 63 -14.67 3.48 -11.53
CA GLU A 63 -15.60 3.11 -12.60
C GLU A 63 -17.02 2.96 -12.07
N VAL A 64 -17.18 2.09 -11.08
CA VAL A 64 -18.49 1.85 -10.48
C VAL A 64 -18.77 2.85 -9.36
N CYS A 65 -17.75 3.62 -9.01
CA CYS A 65 -17.88 4.61 -7.94
C CYS A 65 -18.94 5.65 -8.29
N GLY A 66 -20.11 5.53 -7.68
CA GLY A 66 -21.18 6.47 -7.95
C GLY A 66 -22.51 5.77 -8.16
N ARG A 67 -22.51 4.72 -8.98
CA ARG A 67 -23.73 3.98 -9.27
C ARG A 67 -24.50 3.68 -8.00
N GLU A 68 -23.80 3.59 -6.88
CA GLU A 68 -24.42 3.30 -5.60
C GLU A 68 -23.86 4.22 -4.51
N GLY A 69 -24.63 4.40 -3.44
CA GLY A 69 -24.20 5.25 -2.34
C GLY A 69 -23.86 4.46 -1.10
N SER A 70 -24.87 3.91 -0.45
CA SER A 70 -24.68 3.13 0.78
C SER A 70 -23.73 1.96 0.52
N GLY A 71 -23.18 1.42 1.60
CA GLY A 71 -22.27 0.30 1.48
C GLY A 71 -21.48 0.05 2.74
N PRO A 72 -22.08 -0.71 3.68
CA PRO A 72 -21.45 -1.03 4.97
C PRO A 72 -20.28 -1.99 4.81
N SER A 73 -19.18 -1.70 5.50
CA SER A 73 -17.99 -2.55 5.43
C SER A 73 -17.15 -2.40 6.69
N SER A 74 -16.71 -3.54 7.23
CA SER A 74 -15.89 -3.53 8.45
C SER A 74 -14.56 -4.24 8.21
N GLY A 75 -13.59 -3.95 9.05
CA GLY A 75 -12.28 -4.57 8.92
C GLY A 75 -11.61 -4.79 10.26
N GLY A 1 7.82 23.69 7.52
CA GLY A 1 9.21 23.59 7.11
C GLY A 1 9.93 22.45 7.83
N SER A 2 9.48 21.22 7.60
CA SER A 2 10.08 20.05 8.23
C SER A 2 11.01 19.34 7.25
N SER A 3 11.94 18.56 7.80
CA SER A 3 12.89 17.82 6.98
C SER A 3 12.65 16.32 7.09
N GLY A 4 12.84 15.62 5.98
CA GLY A 4 12.64 14.19 5.96
C GLY A 4 12.01 13.69 4.68
N SER A 5 12.64 12.70 4.05
CA SER A 5 12.14 12.15 2.80
C SER A 5 12.50 10.68 2.68
N SER A 6 11.64 9.91 2.00
CA SER A 6 11.87 8.49 1.81
C SER A 6 13.32 8.21 1.43
N GLY A 7 13.74 8.79 0.30
CA GLY A 7 15.10 8.58 -0.16
C GLY A 7 15.44 7.13 -0.38
N HIS A 8 16.29 6.58 0.49
CA HIS A 8 16.70 5.19 0.39
C HIS A 8 16.54 4.48 1.73
N GLU A 9 15.82 3.37 1.73
CA GLU A 9 15.59 2.59 2.95
C GLU A 9 16.83 1.76 3.30
N GLU A 10 17.38 1.09 2.30
CA GLU A 10 18.57 0.27 2.50
C GLU A 10 19.38 0.14 1.21
N THR A 11 20.70 0.04 1.35
CA THR A 11 21.59 -0.08 0.21
C THR A 11 21.45 -1.45 -0.45
N GLU A 12 21.54 -2.50 0.36
CA GLU A 12 21.43 -3.86 -0.14
C GLU A 12 21.29 -4.85 1.00
N CYS A 13 20.83 -6.07 0.67
CA CYS A 13 20.65 -7.11 1.67
C CYS A 13 20.91 -8.49 1.07
N PRO A 14 21.62 -9.34 1.84
CA PRO A 14 21.96 -10.70 1.40
C PRO A 14 20.74 -11.60 1.37
N LEU A 15 19.75 -11.29 2.19
CA LEU A 15 18.53 -12.09 2.25
C LEU A 15 17.55 -11.67 1.14
N ARG A 16 17.14 -12.65 0.33
CA ARG A 16 16.22 -12.38 -0.76
C ARG A 16 14.93 -11.76 -0.24
N LEU A 17 14.76 -10.47 -0.48
CA LEU A 17 13.57 -9.74 -0.03
C LEU A 17 12.84 -9.13 -1.23
N ALA A 18 11.51 -9.04 -1.11
CA ALA A 18 10.69 -8.47 -2.16
C ALA A 18 10.04 -7.17 -1.72
N VAL A 19 9.43 -6.46 -2.66
CA VAL A 19 8.78 -5.20 -2.36
C VAL A 19 7.35 -5.19 -2.88
N CYS A 20 6.42 -4.67 -2.06
CA CYS A 20 5.03 -4.61 -2.44
C CYS A 20 4.81 -3.59 -3.55
N GLN A 21 3.68 -3.70 -4.24
CA GLN A 21 3.35 -2.79 -5.33
C GLN A 21 2.38 -1.71 -4.87
N HIS A 22 1.69 -1.98 -3.77
CA HIS A 22 0.73 -1.02 -3.21
C HIS A 22 1.37 -0.18 -2.12
N CYS A 23 1.88 -0.83 -1.09
CA CYS A 23 2.51 -0.14 0.03
C CYS A 23 3.97 0.18 -0.29
N ASP A 24 4.57 -0.64 -1.15
CA ASP A 24 5.97 -0.45 -1.55
C ASP A 24 6.89 -0.58 -0.34
N LEU A 25 6.66 -1.61 0.47
CA LEU A 25 7.47 -1.84 1.65
C LEU A 25 8.37 -3.06 1.46
N GLU A 26 9.52 -3.06 2.13
CA GLU A 26 10.46 -4.16 2.04
C GLU A 26 10.04 -5.32 2.95
N LEU A 27 9.82 -6.49 2.35
CA LEU A 27 9.41 -7.67 3.09
C LEU A 27 9.89 -8.94 2.41
N SER A 28 10.13 -9.98 3.20
CA SER A 28 10.59 -11.26 2.67
C SER A 28 9.59 -11.82 1.65
N ILE A 29 10.09 -12.60 0.70
CA ILE A 29 9.24 -13.21 -0.31
C ILE A 29 8.28 -14.22 0.29
N LEU A 30 8.73 -14.88 1.37
CA LEU A 30 7.91 -15.88 2.04
C LEU A 30 6.69 -15.24 2.68
N LYS A 31 6.87 -14.06 3.25
CA LYS A 31 5.78 -13.33 3.90
C LYS A 31 4.98 -12.53 2.88
N LEU A 32 5.68 -11.92 1.93
CA LEU A 32 5.04 -11.13 0.89
C LEU A 32 3.68 -11.71 0.52
N LYS A 33 3.63 -13.02 0.35
CA LYS A 33 2.39 -13.70 0.00
C LYS A 33 1.26 -13.29 0.95
N GLU A 34 1.43 -13.64 2.23
CA GLU A 34 0.42 -13.33 3.24
C GLU A 34 0.26 -11.81 3.38
N HIS A 35 1.37 -11.09 3.29
CA HIS A 35 1.35 -9.64 3.40
C HIS A 35 0.44 -9.02 2.35
N GLU A 36 0.84 -9.11 1.09
CA GLU A 36 0.05 -8.57 -0.01
C GLU A 36 -1.44 -8.82 0.21
N ASP A 37 -1.78 -10.05 0.53
CA ASP A 37 -3.17 -10.42 0.76
C ASP A 37 -3.88 -9.37 1.61
N TYR A 38 -3.37 -9.16 2.81
CA TYR A 38 -3.96 -8.18 3.73
C TYR A 38 -3.74 -6.76 3.22
N CYS A 39 -2.48 -6.45 2.87
CA CYS A 39 -2.14 -5.12 2.37
C CYS A 39 -3.28 -4.54 1.54
N GLY A 40 -3.56 -5.18 0.41
CA GLY A 40 -4.62 -4.71 -0.47
C GLY A 40 -6.00 -4.87 0.16
N ALA A 41 -6.23 -6.02 0.78
CA ALA A 41 -7.51 -6.30 1.42
C ALA A 41 -8.05 -5.07 2.14
N ARG A 42 -7.15 -4.34 2.79
CA ARG A 42 -7.53 -3.13 3.52
C ARG A 42 -8.31 -2.18 2.62
N THR A 43 -9.18 -1.37 3.24
CA THR A 43 -9.99 -0.41 2.49
C THR A 43 -9.54 1.02 2.75
N GLU A 44 -10.08 1.95 1.98
CA GLU A 44 -9.73 3.36 2.13
C GLU A 44 -10.96 4.24 1.94
N LEU A 45 -10.95 5.41 2.59
CA LEU A 45 -12.05 6.35 2.48
C LEU A 45 -11.85 7.30 1.31
N CYS A 46 -12.69 7.16 0.28
CA CYS A 46 -12.61 8.00 -0.90
C CYS A 46 -12.99 9.44 -0.56
N GLY A 47 -12.64 10.37 -1.45
CA GLY A 47 -12.95 11.77 -1.24
C GLY A 47 -14.17 12.22 -2.04
N ASN A 48 -14.41 11.57 -3.17
CA ASN A 48 -15.53 11.90 -4.02
C ASN A 48 -16.83 11.31 -3.48
N CYS A 49 -16.88 9.98 -3.43
CA CYS A 49 -18.06 9.28 -2.93
C CYS A 49 -18.03 9.17 -1.41
N GLY A 50 -16.88 8.79 -0.87
CA GLY A 50 -16.73 8.67 0.57
C GLY A 50 -17.12 7.30 1.07
N ARG A 51 -16.65 6.26 0.38
CA ARG A 51 -16.95 4.89 0.76
C ARG A 51 -15.67 4.10 1.02
N ASN A 52 -15.81 2.90 1.57
CA ASN A 52 -14.67 2.04 1.87
C ASN A 52 -14.34 1.14 0.68
N VAL A 53 -13.22 1.42 0.02
CA VAL A 53 -12.79 0.63 -1.13
C VAL A 53 -11.41 0.04 -0.90
N LEU A 54 -11.20 -1.18 -1.39
CA LEU A 54 -9.91 -1.84 -1.24
C LEU A 54 -8.77 -0.96 -1.74
N VAL A 55 -7.67 -0.95 -0.99
CA VAL A 55 -6.51 -0.14 -1.35
C VAL A 55 -6.05 -0.45 -2.78
N LYS A 56 -6.05 -1.73 -3.13
CA LYS A 56 -5.63 -2.16 -4.45
C LYS A 56 -6.64 -1.72 -5.51
N ASP A 57 -7.92 -1.77 -5.17
CA ASP A 57 -8.98 -1.37 -6.09
C ASP A 57 -8.90 0.12 -6.38
N LEU A 58 -8.54 0.90 -5.36
CA LEU A 58 -8.43 2.35 -5.51
C LEU A 58 -7.88 2.72 -6.89
N LYS A 59 -7.07 1.83 -7.45
CA LYS A 59 -6.47 2.06 -8.76
C LYS A 59 -7.55 2.28 -9.82
N THR A 60 -8.52 1.37 -9.87
CA THR A 60 -9.61 1.47 -10.83
C THR A 60 -10.93 1.78 -10.14
N HIS A 61 -10.84 2.27 -8.91
CA HIS A 61 -12.02 2.61 -8.13
C HIS A 61 -12.76 3.79 -8.75
N PRO A 62 -11.99 4.80 -9.20
CA PRO A 62 -12.55 6.00 -9.83
C PRO A 62 -13.58 5.68 -10.90
N GLU A 63 -13.31 4.64 -11.67
CA GLU A 63 -14.23 4.22 -12.73
C GLU A 63 -15.65 4.04 -12.20
N VAL A 64 -15.80 3.13 -11.24
CA VAL A 64 -17.11 2.86 -10.64
C VAL A 64 -17.54 4.02 -9.73
N CYS A 65 -16.56 4.66 -9.10
CA CYS A 65 -16.83 5.77 -8.19
C CYS A 65 -17.55 6.90 -8.93
N GLY A 66 -18.34 7.67 -8.19
CA GLY A 66 -19.07 8.78 -8.79
C GLY A 66 -19.86 8.35 -10.01
N ARG A 67 -20.53 7.21 -9.91
CA ARG A 67 -21.34 6.70 -11.02
C ARG A 67 -22.80 7.09 -10.85
N GLU A 68 -23.36 6.80 -9.68
CA GLU A 68 -24.76 7.13 -9.40
C GLU A 68 -25.15 8.46 -10.05
N GLY A 69 -24.34 9.48 -9.80
CA GLY A 69 -24.61 10.80 -10.37
C GLY A 69 -23.57 11.83 -9.98
N SER A 70 -23.17 11.80 -8.72
CA SER A 70 -22.17 12.75 -8.23
C SER A 70 -21.12 13.04 -9.30
N GLY A 71 -20.52 11.98 -9.85
CA GLY A 71 -19.52 12.16 -10.87
C GLY A 71 -18.20 12.67 -10.31
N PRO A 72 -17.10 12.00 -10.67
CA PRO A 72 -15.76 12.37 -10.22
C PRO A 72 -15.28 13.68 -10.83
N SER A 73 -15.49 14.78 -10.11
CA SER A 73 -15.08 16.10 -10.58
C SER A 73 -13.76 16.02 -11.34
N SER A 74 -12.82 15.26 -10.80
CA SER A 74 -11.52 15.10 -11.42
C SER A 74 -11.11 13.63 -11.49
N GLY A 75 -10.26 13.30 -12.45
CA GLY A 75 -9.81 11.93 -12.60
C GLY A 75 -8.79 11.53 -11.56
N GLY A 1 39.66 -11.92 8.55
CA GLY A 1 39.44 -12.18 7.14
C GLY A 1 38.20 -11.48 6.61
N SER A 2 37.87 -11.75 5.35
CA SER A 2 36.71 -11.13 4.72
C SER A 2 35.44 -11.94 5.00
N SER A 3 34.29 -11.27 4.90
CA SER A 3 33.02 -11.93 5.15
C SER A 3 32.81 -13.09 4.19
N GLY A 4 32.48 -14.25 4.75
CA GLY A 4 32.25 -15.43 3.93
C GLY A 4 31.00 -16.19 4.33
N SER A 5 29.91 -15.45 4.55
CA SER A 5 28.65 -16.04 4.94
C SER A 5 27.80 -16.40 3.72
N SER A 6 27.63 -15.42 2.83
CA SER A 6 26.85 -15.62 1.62
C SER A 6 27.18 -16.97 0.97
N GLY A 7 28.47 -17.26 0.85
CA GLY A 7 28.89 -18.50 0.25
C GLY A 7 27.97 -19.67 0.61
N HIS A 8 28.13 -20.19 1.82
CA HIS A 8 27.31 -21.31 2.28
C HIS A 8 26.34 -20.84 3.37
N GLU A 9 25.06 -21.20 3.21
CA GLU A 9 24.04 -20.82 4.17
C GLU A 9 23.43 -22.05 4.82
N GLU A 10 22.79 -21.86 5.97
CA GLU A 10 22.16 -22.95 6.70
C GLU A 10 20.98 -23.53 5.91
N THR A 11 19.99 -22.67 5.66
CA THR A 11 18.81 -23.09 4.92
C THR A 11 19.15 -23.43 3.47
N GLU A 12 18.49 -24.45 2.94
CA GLU A 12 18.73 -24.87 1.56
C GLU A 12 18.69 -23.68 0.61
N CYS A 13 17.65 -22.87 0.75
CA CYS A 13 17.48 -21.69 -0.10
C CYS A 13 17.87 -20.42 0.65
N PRO A 14 18.51 -19.48 -0.06
CA PRO A 14 18.95 -18.21 0.52
C PRO A 14 17.78 -17.29 0.84
N LEU A 15 18.08 -16.06 1.23
CA LEU A 15 17.06 -15.09 1.58
C LEU A 15 16.89 -14.06 0.46
N ARG A 16 15.65 -13.68 0.19
CA ARG A 16 15.35 -12.69 -0.84
C ARG A 16 14.19 -11.80 -0.43
N LEU A 17 14.50 -10.54 -0.12
CA LEU A 17 13.46 -9.59 0.29
C LEU A 17 12.67 -9.09 -0.92
N ALA A 18 11.35 -9.17 -0.81
CA ALA A 18 10.48 -8.72 -1.90
C ALA A 18 9.70 -7.48 -1.49
N VAL A 19 9.63 -6.50 -2.39
CA VAL A 19 8.91 -5.26 -2.12
C VAL A 19 7.48 -5.33 -2.66
N CYS A 20 6.53 -4.88 -1.85
CA CYS A 20 5.12 -4.90 -2.26
C CYS A 20 4.88 -3.92 -3.41
N GLN A 21 3.77 -4.11 -4.12
CA GLN A 21 3.43 -3.26 -5.24
C GLN A 21 2.35 -2.24 -4.84
N HIS A 22 1.67 -2.52 -3.74
CA HIS A 22 0.62 -1.63 -3.26
C HIS A 22 1.20 -0.59 -2.29
N CYS A 23 1.81 -1.06 -1.21
CA CYS A 23 2.40 -0.18 -0.21
C CYS A 23 3.83 0.19 -0.59
N ASP A 24 4.49 -0.69 -1.33
CA ASP A 24 5.86 -0.46 -1.76
C ASP A 24 6.82 -0.48 -0.57
N LEU A 25 6.59 -1.42 0.34
CA LEU A 25 7.43 -1.54 1.53
C LEU A 25 8.33 -2.78 1.43
N GLU A 26 9.44 -2.75 2.15
CA GLU A 26 10.38 -3.86 2.15
C GLU A 26 9.86 -5.02 3.01
N LEU A 27 9.86 -6.22 2.44
CA LEU A 27 9.39 -7.40 3.15
C LEU A 27 10.08 -8.66 2.62
N SER A 28 9.77 -9.80 3.24
CA SER A 28 10.36 -11.07 2.83
C SER A 28 9.57 -11.70 1.70
N ILE A 29 10.22 -12.57 0.94
CA ILE A 29 9.57 -13.26 -0.17
C ILE A 29 8.57 -14.30 0.33
N LEU A 30 8.85 -14.87 1.48
CA LEU A 30 7.97 -15.88 2.07
C LEU A 30 6.71 -15.25 2.62
N LYS A 31 6.86 -14.10 3.26
CA LYS A 31 5.73 -13.38 3.83
C LYS A 31 4.96 -12.62 2.76
N LEU A 32 5.69 -11.99 1.84
CA LEU A 32 5.08 -11.24 0.76
C LEU A 32 3.78 -11.88 0.31
N LYS A 33 3.86 -13.12 -0.15
CA LYS A 33 2.69 -13.84 -0.61
C LYS A 33 1.47 -13.52 0.25
N GLU A 34 1.61 -13.70 1.56
CA GLU A 34 0.53 -13.42 2.49
C GLU A 34 0.32 -11.92 2.65
N HIS A 35 1.39 -11.21 3.02
CA HIS A 35 1.32 -9.76 3.20
C HIS A 35 0.48 -9.12 2.10
N GLU A 36 0.99 -9.16 0.88
CA GLU A 36 0.30 -8.58 -0.26
C GLU A 36 -1.22 -8.68 -0.08
N ASP A 37 -1.69 -9.90 0.19
CA ASP A 37 -3.12 -10.14 0.38
C ASP A 37 -3.71 -9.14 1.38
N TYR A 38 -3.23 -9.21 2.61
CA TYR A 38 -3.72 -8.32 3.67
C TYR A 38 -3.56 -6.86 3.25
N CYS A 39 -2.45 -6.55 2.60
CA CYS A 39 -2.19 -5.18 2.14
C CYS A 39 -3.44 -4.56 1.56
N GLY A 40 -4.00 -5.20 0.53
CA GLY A 40 -5.20 -4.70 -0.11
C GLY A 40 -6.32 -4.46 0.87
N ALA A 41 -6.52 -5.40 1.79
CA ALA A 41 -7.57 -5.29 2.79
C ALA A 41 -7.62 -3.89 3.39
N ARG A 42 -6.45 -3.35 3.71
CA ARG A 42 -6.36 -2.01 4.29
C ARG A 42 -7.11 -1.00 3.43
N THR A 43 -7.89 -0.13 4.09
CA THR A 43 -8.65 0.88 3.38
C THR A 43 -8.22 2.29 3.81
N GLU A 44 -8.25 3.22 2.87
CA GLU A 44 -7.87 4.60 3.16
C GLU A 44 -9.06 5.55 2.96
N LEU A 45 -9.42 6.26 4.01
CA LEU A 45 -10.54 7.20 3.96
C LEU A 45 -10.22 8.36 3.02
N CYS A 46 -10.88 8.38 1.87
CA CYS A 46 -10.68 9.44 0.89
C CYS A 46 -11.18 10.77 1.42
N GLY A 47 -10.73 11.86 0.79
CA GLY A 47 -11.14 13.19 1.21
C GLY A 47 -12.27 13.74 0.36
N ASN A 48 -12.33 13.31 -0.90
CA ASN A 48 -13.35 13.77 -1.81
C ASN A 48 -14.69 13.08 -1.53
N CYS A 49 -14.73 11.77 -1.77
CA CYS A 49 -15.94 10.99 -1.55
C CYS A 49 -16.13 10.72 -0.06
N GLY A 50 -15.06 10.32 0.61
CA GLY A 50 -15.14 10.03 2.03
C GLY A 50 -15.67 8.64 2.32
N ARG A 51 -15.25 7.68 1.51
CA ARG A 51 -15.69 6.29 1.68
C ARG A 51 -14.50 5.35 1.81
N ASN A 52 -14.64 4.32 2.63
CA ASN A 52 -13.58 3.35 2.84
C ASN A 52 -13.35 2.50 1.59
N VAL A 53 -12.18 2.67 0.98
CA VAL A 53 -11.85 1.91 -0.22
C VAL A 53 -10.57 1.09 -0.02
N LEU A 54 -10.59 -0.13 -0.52
CA LEU A 54 -9.43 -1.02 -0.40
C LEU A 54 -8.23 -0.47 -1.16
N VAL A 55 -7.04 -0.65 -0.60
CA VAL A 55 -5.82 -0.18 -1.23
C VAL A 55 -5.74 -0.65 -2.69
N LYS A 56 -5.80 -1.96 -2.88
CA LYS A 56 -5.72 -2.53 -4.22
C LYS A 56 -6.62 -1.77 -5.19
N ASP A 57 -7.63 -1.10 -4.65
CA ASP A 57 -8.56 -0.32 -5.46
C ASP A 57 -8.09 1.13 -5.60
N LEU A 58 -7.52 1.66 -4.52
CA LEU A 58 -7.03 3.03 -4.52
C LEU A 58 -6.34 3.36 -5.82
N LYS A 59 -5.78 2.35 -6.47
CA LYS A 59 -5.07 2.52 -7.73
C LYS A 59 -5.98 3.19 -8.77
N THR A 60 -7.17 2.64 -8.94
CA THR A 60 -8.13 3.17 -9.90
C THR A 60 -9.36 3.75 -9.19
N HIS A 61 -9.21 4.02 -7.89
CA HIS A 61 -10.30 4.57 -7.11
C HIS A 61 -10.67 5.96 -7.60
N PRO A 62 -9.66 6.78 -7.91
CA PRO A 62 -9.87 8.14 -8.40
C PRO A 62 -10.89 8.21 -9.53
N GLU A 63 -10.88 7.21 -10.39
CA GLU A 63 -11.82 7.15 -11.50
C GLU A 63 -13.26 7.12 -11.01
N VAL A 64 -13.58 6.13 -10.18
CA VAL A 64 -14.92 6.00 -9.65
C VAL A 64 -15.17 7.00 -8.53
N CYS A 65 -14.10 7.64 -8.06
CA CYS A 65 -14.20 8.62 -6.99
C CYS A 65 -14.70 9.97 -7.53
N GLY A 66 -15.53 10.63 -6.74
CA GLY A 66 -16.07 11.91 -7.15
C GLY A 66 -16.65 11.88 -8.55
N ARG A 67 -17.58 10.96 -8.78
CA ARG A 67 -18.21 10.83 -10.09
C ARG A 67 -19.50 11.63 -10.16
N GLU A 68 -20.43 11.31 -9.27
CA GLU A 68 -21.72 12.01 -9.23
C GLU A 68 -21.52 13.51 -9.02
N GLY A 69 -22.26 14.31 -9.76
CA GLY A 69 -22.16 15.75 -9.65
C GLY A 69 -23.49 16.41 -9.40
N SER A 70 -23.52 17.34 -8.45
CA SER A 70 -24.75 18.05 -8.11
C SER A 70 -25.24 18.88 -9.29
N GLY A 71 -26.54 18.81 -9.56
CA GLY A 71 -27.10 19.57 -10.66
C GLY A 71 -27.15 21.06 -10.38
N PRO A 72 -28.27 21.70 -10.74
CA PRO A 72 -28.46 23.14 -10.53
C PRO A 72 -28.60 23.50 -9.06
N SER A 73 -27.91 24.56 -8.64
CA SER A 73 -27.96 25.01 -7.25
C SER A 73 -27.76 26.51 -7.16
N SER A 74 -28.79 27.22 -6.71
CA SER A 74 -28.73 28.67 -6.57
C SER A 74 -27.86 29.07 -5.38
N GLY A 75 -27.47 30.34 -5.33
CA GLY A 75 -26.64 30.82 -4.24
C GLY A 75 -25.69 31.92 -4.67
N GLY A 1 6.49 2.04 8.68
CA GLY A 1 5.80 2.79 7.64
C GLY A 1 6.32 4.22 7.53
N SER A 2 5.96 5.06 8.49
CA SER A 2 6.39 6.45 8.49
C SER A 2 7.74 6.60 9.18
N SER A 3 7.84 6.09 10.40
CA SER A 3 9.07 6.18 11.17
C SER A 3 9.44 4.82 11.76
N GLY A 4 10.60 4.76 12.40
CA GLY A 4 11.05 3.51 13.00
C GLY A 4 12.47 3.60 13.53
N SER A 5 13.16 2.48 13.55
CA SER A 5 14.54 2.43 14.04
C SER A 5 15.52 2.84 12.95
N SER A 6 16.67 3.38 13.36
CA SER A 6 17.68 3.83 12.42
C SER A 6 19.07 3.79 13.06
N GLY A 7 20.10 3.87 12.23
CA GLY A 7 21.46 3.85 12.74
C GLY A 7 22.49 3.72 11.63
N HIS A 8 23.73 3.42 12.00
CA HIS A 8 24.81 3.29 11.03
C HIS A 8 24.64 2.00 10.23
N GLU A 9 24.66 0.86 10.93
CA GLU A 9 24.52 -0.44 10.28
C GLU A 9 23.65 -1.38 11.13
N GLU A 10 22.46 -1.67 10.64
CA GLU A 10 21.54 -2.55 11.36
C GLU A 10 20.53 -3.17 10.41
N THR A 11 20.53 -4.49 10.32
CA THR A 11 19.62 -5.21 9.44
C THR A 11 19.03 -6.44 10.13
N GLU A 12 17.72 -6.40 10.39
CA GLU A 12 17.04 -7.52 11.06
C GLU A 12 16.47 -8.49 10.03
N CYS A 13 16.18 -7.98 8.84
CA CYS A 13 15.62 -8.80 7.77
C CYS A 13 16.72 -9.57 7.05
N PRO A 14 16.34 -10.66 6.36
CA PRO A 14 17.28 -11.49 5.61
C PRO A 14 17.83 -10.79 4.38
N LEU A 15 18.71 -11.47 3.65
CA LEU A 15 19.31 -10.91 2.45
C LEU A 15 18.27 -10.76 1.34
N ARG A 16 17.71 -11.89 0.91
CA ARG A 16 16.70 -11.89 -0.14
C ARG A 16 15.37 -11.36 0.38
N LEU A 17 15.00 -10.17 -0.04
CA LEU A 17 13.75 -9.55 0.37
C LEU A 17 12.91 -9.13 -0.83
N ALA A 18 11.59 -9.12 -0.65
CA ALA A 18 10.68 -8.75 -1.72
C ALA A 18 9.99 -7.42 -1.41
N VAL A 19 9.63 -6.69 -2.46
CA VAL A 19 8.95 -5.40 -2.30
C VAL A 19 7.50 -5.47 -2.76
N CYS A 20 6.62 -4.81 -2.03
CA CYS A 20 5.20 -4.80 -2.36
C CYS A 20 4.93 -3.88 -3.54
N GLN A 21 3.77 -4.06 -4.18
CA GLN A 21 3.40 -3.25 -5.32
C GLN A 21 2.31 -2.25 -4.95
N HIS A 22 1.64 -2.50 -3.83
CA HIS A 22 0.57 -1.63 -3.35
C HIS A 22 1.12 -0.58 -2.39
N CYS A 23 1.81 -1.03 -1.35
CA CYS A 23 2.38 -0.13 -0.35
C CYS A 23 3.84 0.17 -0.67
N ASP A 24 4.47 -0.72 -1.45
CA ASP A 24 5.86 -0.55 -1.83
C ASP A 24 6.77 -0.57 -0.61
N LEU A 25 6.56 -1.55 0.26
CA LEU A 25 7.36 -1.69 1.47
C LEU A 25 8.25 -2.93 1.42
N GLU A 26 9.36 -2.90 2.13
CA GLU A 26 10.29 -4.02 2.16
C GLU A 26 9.78 -5.13 3.07
N LEU A 27 9.69 -6.33 2.52
CA LEU A 27 9.21 -7.49 3.28
C LEU A 27 9.88 -8.78 2.79
N SER A 28 9.62 -9.87 3.50
CA SER A 28 10.19 -11.16 3.15
C SER A 28 9.57 -11.70 1.86
N ILE A 29 10.29 -12.59 1.19
CA ILE A 29 9.79 -13.19 -0.05
C ILE A 29 8.78 -14.29 0.24
N LEU A 30 8.92 -14.93 1.40
CA LEU A 30 8.01 -16.00 1.79
C LEU A 30 6.68 -15.44 2.30
N LYS A 31 6.77 -14.38 3.09
CA LYS A 31 5.58 -13.74 3.64
C LYS A 31 4.95 -12.78 2.63
N LEU A 32 5.79 -12.18 1.79
CA LEU A 32 5.33 -11.24 0.78
C LEU A 32 3.97 -11.67 0.22
N LYS A 33 3.94 -12.85 -0.39
CA LYS A 33 2.70 -13.38 -0.96
C LYS A 33 1.55 -13.22 0.02
N GLU A 34 1.82 -13.43 1.30
CA GLU A 34 0.79 -13.31 2.33
C GLU A 34 0.46 -11.84 2.61
N HIS A 35 1.50 -11.05 2.89
CA HIS A 35 1.32 -9.64 3.17
C HIS A 35 0.34 -9.01 2.19
N GLU A 36 0.61 -9.16 0.90
CA GLU A 36 -0.25 -8.60 -0.13
C GLU A 36 -1.72 -8.74 0.25
N ASP A 37 -2.14 -9.97 0.52
CA ASP A 37 -3.52 -10.24 0.89
C ASP A 37 -4.00 -9.24 1.93
N TYR A 38 -3.13 -8.89 2.86
CA TYR A 38 -3.47 -7.93 3.92
C TYR A 38 -3.38 -6.50 3.40
N CYS A 39 -2.28 -6.18 2.73
CA CYS A 39 -2.08 -4.84 2.18
C CYS A 39 -3.36 -4.32 1.54
N GLY A 40 -3.94 -5.10 0.63
CA GLY A 40 -5.16 -4.69 -0.03
C GLY A 40 -6.33 -4.59 0.92
N ALA A 41 -6.62 -5.68 1.63
CA ALA A 41 -7.72 -5.72 2.58
C ALA A 41 -7.84 -4.39 3.32
N ARG A 42 -6.70 -3.84 3.75
CA ARG A 42 -6.68 -2.58 4.47
C ARG A 42 -7.45 -1.50 3.71
N THR A 43 -8.15 -0.66 4.44
CA THR A 43 -8.94 0.41 3.83
C THR A 43 -8.37 1.78 4.19
N GLU A 44 -8.56 2.75 3.30
CA GLU A 44 -8.05 4.11 3.53
C GLU A 44 -9.20 5.10 3.57
N LEU A 45 -9.27 5.87 4.66
CA LEU A 45 -10.32 6.88 4.82
C LEU A 45 -10.12 8.05 3.87
N CYS A 46 -10.89 8.07 2.79
CA CYS A 46 -10.79 9.13 1.80
C CYS A 46 -11.14 10.48 2.41
N GLY A 47 -10.59 11.55 1.83
CA GLY A 47 -10.84 12.88 2.34
C GLY A 47 -12.02 13.55 1.66
N ASN A 48 -12.24 13.21 0.39
CA ASN A 48 -13.34 13.78 -0.37
C ASN A 48 -14.68 13.35 0.20
N CYS A 49 -14.95 12.04 0.12
CA CYS A 49 -16.20 11.50 0.63
C CYS A 49 -16.15 11.31 2.14
N GLY A 50 -15.07 10.67 2.61
CA GLY A 50 -14.91 10.44 4.03
C GLY A 50 -15.30 9.03 4.43
N ARG A 51 -14.97 8.07 3.58
CA ARG A 51 -15.30 6.67 3.85
C ARG A 51 -14.05 5.79 3.72
N ASN A 52 -14.12 4.58 4.27
CA ASN A 52 -13.01 3.65 4.22
C ASN A 52 -13.14 2.71 3.03
N VAL A 53 -12.20 2.82 2.10
CA VAL A 53 -12.20 1.98 0.90
C VAL A 53 -10.94 1.14 0.82
N LEU A 54 -11.09 -0.11 0.38
CA LEU A 54 -9.95 -1.02 0.25
C LEU A 54 -8.85 -0.39 -0.59
N VAL A 55 -7.60 -0.68 -0.24
CA VAL A 55 -6.45 -0.15 -0.96
C VAL A 55 -6.52 -0.51 -2.44
N LYS A 56 -6.81 -1.77 -2.72
CA LYS A 56 -6.91 -2.25 -4.10
C LYS A 56 -8.02 -1.53 -4.84
N ASP A 57 -9.06 -1.12 -4.11
CA ASP A 57 -10.19 -0.41 -4.71
C ASP A 57 -9.85 1.06 -4.92
N LEU A 58 -9.11 1.63 -3.99
CA LEU A 58 -8.72 3.04 -4.06
C LEU A 58 -8.41 3.43 -5.50
N LYS A 59 -7.87 2.49 -6.27
CA LYS A 59 -7.52 2.74 -7.66
C LYS A 59 -8.74 3.24 -8.44
N THR A 60 -9.88 2.55 -8.26
CA THR A 60 -11.10 2.93 -8.94
C THR A 60 -12.14 3.47 -7.96
N HIS A 61 -11.66 3.87 -6.78
CA HIS A 61 -12.54 4.42 -5.76
C HIS A 61 -13.12 5.76 -6.18
N PRO A 62 -12.25 6.61 -6.76
CA PRO A 62 -12.65 7.95 -7.23
C PRO A 62 -13.93 7.92 -8.05
N GLU A 63 -14.16 6.80 -8.75
CA GLU A 63 -15.35 6.65 -9.58
C GLU A 63 -16.61 6.78 -8.74
N VAL A 64 -16.76 5.91 -7.74
CA VAL A 64 -17.93 5.92 -6.87
C VAL A 64 -17.84 7.07 -5.87
N CYS A 65 -16.61 7.53 -5.61
CA CYS A 65 -16.39 8.62 -4.67
C CYS A 65 -17.06 9.90 -5.15
N GLY A 66 -17.67 10.63 -4.23
CA GLY A 66 -18.34 11.88 -4.57
C GLY A 66 -19.34 11.69 -5.70
N ARG A 67 -20.23 10.71 -5.56
CA ARG A 67 -21.23 10.43 -6.57
C ARG A 67 -22.56 11.10 -6.20
N GLU A 68 -23.12 10.70 -5.06
CA GLU A 68 -24.38 11.25 -4.60
C GLU A 68 -24.24 12.72 -4.24
N GLY A 69 -25.35 13.44 -4.24
CA GLY A 69 -25.33 14.86 -3.91
C GLY A 69 -26.21 15.69 -4.83
N SER A 70 -27.41 15.98 -4.37
CA SER A 70 -28.36 16.77 -5.16
C SER A 70 -28.04 18.26 -5.06
N GLY A 71 -28.20 18.97 -6.17
CA GLY A 71 -27.94 20.40 -6.18
C GLY A 71 -26.49 20.70 -6.50
N PRO A 72 -26.26 21.32 -7.68
CA PRO A 72 -24.91 21.68 -8.14
C PRO A 72 -24.31 22.82 -7.32
N SER A 73 -25.05 23.26 -6.31
CA SER A 73 -24.58 24.35 -5.44
C SER A 73 -23.60 23.83 -4.39
N SER A 74 -23.06 24.74 -3.60
CA SER A 74 -22.10 24.39 -2.56
C SER A 74 -22.78 23.59 -1.45
N GLY A 75 -21.98 22.85 -0.69
CA GLY A 75 -22.52 22.05 0.40
C GLY A 75 -23.25 22.89 1.43
N GLY A 1 43.80 12.49 10.76
CA GLY A 1 44.16 11.10 11.00
C GLY A 1 45.30 10.63 10.12
N SER A 2 45.53 9.33 10.10
CA SER A 2 46.60 8.76 9.29
C SER A 2 46.79 9.53 7.99
N SER A 3 45.72 9.58 7.18
CA SER A 3 45.76 10.28 5.91
C SER A 3 46.90 9.75 5.03
N GLY A 4 47.05 8.43 5.01
CA GLY A 4 48.10 7.82 4.21
C GLY A 4 47.72 6.43 3.74
N SER A 5 47.77 5.47 4.66
CA SER A 5 47.44 4.08 4.33
C SER A 5 46.05 3.73 4.82
N SER A 6 45.19 3.31 3.90
CA SER A 6 43.82 2.94 4.24
C SER A 6 43.41 1.65 3.53
N GLY A 7 42.28 1.09 3.93
CA GLY A 7 41.80 -0.14 3.33
C GLY A 7 40.48 0.05 2.61
N HIS A 8 39.50 -0.78 2.95
CA HIS A 8 38.18 -0.71 2.32
C HIS A 8 37.08 -1.00 3.33
N GLU A 9 36.02 -0.20 3.30
CA GLU A 9 34.90 -0.37 4.21
C GLU A 9 34.37 -1.80 4.16
N GLU A 10 33.38 -2.08 5.00
CA GLU A 10 32.78 -3.41 5.05
C GLU A 10 31.96 -3.69 3.79
N THR A 11 32.38 -4.70 3.03
CA THR A 11 31.69 -5.06 1.80
C THR A 11 30.64 -6.14 2.06
N GLU A 12 29.39 -5.82 1.76
CA GLU A 12 28.30 -6.77 1.96
C GLU A 12 27.31 -6.71 0.79
N CYS A 13 26.62 -7.82 0.57
CA CYS A 13 25.65 -7.90 -0.52
C CYS A 13 24.23 -8.08 0.03
N PRO A 14 23.25 -7.45 -0.64
CA PRO A 14 21.85 -7.53 -0.24
C PRO A 14 21.25 -8.92 -0.47
N LEU A 15 20.27 -9.28 0.35
CA LEU A 15 19.62 -10.58 0.23
C LEU A 15 18.36 -10.47 -0.61
N ARG A 16 17.93 -11.61 -1.16
CA ARG A 16 16.73 -11.65 -1.99
C ARG A 16 15.49 -11.28 -1.19
N LEU A 17 14.94 -10.11 -1.49
CA LEU A 17 13.74 -9.64 -0.79
C LEU A 17 12.64 -9.27 -1.79
N ALA A 18 11.40 -9.24 -1.29
CA ALA A 18 10.26 -8.90 -2.14
C ALA A 18 9.58 -7.63 -1.65
N VAL A 19 9.22 -6.76 -2.58
CA VAL A 19 8.56 -5.50 -2.24
C VAL A 19 7.10 -5.51 -2.70
N CYS A 20 6.25 -4.83 -1.94
CA CYS A 20 4.82 -4.76 -2.26
C CYS A 20 4.58 -3.78 -3.40
N GLN A 21 3.42 -3.91 -4.04
CA GLN A 21 3.06 -3.03 -5.15
C GLN A 21 2.10 -1.93 -4.69
N HIS A 22 1.46 -2.16 -3.55
CA HIS A 22 0.52 -1.19 -3.00
C HIS A 22 1.21 -0.27 -2.00
N CYS A 23 1.76 -0.86 -0.94
CA CYS A 23 2.45 -0.11 0.09
C CYS A 23 3.90 0.17 -0.32
N ASP A 24 4.47 -0.73 -1.10
CA ASP A 24 5.85 -0.59 -1.56
C ASP A 24 6.82 -0.67 -0.39
N LEU A 25 6.60 -1.64 0.48
CA LEU A 25 7.46 -1.83 1.64
C LEU A 25 8.31 -3.09 1.50
N GLU A 26 9.51 -3.07 2.08
CA GLU A 26 10.41 -4.20 2.01
C GLU A 26 9.99 -5.29 3.00
N LEU A 27 9.82 -6.50 2.50
CA LEU A 27 9.42 -7.63 3.33
C LEU A 27 10.04 -8.93 2.84
N SER A 28 9.90 -9.99 3.62
CA SER A 28 10.44 -11.29 3.26
C SER A 28 9.55 -12.00 2.25
N ILE A 29 10.11 -12.32 1.09
CA ILE A 29 9.37 -13.01 0.04
C ILE A 29 8.44 -14.07 0.62
N LEU A 30 8.87 -14.68 1.73
CA LEU A 30 8.08 -15.72 2.38
C LEU A 30 6.79 -15.13 2.96
N LYS A 31 6.90 -13.96 3.57
CA LYS A 31 5.75 -13.29 4.16
C LYS A 31 4.95 -12.54 3.10
N LEU A 32 5.65 -11.87 2.19
CA LEU A 32 5.01 -11.11 1.12
C LEU A 32 3.78 -11.85 0.61
N LYS A 33 3.99 -13.04 0.07
CA LYS A 33 2.90 -13.86 -0.46
C LYS A 33 1.64 -13.67 0.36
N GLU A 34 1.80 -13.58 1.68
CA GLU A 34 0.67 -13.40 2.57
C GLU A 34 0.35 -11.92 2.76
N HIS A 35 1.37 -11.14 3.09
CA HIS A 35 1.19 -9.71 3.30
C HIS A 35 0.50 -9.06 2.09
N GLU A 36 1.13 -9.16 0.93
CA GLU A 36 0.57 -8.59 -0.29
C GLU A 36 -0.95 -8.67 -0.28
N ASP A 37 -1.47 -9.84 0.06
CA ASP A 37 -2.92 -10.05 0.11
C ASP A 37 -3.57 -9.12 1.13
N TYR A 38 -3.09 -9.19 2.38
CA TYR A 38 -3.62 -8.36 3.44
C TYR A 38 -3.56 -6.88 3.07
N CYS A 39 -2.43 -6.46 2.53
CA CYS A 39 -2.24 -5.07 2.13
C CYS A 39 -3.50 -4.53 1.45
N GLY A 40 -3.80 -5.05 0.27
CA GLY A 40 -4.97 -4.61 -0.47
C GLY A 40 -6.19 -4.47 0.43
N ALA A 41 -6.45 -5.48 1.25
CA ALA A 41 -7.59 -5.47 2.15
C ALA A 41 -7.64 -4.17 2.94
N ARG A 42 -6.47 -3.69 3.35
CA ARG A 42 -6.39 -2.45 4.12
C ARG A 42 -7.14 -1.32 3.43
N THR A 43 -7.51 -0.30 4.20
CA THR A 43 -8.24 0.83 3.65
C THR A 43 -7.56 2.15 4.03
N GLU A 44 -7.69 3.14 3.15
CA GLU A 44 -7.09 4.45 3.39
C GLU A 44 -8.15 5.54 3.50
N LEU A 45 -7.97 6.44 4.46
CA LEU A 45 -8.92 7.52 4.68
C LEU A 45 -8.69 8.66 3.67
N CYS A 46 -9.56 8.72 2.67
CA CYS A 46 -9.45 9.76 1.64
C CYS A 46 -9.60 11.15 2.26
N GLY A 47 -9.13 12.17 1.54
CA GLY A 47 -9.23 13.52 2.04
C GLY A 47 -10.44 14.25 1.48
N ASN A 48 -10.83 13.90 0.26
CA ASN A 48 -11.99 14.52 -0.39
C ASN A 48 -13.28 14.10 0.29
N CYS A 49 -13.60 12.82 0.18
CA CYS A 49 -14.82 12.28 0.79
C CYS A 49 -14.64 12.05 2.28
N GLY A 50 -13.54 11.38 2.64
CA GLY A 50 -13.27 11.11 4.03
C GLY A 50 -13.78 9.75 4.48
N ARG A 51 -13.65 8.76 3.61
CA ARG A 51 -14.12 7.41 3.91
C ARG A 51 -12.99 6.39 3.73
N ASN A 52 -13.17 5.21 4.32
CA ASN A 52 -12.16 4.16 4.22
C ASN A 52 -12.44 3.27 3.03
N VAL A 53 -11.51 3.27 2.06
CA VAL A 53 -11.65 2.45 0.86
C VAL A 53 -10.47 1.50 0.71
N LEU A 54 -10.76 0.26 0.31
CA LEU A 54 -9.71 -0.74 0.11
C LEU A 54 -8.61 -0.21 -0.79
N VAL A 55 -7.37 -0.42 -0.37
CA VAL A 55 -6.22 0.04 -1.14
C VAL A 55 -6.27 -0.51 -2.57
N LYS A 56 -6.93 -1.65 -2.74
CA LYS A 56 -7.05 -2.27 -4.06
C LYS A 56 -8.08 -1.53 -4.91
N ASP A 57 -8.96 -0.78 -4.26
CA ASP A 57 -9.98 -0.02 -4.96
C ASP A 57 -9.66 1.48 -4.95
N LEU A 58 -8.42 1.80 -4.61
CA LEU A 58 -7.98 3.19 -4.56
C LEU A 58 -7.71 3.73 -5.96
N LYS A 59 -7.06 2.93 -6.79
CA LYS A 59 -6.75 3.32 -8.16
C LYS A 59 -7.99 3.82 -8.87
N THR A 60 -9.14 3.23 -8.54
CA THR A 60 -10.39 3.63 -9.16
C THR A 60 -11.37 4.19 -8.12
N HIS A 61 -10.84 4.58 -6.97
CA HIS A 61 -11.65 5.12 -5.90
C HIS A 61 -12.15 6.52 -6.25
N PRO A 62 -11.25 7.33 -6.82
CA PRO A 62 -11.57 8.71 -7.22
C PRO A 62 -12.87 8.79 -8.02
N GLU A 63 -13.15 7.75 -8.80
CA GLU A 63 -14.36 7.71 -9.60
C GLU A 63 -15.61 7.79 -8.73
N VAL A 64 -15.75 6.86 -7.81
CA VAL A 64 -16.89 6.83 -6.91
C VAL A 64 -16.78 7.91 -5.84
N CYS A 65 -15.55 8.37 -5.61
CA CYS A 65 -15.30 9.42 -4.61
C CYS A 65 -15.88 10.76 -5.06
N GLY A 66 -16.26 11.58 -4.10
CA GLY A 66 -16.82 12.88 -4.41
C GLY A 66 -17.65 12.86 -5.68
N ARG A 67 -18.57 11.91 -5.77
CA ARG A 67 -19.43 11.77 -6.93
C ARG A 67 -20.72 12.58 -6.75
N GLU A 68 -21.30 12.50 -5.56
CA GLU A 68 -22.53 13.22 -5.26
C GLU A 68 -22.34 14.73 -5.42
N GLY A 69 -21.43 15.28 -4.62
CA GLY A 69 -21.16 16.71 -4.69
C GLY A 69 -21.39 17.39 -3.36
N SER A 70 -20.85 16.82 -2.28
CA SER A 70 -21.01 17.39 -0.95
C SER A 70 -20.00 16.76 0.02
N GLY A 71 -19.76 17.46 1.12
CA GLY A 71 -18.82 16.96 2.12
C GLY A 71 -17.90 18.04 2.64
N PRO A 72 -16.70 18.14 2.05
CA PRO A 72 -15.71 19.15 2.45
C PRO A 72 -16.13 20.56 2.08
N SER A 73 -16.24 21.42 3.08
CA SER A 73 -16.63 22.81 2.85
C SER A 73 -15.42 23.67 2.54
N SER A 74 -14.38 23.56 3.36
CA SER A 74 -13.16 24.33 3.17
C SER A 74 -12.34 23.77 2.01
N GLY A 75 -12.21 22.45 1.97
CA GLY A 75 -11.45 21.82 0.91
C GLY A 75 -12.25 20.78 0.16
N GLY A 1 17.68 3.10 33.39
CA GLY A 1 17.38 2.88 31.98
C GLY A 1 17.61 1.44 31.56
N SER A 2 18.85 0.98 31.68
CA SER A 2 19.19 -0.38 31.29
C SER A 2 18.92 -0.62 29.81
N SER A 3 19.30 0.35 28.98
CA SER A 3 19.09 0.25 27.55
C SER A 3 20.40 -0.06 26.83
N GLY A 4 20.30 -0.80 25.73
CA GLY A 4 21.49 -1.17 24.97
C GLY A 4 21.38 -0.78 23.51
N SER A 5 22.52 -0.50 22.88
CA SER A 5 22.55 -0.10 21.49
C SER A 5 22.00 -1.22 20.60
N SER A 6 20.96 -0.90 19.84
CA SER A 6 20.34 -1.88 18.94
C SER A 6 21.19 -2.08 17.69
N GLY A 7 21.46 -0.99 16.98
CA GLY A 7 22.25 -1.07 15.77
C GLY A 7 21.51 -1.74 14.63
N HIS A 8 22.12 -2.79 14.07
CA HIS A 8 21.50 -3.51 12.97
C HIS A 8 21.91 -4.99 13.00
N GLU A 9 21.37 -5.76 12.05
CA GLU A 9 21.68 -7.18 11.97
C GLU A 9 22.01 -7.58 10.53
N GLU A 10 22.61 -8.76 10.37
CA GLU A 10 22.98 -9.26 9.05
C GLU A 10 21.78 -9.90 8.37
N THR A 11 21.03 -10.70 9.12
CA THR A 11 19.85 -11.38 8.58
C THR A 11 18.92 -10.39 7.88
N GLU A 12 18.98 -9.13 8.29
CA GLU A 12 18.15 -8.09 7.71
C GLU A 12 18.76 -7.57 6.41
N CYS A 13 19.74 -8.29 5.90
CA CYS A 13 20.41 -7.90 4.67
C CYS A 13 19.52 -8.12 3.45
N PRO A 14 19.63 -7.23 2.46
CA PRO A 14 18.84 -7.31 1.23
C PRO A 14 19.24 -8.49 0.35
N LEU A 15 18.53 -9.61 0.50
CA LEU A 15 18.81 -10.80 -0.28
C LEU A 15 17.53 -11.58 -0.57
N ARG A 16 17.21 -11.73 -1.84
CA ARG A 16 16.01 -12.46 -2.25
C ARG A 16 14.78 -11.91 -1.54
N LEU A 17 14.71 -10.59 -1.43
CA LEU A 17 13.58 -9.94 -0.76
C LEU A 17 12.54 -9.47 -1.79
N ALA A 18 11.28 -9.45 -1.37
CA ALA A 18 10.20 -9.02 -2.25
C ALA A 18 9.53 -7.76 -1.72
N VAL A 19 9.37 -6.77 -2.59
CA VAL A 19 8.75 -5.51 -2.21
C VAL A 19 7.33 -5.41 -2.76
N CYS A 20 6.41 -4.92 -1.93
CA CYS A 20 5.01 -4.77 -2.33
C CYS A 20 4.86 -3.67 -3.36
N GLN A 21 3.74 -3.69 -4.08
CA GLN A 21 3.47 -2.68 -5.10
C GLN A 21 2.47 -1.64 -4.59
N HIS A 22 1.73 -2.00 -3.56
CA HIS A 22 0.73 -1.11 -2.98
C HIS A 22 1.37 -0.20 -1.92
N CYS A 23 1.97 -0.80 -0.91
CA CYS A 23 2.62 -0.05 0.16
C CYS A 23 4.07 0.27 -0.21
N ASP A 24 4.64 -0.54 -1.09
CA ASP A 24 6.02 -0.34 -1.52
C ASP A 24 6.98 -0.43 -0.34
N LEU A 25 6.79 -1.45 0.49
CA LEU A 25 7.64 -1.66 1.66
C LEU A 25 8.47 -2.93 1.50
N GLU A 26 9.67 -2.91 2.10
CA GLU A 26 10.57 -4.06 2.03
C GLU A 26 10.12 -5.17 2.98
N LEU A 27 10.03 -6.39 2.47
CA LEU A 27 9.62 -7.53 3.27
C LEU A 27 10.19 -8.83 2.72
N SER A 28 10.05 -9.91 3.48
CA SER A 28 10.56 -11.21 3.07
C SER A 28 9.67 -11.83 2.00
N ILE A 29 10.28 -12.43 0.99
CA ILE A 29 9.55 -13.06 -0.10
C ILE A 29 8.55 -14.09 0.44
N LEU A 30 8.83 -14.59 1.63
CA LEU A 30 7.96 -15.59 2.25
C LEU A 30 6.68 -14.94 2.79
N LYS A 31 6.82 -13.76 3.38
CA LYS A 31 5.69 -13.03 3.93
C LYS A 31 4.93 -12.30 2.83
N LEU A 32 5.67 -11.68 1.92
CA LEU A 32 5.07 -10.94 0.81
C LEU A 32 3.77 -11.61 0.36
N LYS A 33 3.77 -12.93 0.33
CA LYS A 33 2.59 -13.69 -0.07
C LYS A 33 1.40 -13.36 0.80
N GLU A 34 1.49 -13.70 2.08
CA GLU A 34 0.41 -13.43 3.03
C GLU A 34 0.16 -11.92 3.14
N HIS A 35 1.23 -11.15 3.24
CA HIS A 35 1.13 -9.71 3.36
C HIS A 35 0.27 -9.13 2.24
N GLU A 36 0.77 -9.23 1.01
CA GLU A 36 0.05 -8.72 -0.15
C GLU A 36 -1.45 -8.92 0.02
N ASP A 37 -1.84 -10.14 0.36
CA ASP A 37 -3.25 -10.47 0.53
C ASP A 37 -3.92 -9.48 1.47
N TYR A 38 -3.23 -9.12 2.55
CA TYR A 38 -3.76 -8.18 3.53
C TYR A 38 -3.65 -6.75 3.03
N CYS A 39 -2.46 -6.38 2.57
CA CYS A 39 -2.21 -5.04 2.05
C CYS A 39 -3.40 -4.56 1.21
N GLY A 40 -3.83 -5.40 0.29
CA GLY A 40 -4.95 -5.05 -0.57
C GLY A 40 -6.27 -5.04 0.17
N ALA A 41 -6.46 -6.02 1.05
CA ALA A 41 -7.69 -6.12 1.83
C ALA A 41 -8.09 -4.77 2.42
N ARG A 42 -7.09 -4.03 2.89
CA ARG A 42 -7.34 -2.72 3.49
C ARG A 42 -8.15 -1.84 2.54
N THR A 43 -8.92 -0.91 3.11
CA THR A 43 -9.73 -0.01 2.32
C THR A 43 -9.44 1.44 2.65
N GLU A 44 -9.42 2.30 1.63
CA GLU A 44 -9.15 3.72 1.82
C GLU A 44 -10.41 4.55 1.58
N LEU A 45 -10.34 5.83 1.92
CA LEU A 45 -11.47 6.74 1.74
C LEU A 45 -11.26 7.62 0.52
N CYS A 46 -12.08 7.40 -0.50
CA CYS A 46 -12.00 8.18 -1.74
C CYS A 46 -12.49 9.61 -1.51
N GLY A 47 -12.07 10.52 -2.38
CA GLY A 47 -12.47 11.91 -2.27
C GLY A 47 -13.64 12.25 -3.18
N ASN A 48 -13.70 11.60 -4.33
CA ASN A 48 -14.76 11.84 -5.29
C ASN A 48 -16.08 11.25 -4.80
N CYS A 49 -16.13 9.93 -4.68
CA CYS A 49 -17.34 9.26 -4.21
C CYS A 49 -17.45 9.31 -2.70
N GLY A 50 -16.34 9.06 -2.01
CA GLY A 50 -16.33 9.09 -0.56
C GLY A 50 -16.72 7.76 0.05
N ARG A 51 -16.22 6.67 -0.52
CA ARG A 51 -16.53 5.33 -0.03
C ARG A 51 -15.25 4.55 0.24
N ASN A 52 -15.40 3.36 0.82
CA ASN A 52 -14.25 2.51 1.13
C ASN A 52 -13.89 1.63 -0.06
N VAL A 53 -12.65 1.73 -0.51
CA VAL A 53 -12.18 0.95 -1.64
C VAL A 53 -10.89 0.20 -1.29
N LEU A 54 -10.81 -1.06 -1.71
CA LEU A 54 -9.63 -1.87 -1.44
C LEU A 54 -8.38 -1.26 -2.06
N VAL A 55 -7.31 -1.19 -1.28
CA VAL A 55 -6.05 -0.63 -1.75
C VAL A 55 -5.73 -1.12 -3.16
N LYS A 56 -5.86 -2.42 -3.38
CA LYS A 56 -5.59 -3.00 -4.68
C LYS A 56 -6.48 -2.40 -5.76
N ASP A 57 -7.73 -2.11 -5.39
CA ASP A 57 -8.69 -1.51 -6.32
C ASP A 57 -8.39 -0.04 -6.55
N LEU A 58 -8.00 0.65 -5.47
CA LEU A 58 -7.68 2.08 -5.55
C LEU A 58 -6.91 2.39 -6.82
N LYS A 59 -6.20 1.39 -7.35
CA LYS A 59 -5.42 1.55 -8.56
C LYS A 59 -6.33 1.82 -9.77
N THR A 60 -7.36 0.99 -9.90
CA THR A 60 -8.30 1.14 -11.01
C THR A 60 -9.69 1.56 -10.51
N HIS A 61 -9.73 2.06 -9.28
CA HIS A 61 -10.99 2.49 -8.68
C HIS A 61 -11.48 3.78 -9.34
N PRO A 62 -10.55 4.72 -9.58
CA PRO A 62 -10.86 6.01 -10.21
C PRO A 62 -11.73 5.85 -11.45
N GLU A 63 -11.59 4.72 -12.13
CA GLU A 63 -12.36 4.45 -13.34
C GLU A 63 -13.77 4.00 -12.99
N VAL A 64 -13.89 3.07 -12.06
CA VAL A 64 -15.19 2.56 -11.64
C VAL A 64 -15.87 3.52 -10.65
N CYS A 65 -15.11 4.52 -10.21
CA CYS A 65 -15.64 5.50 -9.27
C CYS A 65 -16.52 6.52 -9.99
N GLY A 66 -17.50 7.06 -9.26
CA GLY A 66 -18.41 8.03 -9.84
C GLY A 66 -18.99 7.57 -11.16
N ARG A 67 -19.32 6.28 -11.23
CA ARG A 67 -19.90 5.71 -12.44
C ARG A 67 -21.42 5.78 -12.41
N GLU A 68 -22.01 5.21 -11.37
CA GLU A 68 -23.46 5.20 -11.21
C GLU A 68 -23.94 6.48 -10.53
N GLY A 69 -23.50 6.68 -9.29
CA GLY A 69 -23.90 7.86 -8.55
C GLY A 69 -25.23 7.69 -7.85
N SER A 70 -26.23 7.19 -8.58
CA SER A 70 -27.56 6.98 -8.02
C SER A 70 -27.55 5.84 -7.01
N GLY A 71 -27.08 4.67 -7.44
CA GLY A 71 -27.02 3.53 -6.55
C GLY A 71 -26.63 3.90 -5.13
N PRO A 72 -27.59 3.81 -4.20
CA PRO A 72 -27.34 4.13 -2.79
C PRO A 72 -26.44 3.12 -2.11
N SER A 73 -25.51 3.61 -1.29
CA SER A 73 -24.57 2.75 -0.58
C SER A 73 -25.05 2.51 0.84
N SER A 74 -26.29 2.89 1.12
CA SER A 74 -26.86 2.71 2.45
C SER A 74 -27.81 1.52 2.48
N GLY A 75 -27.41 0.46 3.18
CA GLY A 75 -28.23 -0.73 3.28
C GLY A 75 -27.42 -2.00 3.35
N GLY A 1 18.22 14.09 24.50
CA GLY A 1 17.52 13.73 23.28
C GLY A 1 18.32 12.80 22.40
N SER A 2 18.43 11.54 22.81
CA SER A 2 19.18 10.54 22.06
C SER A 2 18.36 10.02 20.88
N SER A 3 19.05 9.59 19.83
CA SER A 3 18.39 9.07 18.64
C SER A 3 19.11 7.83 18.11
N GLY A 4 18.52 7.18 17.12
CA GLY A 4 19.11 5.99 16.55
C GLY A 4 18.92 5.92 15.04
N SER A 5 18.49 4.75 14.56
CA SER A 5 18.27 4.56 13.13
C SER A 5 19.58 4.71 12.35
N SER A 6 20.66 4.17 12.91
CA SER A 6 21.97 4.25 12.27
C SER A 6 22.04 3.33 11.06
N GLY A 7 23.07 3.53 10.24
CA GLY A 7 23.23 2.72 9.05
C GLY A 7 24.69 2.38 8.76
N HIS A 8 24.91 1.33 7.99
CA HIS A 8 26.26 0.90 7.66
C HIS A 8 26.37 0.55 6.17
N GLU A 9 27.49 0.91 5.56
CA GLU A 9 27.71 0.63 4.15
C GLU A 9 28.26 -0.78 3.95
N GLU A 10 29.20 -1.16 4.79
CA GLU A 10 29.81 -2.49 4.72
C GLU A 10 28.75 -3.57 4.54
N THR A 11 27.66 -3.45 5.28
CA THR A 11 26.57 -4.40 5.20
C THR A 11 25.89 -4.37 3.83
N GLU A 12 25.74 -5.54 3.22
CA GLU A 12 25.11 -5.63 1.91
C GLU A 12 23.84 -6.49 1.98
N CYS A 13 22.70 -5.85 1.74
CA CYS A 13 21.43 -6.56 1.76
C CYS A 13 21.25 -7.43 0.53
N PRO A 14 20.83 -8.69 0.75
CA PRO A 14 20.61 -9.66 -0.33
C PRO A 14 19.42 -9.29 -1.20
N LEU A 15 19.29 -9.97 -2.33
CA LEU A 15 18.18 -9.73 -3.25
C LEU A 15 17.09 -10.79 -3.09
N ARG A 16 17.16 -11.53 -1.99
CA ARG A 16 16.19 -12.57 -1.71
C ARG A 16 14.94 -11.99 -1.04
N LEU A 17 14.82 -10.67 -1.10
CA LEU A 17 13.68 -9.99 -0.49
C LEU A 17 12.71 -9.49 -1.56
N ALA A 18 11.42 -9.43 -1.22
CA ALA A 18 10.41 -8.96 -2.15
C ALA A 18 9.76 -7.68 -1.66
N VAL A 19 9.43 -6.79 -2.59
CA VAL A 19 8.81 -5.52 -2.26
C VAL A 19 7.37 -5.45 -2.77
N CYS A 20 6.48 -4.94 -1.93
CA CYS A 20 5.07 -4.82 -2.30
C CYS A 20 4.88 -3.73 -3.35
N GLN A 21 3.74 -3.78 -4.05
CA GLN A 21 3.43 -2.82 -5.08
C GLN A 21 2.44 -1.77 -4.58
N HIS A 22 1.72 -2.12 -3.51
CA HIS A 22 0.74 -1.21 -2.92
C HIS A 22 1.40 -0.26 -1.92
N CYS A 23 2.03 -0.84 -0.91
CA CYS A 23 2.70 -0.05 0.12
C CYS A 23 4.13 0.30 -0.30
N ASP A 24 4.71 -0.57 -1.13
CA ASP A 24 6.07 -0.36 -1.60
C ASP A 24 7.06 -0.41 -0.45
N LEU A 25 6.92 -1.42 0.40
CA LEU A 25 7.80 -1.59 1.54
C LEU A 25 8.65 -2.86 1.40
N GLU A 26 9.79 -2.87 2.07
CA GLU A 26 10.69 -4.03 2.02
C GLU A 26 10.21 -5.13 2.95
N LEU A 27 9.94 -6.31 2.38
CA LEU A 27 9.48 -7.45 3.16
C LEU A 27 10.00 -8.76 2.57
N SER A 28 9.96 -9.82 3.38
CA SER A 28 10.44 -11.13 2.94
C SER A 28 9.52 -11.70 1.86
N ILE A 29 10.12 -12.30 0.85
CA ILE A 29 9.37 -12.90 -0.25
C ILE A 29 8.45 -14.01 0.26
N LEU A 30 8.78 -14.55 1.42
CA LEU A 30 7.98 -15.62 2.02
C LEU A 30 6.72 -15.06 2.67
N LYS A 31 6.84 -13.88 3.27
CA LYS A 31 5.71 -13.24 3.92
C LYS A 31 4.84 -12.49 2.92
N LEU A 32 5.50 -11.78 1.99
CA LEU A 32 4.79 -11.02 0.97
C LEU A 32 3.50 -11.73 0.56
N LYS A 33 3.62 -12.99 0.14
CA LYS A 33 2.47 -13.77 -0.27
C LYS A 33 1.28 -13.53 0.66
N GLU A 34 1.54 -13.57 1.97
CA GLU A 34 0.49 -13.35 2.95
C GLU A 34 0.23 -11.86 3.15
N HIS A 35 1.30 -11.11 3.40
CA HIS A 35 1.19 -9.67 3.60
C HIS A 35 0.36 -9.02 2.49
N GLU A 36 0.89 -9.08 1.27
CA GLU A 36 0.21 -8.50 0.12
C GLU A 36 -1.30 -8.72 0.21
N ASP A 37 -1.69 -9.97 0.43
CA ASP A 37 -3.11 -10.32 0.53
C ASP A 37 -3.84 -9.34 1.44
N TYR A 38 -3.19 -8.97 2.55
CA TYR A 38 -3.78 -8.04 3.51
C TYR A 38 -3.65 -6.60 3.02
N CYS A 39 -2.46 -6.25 2.54
CA CYS A 39 -2.19 -4.91 2.05
C CYS A 39 -3.40 -4.37 1.27
N GLY A 40 -4.00 -5.23 0.46
CA GLY A 40 -5.16 -4.82 -0.33
C GLY A 40 -6.46 -5.06 0.40
N ALA A 41 -6.72 -6.33 0.76
CA ALA A 41 -7.94 -6.68 1.46
C ALA A 41 -8.31 -5.64 2.50
N ARG A 42 -7.29 -5.03 3.10
CA ARG A 42 -7.51 -3.99 4.11
C ARG A 42 -8.42 -2.89 3.58
N THR A 43 -8.71 -1.91 4.43
CA THR A 43 -9.56 -0.79 4.05
C THR A 43 -8.97 0.54 4.54
N GLU A 44 -9.09 1.56 3.69
CA GLU A 44 -8.57 2.89 4.04
C GLU A 44 -9.68 3.94 3.96
N LEU A 45 -9.54 5.00 4.75
CA LEU A 45 -10.52 6.08 4.78
C LEU A 45 -10.20 7.12 3.71
N CYS A 46 -11.08 7.24 2.73
CA CYS A 46 -10.90 8.21 1.66
C CYS A 46 -11.13 9.64 2.16
N GLY A 47 -10.51 10.60 1.50
CA GLY A 47 -10.66 11.99 1.89
C GLY A 47 -11.71 12.72 1.06
N ASN A 48 -11.94 12.23 -0.16
CA ASN A 48 -12.93 12.84 -1.05
C ASN A 48 -14.34 12.47 -0.63
N CYS A 49 -14.68 11.20 -0.73
CA CYS A 49 -16.00 10.71 -0.36
C CYS A 49 -16.10 10.50 1.15
N GLY A 50 -15.14 9.74 1.70
CA GLY A 50 -15.14 9.47 3.12
C GLY A 50 -15.69 8.10 3.46
N ARG A 51 -15.33 7.11 2.64
CA ARG A 51 -15.79 5.74 2.85
C ARG A 51 -14.61 4.78 2.88
N ASN A 52 -14.85 3.59 3.43
CA ASN A 52 -13.80 2.57 3.54
C ASN A 52 -13.60 1.87 2.20
N VAL A 53 -12.46 2.11 1.56
CA VAL A 53 -12.15 1.50 0.28
C VAL A 53 -10.87 0.67 0.36
N LEU A 54 -10.91 -0.53 -0.21
CA LEU A 54 -9.75 -1.41 -0.20
C LEU A 54 -8.55 -0.76 -0.90
N VAL A 55 -7.36 -1.02 -0.37
CA VAL A 55 -6.14 -0.46 -0.93
C VAL A 55 -5.92 -0.93 -2.36
N LYS A 56 -6.04 -2.25 -2.56
CA LYS A 56 -5.85 -2.83 -3.89
C LYS A 56 -6.84 -2.23 -4.89
N ASP A 57 -7.98 -1.77 -4.39
CA ASP A 57 -9.01 -1.17 -5.24
C ASP A 57 -8.81 0.34 -5.34
N LEU A 58 -8.24 0.93 -4.29
CA LEU A 58 -8.00 2.37 -4.26
C LEU A 58 -7.28 2.82 -5.52
N LYS A 59 -6.68 1.88 -6.23
CA LYS A 59 -5.95 2.17 -7.45
C LYS A 59 -6.88 2.81 -8.49
N THR A 60 -8.07 2.25 -8.62
CA THR A 60 -9.05 2.76 -9.58
C THR A 60 -10.30 3.28 -8.87
N HIS A 61 -10.18 3.52 -7.57
CA HIS A 61 -11.30 4.02 -6.77
C HIS A 61 -11.65 5.45 -7.16
N PRO A 62 -10.62 6.28 -7.38
CA PRO A 62 -10.80 7.68 -7.76
C PRO A 62 -11.80 7.85 -8.90
N GLU A 63 -11.91 6.82 -9.74
CA GLU A 63 -12.83 6.87 -10.87
C GLU A 63 -14.28 6.95 -10.38
N VAL A 64 -14.69 5.97 -9.58
CA VAL A 64 -16.04 5.93 -9.06
C VAL A 64 -16.11 6.54 -7.67
N CYS A 65 -15.06 7.28 -7.29
CA CYS A 65 -15.00 7.92 -5.99
C CYS A 65 -15.82 9.21 -5.97
N GLY A 66 -17.00 9.15 -5.38
CA GLY A 66 -17.85 10.32 -5.31
C GLY A 66 -18.19 10.87 -6.68
N ARG A 67 -18.68 10.01 -7.57
CA ARG A 67 -19.05 10.43 -8.91
C ARG A 67 -20.40 11.12 -8.93
N GLU A 68 -21.41 10.46 -8.38
CA GLU A 68 -22.76 11.01 -8.32
C GLU A 68 -22.75 12.39 -7.67
N GLY A 69 -22.35 12.43 -6.40
CA GLY A 69 -22.31 13.69 -5.68
C GLY A 69 -23.20 13.68 -4.45
N SER A 70 -23.83 14.82 -4.18
CA SER A 70 -24.71 14.94 -3.01
C SER A 70 -25.80 15.97 -3.26
N GLY A 71 -26.97 15.74 -2.69
CA GLY A 71 -28.08 16.66 -2.86
C GLY A 71 -28.47 17.34 -1.57
N PRO A 72 -27.78 18.44 -1.24
CA PRO A 72 -28.04 19.22 -0.02
C PRO A 72 -29.38 19.96 -0.07
N SER A 73 -30.12 19.75 -1.16
CA SER A 73 -31.42 20.40 -1.34
C SER A 73 -32.19 20.42 -0.02
N SER A 74 -32.48 19.24 0.51
CA SER A 74 -33.22 19.12 1.76
C SER A 74 -32.32 19.39 2.96
N GLY A 75 -31.23 18.63 3.04
CA GLY A 75 -30.30 18.80 4.15
C GLY A 75 -29.48 20.07 4.01
N GLY A 1 42.79 20.93 18.95
CA GLY A 1 41.84 19.84 19.10
C GLY A 1 41.24 19.40 17.79
N SER A 2 41.67 18.25 17.29
CA SER A 2 41.18 17.72 16.03
C SER A 2 39.74 17.24 16.16
N SER A 3 38.94 17.46 15.13
CA SER A 3 37.54 17.05 15.12
C SER A 3 37.33 15.81 14.27
N GLY A 4 36.49 14.91 14.75
CA GLY A 4 36.22 13.68 14.01
C GLY A 4 36.12 12.47 14.92
N SER A 5 34.89 12.01 15.15
CA SER A 5 34.67 10.85 16.01
C SER A 5 34.05 9.70 15.22
N SER A 6 34.43 8.48 15.57
CA SER A 6 33.91 7.29 14.89
C SER A 6 32.77 6.67 15.68
N GLY A 7 31.62 6.52 15.03
CA GLY A 7 30.47 5.94 15.67
C GLY A 7 29.31 5.71 14.71
N HIS A 8 29.50 4.79 13.77
CA HIS A 8 28.48 4.48 12.79
C HIS A 8 28.28 2.98 12.67
N GLU A 9 27.08 2.57 12.25
CA GLU A 9 26.76 1.15 12.10
C GLU A 9 26.27 0.86 10.69
N GLU A 10 26.72 -0.26 10.13
CA GLU A 10 26.32 -0.66 8.78
C GLU A 10 25.65 -2.03 8.79
N THR A 11 24.45 -2.10 8.24
CA THR A 11 23.71 -3.36 8.18
C THR A 11 23.49 -3.80 6.74
N GLU A 12 23.52 -5.12 6.52
CA GLU A 12 23.31 -5.67 5.19
C GLU A 12 22.10 -6.59 5.16
N CYS A 13 21.15 -6.27 4.28
CA CYS A 13 19.93 -7.06 4.14
C CYS A 13 19.99 -7.95 2.92
N PRO A 14 19.22 -9.05 2.95
CA PRO A 14 19.18 -10.02 1.84
C PRO A 14 18.49 -9.45 0.61
N LEU A 15 19.06 -9.71 -0.56
CA LEU A 15 18.50 -9.22 -1.81
C LEU A 15 17.28 -10.05 -2.22
N ARG A 16 17.03 -11.12 -1.47
CA ARG A 16 15.90 -12.00 -1.76
C ARG A 16 14.60 -11.40 -1.20
N LEU A 17 14.69 -10.17 -0.72
CA LEU A 17 13.52 -9.48 -0.16
C LEU A 17 12.51 -9.14 -1.25
N ALA A 18 11.23 -9.20 -0.92
CA ALA A 18 10.17 -8.89 -1.87
C ALA A 18 9.43 -7.62 -1.47
N VAL A 19 9.39 -6.65 -2.37
CA VAL A 19 8.72 -5.39 -2.11
C VAL A 19 7.29 -5.40 -2.66
N CYS A 20 6.39 -4.76 -1.93
CA CYS A 20 4.98 -4.70 -2.34
C CYS A 20 4.80 -3.75 -3.51
N GLN A 21 3.68 -3.89 -4.20
CA GLN A 21 3.38 -3.03 -5.35
C GLN A 21 2.42 -1.91 -4.98
N HIS A 22 1.66 -2.14 -3.90
CA HIS A 22 0.70 -1.15 -3.42
C HIS A 22 1.34 -0.23 -2.38
N CYS A 23 1.82 -0.80 -1.29
CA CYS A 23 2.46 -0.04 -0.23
C CYS A 23 3.92 0.25 -0.56
N ASP A 24 4.53 -0.66 -1.32
CA ASP A 24 5.93 -0.51 -1.71
C ASP A 24 6.84 -0.56 -0.48
N LEU A 25 6.60 -1.52 0.39
CA LEU A 25 7.39 -1.68 1.60
C LEU A 25 8.29 -2.90 1.51
N GLU A 26 9.42 -2.87 2.22
CA GLU A 26 10.36 -3.97 2.21
C GLU A 26 9.87 -5.11 3.09
N LEU A 27 9.78 -6.31 2.51
CA LEU A 27 9.33 -7.48 3.25
C LEU A 27 10.00 -8.74 2.74
N SER A 28 9.72 -9.87 3.38
CA SER A 28 10.30 -11.15 2.99
C SER A 28 9.55 -11.75 1.80
N ILE A 29 10.20 -12.66 1.10
CA ILE A 29 9.59 -13.31 -0.06
C ILE A 29 8.58 -14.36 0.37
N LEU A 30 8.88 -15.03 1.49
CA LEU A 30 7.98 -16.06 2.01
C LEU A 30 6.73 -15.45 2.63
N LYS A 31 6.90 -14.30 3.27
CA LYS A 31 5.79 -13.61 3.91
C LYS A 31 5.04 -12.74 2.89
N LEU A 32 5.79 -12.07 2.03
CA LEU A 32 5.20 -11.21 1.01
C LEU A 32 3.87 -11.76 0.53
N LYS A 33 3.92 -12.91 -0.14
CA LYS A 33 2.72 -13.56 -0.65
C LYS A 33 1.54 -13.38 0.32
N GLU A 34 1.82 -13.54 1.61
CA GLU A 34 0.79 -13.39 2.63
C GLU A 34 0.51 -11.92 2.90
N HIS A 35 1.56 -11.12 2.99
CA HIS A 35 1.42 -9.68 3.24
C HIS A 35 0.47 -9.05 2.23
N GLU A 36 0.81 -9.17 0.95
CA GLU A 36 0.00 -8.60 -0.11
C GLU A 36 -1.49 -8.80 0.18
N ASP A 37 -1.90 -10.06 0.31
CA ASP A 37 -3.29 -10.38 0.60
C ASP A 37 -3.88 -9.41 1.61
N TYR A 38 -3.13 -9.14 2.67
CA TYR A 38 -3.58 -8.23 3.72
C TYR A 38 -3.51 -6.78 3.25
N CYS A 39 -2.34 -6.38 2.78
CA CYS A 39 -2.14 -5.02 2.30
C CYS A 39 -3.40 -4.49 1.60
N GLY A 40 -3.72 -5.10 0.46
CA GLY A 40 -4.90 -4.67 -0.29
C GLY A 40 -6.13 -4.57 0.59
N ALA A 41 -6.45 -5.65 1.30
CA ALA A 41 -7.60 -5.66 2.18
C ALA A 41 -7.74 -4.36 2.95
N ARG A 42 -6.60 -3.74 3.25
CA ARG A 42 -6.59 -2.48 3.98
C ARG A 42 -7.52 -1.46 3.33
N THR A 43 -7.71 -0.32 3.99
CA THR A 43 -8.58 0.73 3.49
C THR A 43 -8.12 2.10 3.96
N GLU A 44 -8.13 3.08 3.06
CA GLU A 44 -7.73 4.43 3.38
C GLU A 44 -8.88 5.42 3.19
N LEU A 45 -9.02 6.34 4.15
CA LEU A 45 -10.08 7.33 4.08
C LEU A 45 -9.80 8.37 2.99
N CYS A 46 -10.57 8.30 1.91
CA CYS A 46 -10.41 9.23 0.80
C CYS A 46 -10.71 10.66 1.24
N GLY A 47 -10.14 11.63 0.53
CA GLY A 47 -10.36 13.03 0.86
C GLY A 47 -11.46 13.66 0.03
N ASN A 48 -11.65 13.14 -1.18
CA ASN A 48 -12.67 13.65 -2.08
C ASN A 48 -14.07 13.28 -1.58
N CYS A 49 -14.33 11.98 -1.51
CA CYS A 49 -15.64 11.50 -1.05
C CYS A 49 -15.66 11.39 0.48
N GLY A 50 -14.64 10.76 1.05
CA GLY A 50 -14.58 10.61 2.49
C GLY A 50 -15.04 9.24 2.95
N ARG A 51 -14.78 8.22 2.13
CA ARG A 51 -15.18 6.86 2.46
C ARG A 51 -14.00 5.91 2.35
N ASN A 52 -13.95 4.92 3.25
CA ASN A 52 -12.87 3.95 3.25
C ASN A 52 -12.97 3.01 2.06
N VAL A 53 -11.91 2.93 1.28
CA VAL A 53 -11.89 2.06 0.10
C VAL A 53 -10.65 1.18 0.09
N LEU A 54 -10.80 -0.05 -0.37
CA LEU A 54 -9.70 -1.00 -0.43
C LEU A 54 -8.55 -0.45 -1.28
N VAL A 55 -7.32 -0.66 -0.82
CA VAL A 55 -6.14 -0.18 -1.54
C VAL A 55 -6.14 -0.68 -2.97
N LYS A 56 -6.50 -1.95 -3.16
CA LYS A 56 -6.54 -2.55 -4.49
C LYS A 56 -7.65 -1.93 -5.33
N ASP A 57 -8.76 -1.60 -4.68
CA ASP A 57 -9.90 -1.00 -5.38
C ASP A 57 -9.56 0.41 -5.86
N LEU A 58 -8.84 1.15 -5.03
CA LEU A 58 -8.44 2.52 -5.38
C LEU A 58 -8.18 2.64 -6.87
N LYS A 59 -7.66 1.58 -7.47
CA LYS A 59 -7.37 1.56 -8.90
C LYS A 59 -8.51 2.18 -9.69
N THR A 60 -9.73 1.72 -9.44
CA THR A 60 -10.91 2.22 -10.14
C THR A 60 -11.88 2.88 -9.16
N HIS A 61 -11.39 3.22 -7.98
CA HIS A 61 -12.21 3.85 -6.96
C HIS A 61 -12.85 5.12 -7.50
N PRO A 62 -12.06 5.92 -8.22
CA PRO A 62 -12.53 7.19 -8.82
C PRO A 62 -13.86 7.02 -9.55
N GLU A 63 -14.15 5.80 -9.96
CA GLU A 63 -15.40 5.50 -10.67
C GLU A 63 -16.61 5.78 -9.79
N VAL A 64 -16.45 5.57 -8.49
CA VAL A 64 -17.53 5.79 -7.53
C VAL A 64 -17.29 7.06 -6.73
N CYS A 65 -16.02 7.39 -6.49
CA CYS A 65 -15.67 8.58 -5.74
C CYS A 65 -16.35 9.81 -6.32
N GLY A 66 -16.52 10.84 -5.48
CA GLY A 66 -17.16 12.06 -5.93
C GLY A 66 -18.60 11.84 -6.33
N ARG A 67 -19.45 11.52 -5.35
CA ARG A 67 -20.86 11.29 -5.61
C ARG A 67 -21.68 11.50 -4.34
N GLU A 68 -22.58 12.48 -4.39
CA GLU A 68 -23.43 12.80 -3.24
C GLU A 68 -22.59 13.03 -1.99
N GLY A 69 -21.43 13.66 -2.16
CA GLY A 69 -20.55 13.93 -1.04
C GLY A 69 -19.28 14.64 -1.45
N SER A 70 -19.43 15.78 -2.13
CA SER A 70 -18.29 16.55 -2.59
C SER A 70 -18.63 18.04 -2.67
N GLY A 71 -17.61 18.87 -2.91
CA GLY A 71 -17.83 20.30 -3.01
C GLY A 71 -17.75 20.80 -4.43
N PRO A 72 -16.59 21.35 -4.80
CA PRO A 72 -16.37 21.88 -6.15
C PRO A 72 -16.28 20.78 -7.20
N SER A 73 -17.44 20.40 -7.75
CA SER A 73 -17.49 19.36 -8.77
C SER A 73 -18.29 19.83 -9.98
N SER A 74 -18.04 19.19 -11.12
CA SER A 74 -18.73 19.55 -12.36
C SER A 74 -19.14 18.30 -13.13
N GLY A 75 -20.35 18.32 -13.67
CA GLY A 75 -20.85 17.18 -14.43
C GLY A 75 -21.91 16.40 -13.67
N GLY A 1 28.76 -0.18 27.54
CA GLY A 1 29.11 1.14 28.01
C GLY A 1 28.27 2.23 27.38
N SER A 2 28.02 3.31 28.12
CA SER A 2 27.22 4.42 27.62
C SER A 2 28.05 5.32 26.71
N SER A 3 29.26 5.65 27.15
CA SER A 3 30.14 6.50 26.36
C SER A 3 31.39 5.75 25.92
N GLY A 4 31.78 5.93 24.67
CA GLY A 4 32.95 5.25 24.15
C GLY A 4 32.60 4.16 23.16
N SER A 5 31.68 4.46 22.25
CA SER A 5 31.25 3.48 21.25
C SER A 5 32.35 3.24 20.23
N SER A 6 32.50 1.97 19.83
CA SER A 6 33.51 1.59 18.86
C SER A 6 32.95 1.62 17.44
N GLY A 7 31.76 1.07 17.26
CA GLY A 7 31.14 1.04 15.96
C GLY A 7 31.65 -0.08 15.09
N HIS A 8 30.74 -0.75 14.38
CA HIS A 8 31.12 -1.85 13.51
C HIS A 8 29.99 -2.17 12.52
N GLU A 9 30.26 -3.08 11.60
CA GLU A 9 29.27 -3.47 10.59
C GLU A 9 28.66 -4.83 10.93
N GLU A 10 27.40 -5.01 10.58
CA GLU A 10 26.70 -6.26 10.85
C GLU A 10 26.93 -7.26 9.71
N THR A 11 27.24 -8.50 10.08
CA THR A 11 27.49 -9.55 9.09
C THR A 11 26.29 -9.73 8.18
N GLU A 12 26.44 -9.35 6.91
CA GLU A 12 25.37 -9.47 5.94
C GLU A 12 25.22 -10.92 5.48
N CYS A 13 23.98 -11.32 5.22
CA CYS A 13 23.70 -12.69 4.77
C CYS A 13 22.98 -12.68 3.43
N PRO A 14 23.34 -13.64 2.56
CA PRO A 14 22.74 -13.77 1.22
C PRO A 14 21.30 -14.22 1.28
N LEU A 15 20.38 -13.27 1.13
CA LEU A 15 18.95 -13.57 1.17
C LEU A 15 18.16 -12.57 0.32
N ARG A 16 17.43 -13.09 -0.66
CA ARG A 16 16.62 -12.24 -1.53
C ARG A 16 15.38 -11.73 -0.82
N LEU A 17 14.95 -10.52 -1.17
CA LEU A 17 13.78 -9.92 -0.56
C LEU A 17 12.78 -9.45 -1.61
N ALA A 18 11.52 -9.32 -1.22
CA ALA A 18 10.47 -8.88 -2.13
C ALA A 18 9.85 -7.57 -1.67
N VAL A 19 9.36 -6.78 -2.62
CA VAL A 19 8.74 -5.50 -2.31
C VAL A 19 7.32 -5.44 -2.85
N CYS A 20 6.41 -4.85 -2.08
CA CYS A 20 5.02 -4.72 -2.48
C CYS A 20 4.85 -3.59 -3.50
N GLN A 21 3.74 -3.62 -4.22
CA GLN A 21 3.46 -2.60 -5.22
C GLN A 21 2.46 -1.57 -4.70
N HIS A 22 1.73 -1.95 -3.66
CA HIS A 22 0.74 -1.07 -3.06
C HIS A 22 1.37 -0.18 -1.99
N CYS A 23 1.93 -0.81 -0.96
CA CYS A 23 2.58 -0.07 0.12
C CYS A 23 4.02 0.27 -0.23
N ASP A 24 4.62 -0.54 -1.11
CA ASP A 24 6.00 -0.32 -1.52
C ASP A 24 6.95 -0.45 -0.34
N LEU A 25 6.77 -1.50 0.44
CA LEU A 25 7.62 -1.74 1.61
C LEU A 25 8.45 -3.00 1.42
N GLU A 26 9.64 -3.02 2.03
CA GLU A 26 10.53 -4.17 1.93
C GLU A 26 10.15 -5.24 2.94
N LEU A 27 9.92 -6.46 2.45
CA LEU A 27 9.55 -7.57 3.31
C LEU A 27 10.12 -8.88 2.78
N SER A 28 10.01 -9.94 3.58
CA SER A 28 10.52 -11.25 3.19
C SER A 28 9.61 -11.91 2.16
N ILE A 29 10.19 -12.29 1.03
CA ILE A 29 9.44 -12.93 -0.04
C ILE A 29 8.46 -13.96 0.52
N LEU A 30 8.86 -14.63 1.59
CA LEU A 30 8.02 -15.64 2.21
C LEU A 30 6.74 -15.02 2.78
N LYS A 31 6.89 -13.86 3.42
CA LYS A 31 5.75 -13.16 4.01
C LYS A 31 4.96 -12.42 2.93
N LEU A 32 5.67 -11.82 1.99
CA LEU A 32 5.03 -11.08 0.91
C LEU A 32 3.71 -11.73 0.51
N LYS A 33 3.79 -12.97 0.02
CA LYS A 33 2.61 -13.71 -0.40
C LYS A 33 1.42 -13.37 0.51
N GLU A 34 1.55 -13.71 1.78
CA GLU A 34 0.47 -13.45 2.75
C GLU A 34 0.22 -11.95 2.87
N HIS A 35 1.27 -11.20 3.16
CA HIS A 35 1.16 -9.74 3.30
C HIS A 35 0.24 -9.16 2.24
N GLU A 36 0.63 -9.32 0.97
CA GLU A 36 -0.16 -8.80 -0.15
C GLU A 36 -1.65 -8.91 0.15
N ASP A 37 -2.10 -10.10 0.51
CA ASP A 37 -3.50 -10.33 0.83
C ASP A 37 -4.04 -9.26 1.77
N TYR A 38 -3.26 -8.95 2.80
CA TYR A 38 -3.65 -7.95 3.78
C TYR A 38 -3.60 -6.55 3.18
N CYS A 39 -2.47 -6.23 2.55
CA CYS A 39 -2.28 -4.93 1.93
C CYS A 39 -3.50 -4.54 1.10
N GLY A 40 -3.90 -5.43 0.19
CA GLY A 40 -5.04 -5.16 -0.66
C GLY A 40 -6.34 -5.14 0.13
N ALA A 41 -6.46 -6.05 1.08
CA ALA A 41 -7.67 -6.14 1.90
C ALA A 41 -7.65 -5.09 3.02
N ARG A 42 -6.64 -4.23 3.00
CA ARG A 42 -6.51 -3.19 4.01
C ARG A 42 -7.09 -1.87 3.52
N THR A 43 -7.67 -1.11 4.44
CA THR A 43 -8.28 0.17 4.09
C THR A 43 -7.45 1.33 4.63
N GLU A 44 -7.70 2.52 4.12
CA GLU A 44 -6.98 3.72 4.55
C GLU A 44 -7.91 4.93 4.63
N LEU A 45 -7.66 5.79 5.60
CA LEU A 45 -8.48 6.99 5.79
C LEU A 45 -8.08 8.07 4.79
N CYS A 46 -8.95 8.33 3.82
CA CYS A 46 -8.69 9.34 2.81
C CYS A 46 -8.65 10.74 3.44
N GLY A 47 -7.94 11.65 2.79
CA GLY A 47 -7.84 13.01 3.29
C GLY A 47 -8.87 13.94 2.69
N ASN A 48 -9.32 13.61 1.47
CA ASN A 48 -10.30 14.43 0.79
C ASN A 48 -11.68 14.25 1.41
N CYS A 49 -12.20 13.03 1.37
CA CYS A 49 -13.51 12.73 1.92
C CYS A 49 -13.41 12.43 3.42
N GLY A 50 -12.50 11.53 3.78
CA GLY A 50 -12.31 11.17 5.17
C GLY A 50 -12.93 9.84 5.52
N ARG A 51 -12.83 8.89 4.60
CA ARG A 51 -13.40 7.55 4.81
C ARG A 51 -12.34 6.48 4.59
N ASN A 52 -12.69 5.24 4.93
CA ASN A 52 -11.77 4.12 4.78
C ASN A 52 -12.07 3.35 3.50
N VAL A 53 -11.10 3.34 2.58
CA VAL A 53 -11.27 2.63 1.31
C VAL A 53 -10.14 1.64 1.09
N LEU A 54 -10.48 0.45 0.60
CA LEU A 54 -9.49 -0.59 0.35
C LEU A 54 -8.38 -0.07 -0.55
N VAL A 55 -7.13 -0.31 -0.14
CA VAL A 55 -5.97 0.14 -0.91
C VAL A 55 -6.15 -0.17 -2.39
N LYS A 56 -6.50 -1.41 -2.70
CA LYS A 56 -6.70 -1.83 -4.08
C LYS A 56 -7.57 -0.82 -4.84
N ASP A 57 -8.54 -0.24 -4.13
CA ASP A 57 -9.43 0.74 -4.73
C ASP A 57 -8.83 2.14 -4.67
N LEU A 58 -8.13 2.43 -3.57
CA LEU A 58 -7.50 3.74 -3.38
C LEU A 58 -6.84 4.22 -4.68
N LYS A 59 -6.49 3.26 -5.54
CA LYS A 59 -5.86 3.58 -6.81
C LYS A 59 -6.74 4.50 -7.65
N THR A 60 -8.01 4.12 -7.78
CA THR A 60 -8.97 4.91 -8.56
C THR A 60 -10.06 5.49 -7.66
N HIS A 61 -9.79 5.53 -6.36
CA HIS A 61 -10.74 6.08 -5.40
C HIS A 61 -10.95 7.56 -5.63
N PRO A 62 -9.86 8.29 -5.89
CA PRO A 62 -9.89 9.73 -6.14
C PRO A 62 -10.98 10.12 -7.14
N GLU A 63 -11.17 9.29 -8.15
CA GLU A 63 -12.17 9.54 -9.17
C GLU A 63 -13.55 9.68 -8.55
N VAL A 64 -13.99 8.64 -7.84
CA VAL A 64 -15.29 8.65 -7.19
C VAL A 64 -15.19 9.12 -5.75
N CYS A 65 -14.07 9.76 -5.42
CA CYS A 65 -13.85 10.26 -4.07
C CYS A 65 -14.75 11.46 -3.77
N GLY A 66 -15.74 11.24 -2.91
CA GLY A 66 -16.66 12.30 -2.55
C GLY A 66 -17.34 12.91 -3.77
N ARG A 67 -17.74 12.05 -4.70
CA ARG A 67 -18.41 12.51 -5.91
C ARG A 67 -19.91 12.66 -5.68
N GLU A 68 -20.49 11.72 -4.94
CA GLU A 68 -21.92 11.75 -4.65
C GLU A 68 -22.18 12.31 -3.26
N GLY A 69 -23.29 13.02 -3.10
CA GLY A 69 -23.63 13.59 -1.82
C GLY A 69 -22.87 14.89 -1.54
N SER A 70 -23.60 15.91 -1.10
CA SER A 70 -23.00 17.20 -0.80
C SER A 70 -21.61 17.03 -0.21
N GLY A 71 -21.56 16.48 1.01
CA GLY A 71 -20.29 16.27 1.67
C GLY A 71 -20.10 17.18 2.88
N PRO A 72 -19.28 18.23 2.71
CA PRO A 72 -18.99 19.19 3.78
C PRO A 72 -20.20 20.07 4.10
N SER A 73 -20.39 20.35 5.38
CA SER A 73 -21.51 21.17 5.82
C SER A 73 -21.23 22.65 5.58
N SER A 74 -22.30 23.44 5.44
CA SER A 74 -22.16 24.87 5.21
C SER A 74 -23.39 25.62 5.68
N GLY A 75 -23.19 26.57 6.59
CA GLY A 75 -24.30 27.35 7.12
C GLY A 75 -25.23 27.83 6.03
N GLY A 1 11.11 16.53 -3.62
CA GLY A 1 12.01 17.15 -4.59
C GLY A 1 12.18 16.30 -5.84
N SER A 2 13.04 16.75 -6.73
CA SER A 2 13.30 16.03 -7.99
C SER A 2 14.39 14.98 -7.79
N SER A 3 14.30 13.90 -8.57
CA SER A 3 15.28 12.82 -8.49
C SER A 3 16.40 13.02 -9.51
N GLY A 4 17.47 12.25 -9.36
CA GLY A 4 18.60 12.36 -10.28
C GLY A 4 19.05 11.00 -10.78
N SER A 5 19.85 10.32 -9.98
CA SER A 5 20.37 9.01 -10.36
C SER A 5 19.64 7.89 -9.62
N SER A 6 19.93 6.65 -9.98
CA SER A 6 19.29 5.50 -9.35
C SER A 6 20.34 4.57 -8.73
N GLY A 7 19.87 3.65 -7.89
CA GLY A 7 20.77 2.71 -7.24
C GLY A 7 21.90 3.41 -6.52
N HIS A 8 23.13 3.08 -6.89
CA HIS A 8 24.31 3.68 -6.27
C HIS A 8 24.24 3.55 -4.74
N GLU A 9 23.84 2.38 -4.28
CA GLU A 9 23.74 2.12 -2.85
C GLU A 9 23.97 0.64 -2.53
N GLU A 10 24.30 0.35 -1.29
CA GLU A 10 24.55 -1.02 -0.86
C GLU A 10 23.56 -1.44 0.22
N THR A 11 23.22 -2.73 0.23
CA THR A 11 22.28 -3.27 1.21
C THR A 11 22.87 -4.48 1.93
N GLU A 12 22.88 -4.43 3.26
CA GLU A 12 23.42 -5.53 4.06
C GLU A 12 22.55 -6.77 3.90
N CYS A 13 21.24 -6.59 3.97
CA CYS A 13 20.31 -7.70 3.85
C CYS A 13 20.43 -8.36 2.49
N PRO A 14 20.08 -9.66 2.42
CA PRO A 14 20.15 -10.45 1.19
C PRO A 14 19.09 -10.01 0.17
N LEU A 15 19.34 -10.32 -1.10
CA LEU A 15 18.41 -9.97 -2.17
C LEU A 15 17.24 -10.94 -2.21
N ARG A 16 17.13 -11.77 -1.19
CA ARG A 16 16.06 -12.76 -1.11
C ARG A 16 14.78 -12.13 -0.56
N LEU A 17 14.75 -10.79 -0.51
CA LEU A 17 13.59 -10.07 -0.01
C LEU A 17 12.79 -9.46 -1.15
N ALA A 18 11.48 -9.41 -0.98
CA ALA A 18 10.59 -8.85 -2.00
C ALA A 18 9.94 -7.56 -1.50
N VAL A 19 9.38 -6.79 -2.44
CA VAL A 19 8.74 -5.53 -2.10
C VAL A 19 7.34 -5.46 -2.71
N CYS A 20 6.38 -4.99 -1.91
CA CYS A 20 5.00 -4.87 -2.37
C CYS A 20 4.89 -3.84 -3.49
N GLN A 21 3.80 -3.92 -4.25
CA GLN A 21 3.58 -2.99 -5.35
C GLN A 21 2.54 -1.93 -4.97
N HIS A 22 1.74 -2.22 -3.95
CA HIS A 22 0.72 -1.30 -3.49
C HIS A 22 1.28 -0.36 -2.42
N CYS A 23 1.85 -0.93 -1.37
CA CYS A 23 2.42 -0.15 -0.28
C CYS A 23 3.89 0.16 -0.56
N ASP A 24 4.53 -0.68 -1.34
CA ASP A 24 5.94 -0.50 -1.68
C ASP A 24 6.81 -0.58 -0.43
N LEU A 25 6.53 -1.55 0.42
CA LEU A 25 7.29 -1.73 1.66
C LEU A 25 8.20 -2.96 1.57
N GLU A 26 9.28 -2.93 2.34
CA GLU A 26 10.23 -4.04 2.33
C GLU A 26 9.70 -5.21 3.17
N LEU A 27 9.65 -6.39 2.54
CA LEU A 27 9.17 -7.59 3.23
C LEU A 27 9.89 -8.83 2.71
N SER A 28 9.78 -9.92 3.45
CA SER A 28 10.42 -11.18 3.07
C SER A 28 9.65 -11.85 1.94
N ILE A 29 10.38 -12.27 0.90
CA ILE A 29 9.77 -12.93 -0.24
C ILE A 29 8.72 -13.95 0.21
N LEU A 30 9.00 -14.64 1.30
CA LEU A 30 8.09 -15.64 1.83
C LEU A 30 6.86 -14.98 2.47
N LYS A 31 7.10 -13.94 3.27
CA LYS A 31 6.02 -13.22 3.92
C LYS A 31 5.45 -12.15 3.01
N LEU A 32 5.84 -12.18 1.74
CA LEU A 32 5.36 -11.21 0.76
C LEU A 32 3.93 -11.55 0.32
N LYS A 33 3.75 -12.77 -0.17
CA LYS A 33 2.43 -13.22 -0.62
C LYS A 33 1.37 -12.99 0.45
N GLU A 34 1.54 -13.66 1.59
CA GLU A 34 0.60 -13.52 2.69
C GLU A 34 0.33 -12.06 3.01
N HIS A 35 1.38 -11.24 2.96
CA HIS A 35 1.25 -9.82 3.22
C HIS A 35 0.31 -9.15 2.22
N GLU A 36 0.69 -9.21 0.95
CA GLU A 36 -0.11 -8.61 -0.11
C GLU A 36 -1.61 -8.81 0.16
N ASP A 37 -1.99 -10.06 0.41
CA ASP A 37 -3.38 -10.38 0.68
C ASP A 37 -4.00 -9.37 1.64
N TYR A 38 -3.29 -9.07 2.71
CA TYR A 38 -3.76 -8.12 3.71
C TYR A 38 -3.57 -6.69 3.23
N CYS A 39 -2.39 -6.40 2.71
CA CYS A 39 -2.07 -5.06 2.21
C CYS A 39 -3.29 -4.42 1.55
N GLY A 40 -3.84 -5.13 0.56
CA GLY A 40 -5.00 -4.63 -0.15
C GLY A 40 -6.25 -4.59 0.72
N ALA A 41 -6.48 -5.68 1.45
CA ALA A 41 -7.64 -5.77 2.33
C ALA A 41 -7.86 -4.47 3.09
N ARG A 42 -6.79 -3.92 3.65
CA ARG A 42 -6.87 -2.68 4.40
C ARG A 42 -7.55 -1.59 3.58
N THR A 43 -8.24 -0.68 4.27
CA THR A 43 -8.94 0.41 3.59
C THR A 43 -8.49 1.77 4.15
N GLU A 44 -8.57 2.80 3.31
CA GLU A 44 -8.18 4.14 3.72
C GLU A 44 -9.36 5.11 3.60
N LEU A 45 -9.55 5.92 4.63
CA LEU A 45 -10.64 6.90 4.65
C LEU A 45 -10.29 8.12 3.80
N CYS A 46 -10.88 8.19 2.62
CA CYS A 46 -10.64 9.32 1.72
C CYS A 46 -11.10 10.63 2.33
N GLY A 47 -10.64 11.74 1.77
CA GLY A 47 -11.01 13.04 2.29
C GLY A 47 -12.15 13.67 1.51
N ASN A 48 -12.26 13.31 0.23
CA ASN A 48 -13.32 13.84 -0.62
C ASN A 48 -14.63 13.10 -0.40
N CYS A 49 -14.64 11.82 -0.76
CA CYS A 49 -15.82 10.98 -0.61
C CYS A 49 -16.03 10.59 0.85
N GLY A 50 -14.93 10.29 1.54
CA GLY A 50 -15.00 9.91 2.93
C GLY A 50 -15.49 8.48 3.12
N ARG A 51 -15.20 7.63 2.14
CA ARG A 51 -15.62 6.23 2.19
C ARG A 51 -14.40 5.31 2.27
N ASN A 52 -14.55 4.20 3.00
CA ASN A 52 -13.47 3.24 3.15
C ASN A 52 -13.17 2.54 1.82
N VAL A 53 -11.95 2.73 1.32
CA VAL A 53 -11.53 2.12 0.06
C VAL A 53 -10.29 1.25 0.25
N LEU A 54 -10.32 0.05 -0.30
CA LEU A 54 -9.20 -0.86 -0.20
C LEU A 54 -7.94 -0.26 -0.81
N VAL A 55 -6.79 -0.56 -0.21
CA VAL A 55 -5.51 -0.05 -0.70
C VAL A 55 -5.34 -0.34 -2.19
N LYS A 56 -5.40 -1.62 -2.54
CA LYS A 56 -5.25 -2.04 -3.93
C LYS A 56 -6.13 -1.20 -4.84
N ASP A 57 -7.26 -0.75 -4.33
CA ASP A 57 -8.18 0.07 -5.10
C ASP A 57 -7.69 1.51 -5.21
N LEU A 58 -7.23 2.05 -4.09
CA LEU A 58 -6.72 3.43 -4.06
C LEU A 58 -6.00 3.77 -5.36
N LYS A 59 -5.39 2.77 -5.97
CA LYS A 59 -4.67 2.95 -7.23
C LYS A 59 -5.57 3.59 -8.28
N THR A 60 -6.74 2.98 -8.50
CA THR A 60 -7.69 3.48 -9.48
C THR A 60 -8.96 3.99 -8.80
N HIS A 61 -8.87 4.25 -7.50
CA HIS A 61 -10.01 4.74 -6.74
C HIS A 61 -10.44 6.12 -7.23
N PRO A 62 -9.45 6.98 -7.51
CA PRO A 62 -9.69 8.34 -8.00
C PRO A 62 -10.71 8.37 -9.14
N GLU A 63 -10.76 7.29 -9.90
CA GLU A 63 -11.68 7.20 -11.03
C GLU A 63 -13.13 7.39 -10.56
N VAL A 64 -13.56 6.55 -9.63
CA VAL A 64 -14.92 6.62 -9.11
C VAL A 64 -14.95 7.33 -7.76
N CYS A 65 -13.85 8.02 -7.44
CA CYS A 65 -13.75 8.74 -6.17
C CYS A 65 -14.73 9.91 -6.14
N GLY A 66 -15.46 10.04 -5.04
CA GLY A 66 -16.42 11.11 -4.90
C GLY A 66 -17.53 11.03 -5.93
N ARG A 67 -18.07 9.83 -6.13
CA ARG A 67 -19.15 9.62 -7.09
C ARG A 67 -20.46 10.15 -6.54
N GLU A 68 -20.85 9.68 -5.36
CA GLU A 68 -22.10 10.10 -4.74
C GLU A 68 -21.82 11.05 -3.57
N GLY A 69 -22.70 12.02 -3.40
CA GLY A 69 -22.54 12.99 -2.33
C GLY A 69 -23.75 13.05 -1.41
N SER A 70 -24.84 13.62 -1.91
CA SER A 70 -26.06 13.75 -1.13
C SER A 70 -26.74 12.39 -0.97
N GLY A 71 -27.48 12.23 0.13
CA GLY A 71 -28.17 10.98 0.38
C GLY A 71 -29.61 11.19 0.79
N PRO A 72 -29.83 11.62 2.04
CA PRO A 72 -31.16 11.88 2.58
C PRO A 72 -31.83 13.09 1.95
N SER A 73 -33.11 12.95 1.62
CA SER A 73 -33.86 14.03 1.01
C SER A 73 -35.25 14.17 1.63
N SER A 74 -35.94 15.25 1.29
CA SER A 74 -37.28 15.49 1.82
C SER A 74 -38.26 14.42 1.36
N GLY A 75 -39.06 13.92 2.29
CA GLY A 75 -40.04 12.89 1.96
C GLY A 75 -40.08 11.78 2.98
N GLY A 1 28.80 22.46 8.38
CA GLY A 1 28.57 21.21 7.68
C GLY A 1 29.45 21.07 6.44
N SER A 2 30.72 20.76 6.65
CA SER A 2 31.66 20.60 5.56
C SER A 2 32.26 19.20 5.55
N SER A 3 33.00 18.88 4.49
CA SER A 3 33.62 17.57 4.36
C SER A 3 32.57 16.46 4.36
N GLY A 4 31.47 16.70 3.63
CA GLY A 4 30.41 15.72 3.56
C GLY A 4 30.45 14.91 2.28
N SER A 5 30.97 13.69 2.38
CA SER A 5 31.07 12.81 1.21
C SER A 5 30.37 11.48 1.48
N SER A 6 29.40 11.15 0.62
CA SER A 6 28.66 9.91 0.76
C SER A 6 29.27 8.80 -0.09
N GLY A 7 29.49 9.10 -1.36
CA GLY A 7 30.07 8.12 -2.27
C GLY A 7 29.20 6.89 -2.43
N HIS A 8 28.73 6.66 -3.65
CA HIS A 8 27.87 5.51 -3.94
C HIS A 8 28.71 4.32 -4.40
N GLU A 9 28.50 3.17 -3.77
CA GLU A 9 29.24 1.96 -4.13
C GLU A 9 28.28 0.81 -4.42
N GLU A 10 28.84 -0.33 -4.81
CA GLU A 10 28.04 -1.51 -5.12
C GLU A 10 27.82 -2.37 -3.86
N THR A 11 26.71 -3.10 -3.84
CA THR A 11 26.39 -3.95 -2.71
C THR A 11 27.22 -5.23 -2.74
N GLU A 12 27.62 -5.69 -1.55
CA GLU A 12 28.42 -6.90 -1.44
C GLU A 12 27.54 -8.11 -1.13
N CYS A 13 26.70 -7.97 -0.12
CA CYS A 13 25.79 -9.05 0.28
C CYS A 13 24.52 -9.04 -0.56
N PRO A 14 24.14 -10.22 -1.06
CA PRO A 14 22.94 -10.37 -1.89
C PRO A 14 21.65 -10.18 -1.10
N LEU A 15 20.56 -9.93 -1.80
CA LEU A 15 19.26 -9.72 -1.16
C LEU A 15 18.16 -10.45 -1.92
N ARG A 16 17.41 -11.29 -1.22
CA ARG A 16 16.31 -12.03 -1.84
C ARG A 16 14.96 -11.52 -1.35
N LEU A 17 14.96 -10.33 -0.75
CA LEU A 17 13.74 -9.73 -0.25
C LEU A 17 12.91 -9.13 -1.38
N ALA A 18 11.59 -9.17 -1.22
CA ALA A 18 10.69 -8.63 -2.23
C ALA A 18 9.94 -7.41 -1.71
N VAL A 19 9.58 -6.51 -2.61
CA VAL A 19 8.87 -5.30 -2.23
C VAL A 19 7.43 -5.33 -2.75
N CYS A 20 6.49 -4.97 -1.89
CA CYS A 20 5.08 -4.95 -2.26
C CYS A 20 4.80 -3.91 -3.34
N GLN A 21 3.67 -4.05 -4.03
CA GLN A 21 3.31 -3.12 -5.08
C GLN A 21 2.24 -2.14 -4.60
N HIS A 22 1.54 -2.52 -3.53
CA HIS A 22 0.49 -1.67 -2.96
C HIS A 22 1.08 -0.65 -2.00
N CYS A 23 1.76 -1.14 -0.97
CA CYS A 23 2.38 -0.27 0.03
C CYS A 23 3.78 0.15 -0.40
N ASP A 24 4.43 -0.70 -1.18
CA ASP A 24 5.78 -0.42 -1.66
C ASP A 24 6.78 -0.42 -0.51
N LEU A 25 6.65 -1.40 0.37
CA LEU A 25 7.54 -1.52 1.52
C LEU A 25 8.41 -2.76 1.41
N GLU A 26 9.58 -2.73 2.05
CA GLU A 26 10.50 -3.86 2.01
C GLU A 26 10.03 -4.97 2.96
N LEU A 27 9.85 -6.16 2.41
CA LEU A 27 9.42 -7.31 3.19
C LEU A 27 10.01 -8.60 2.65
N SER A 28 9.84 -9.69 3.39
CA SER A 28 10.36 -10.99 2.99
C SER A 28 9.46 -11.63 1.94
N ILE A 29 10.04 -12.48 1.11
CA ILE A 29 9.30 -13.16 0.06
C ILE A 29 8.37 -14.23 0.65
N LEU A 30 8.78 -14.79 1.77
CA LEU A 30 7.98 -15.82 2.45
C LEU A 30 6.65 -15.25 2.91
N LYS A 31 6.68 -14.05 3.49
CA LYS A 31 5.47 -13.40 3.98
C LYS A 31 4.76 -12.67 2.85
N LEU A 32 5.54 -12.02 1.99
CA LEU A 32 4.98 -11.28 0.86
C LEU A 32 3.73 -11.96 0.32
N LYS A 33 3.83 -13.27 0.07
CA LYS A 33 2.71 -14.03 -0.44
C LYS A 33 1.42 -13.69 0.31
N GLU A 34 1.48 -13.78 1.64
CA GLU A 34 0.32 -13.47 2.47
C GLU A 34 0.13 -11.96 2.61
N HIS A 35 1.20 -11.27 2.98
CA HIS A 35 1.16 -9.83 3.15
C HIS A 35 0.45 -9.16 1.96
N GLU A 36 1.05 -9.28 0.78
CA GLU A 36 0.48 -8.69 -0.42
C GLU A 36 -1.05 -8.74 -0.38
N ASP A 37 -1.58 -9.89 0.03
CA ASP A 37 -3.02 -10.06 0.11
C ASP A 37 -3.64 -9.10 1.13
N TYR A 38 -3.19 -9.21 2.37
CA TYR A 38 -3.69 -8.35 3.44
C TYR A 38 -3.56 -6.88 3.06
N CYS A 39 -2.36 -6.49 2.63
CA CYS A 39 -2.10 -5.11 2.24
C CYS A 39 -3.34 -4.48 1.61
N GLY A 40 -3.84 -5.10 0.54
CA GLY A 40 -5.02 -4.58 -0.14
C GLY A 40 -6.18 -4.38 0.81
N ALA A 41 -6.48 -5.41 1.60
CA ALA A 41 -7.58 -5.35 2.54
C ALA A 41 -7.50 -4.10 3.41
N ARG A 42 -6.28 -3.74 3.81
CA ARG A 42 -6.07 -2.56 4.64
C ARG A 42 -6.69 -1.32 3.99
N THR A 43 -6.91 -0.29 4.80
CA THR A 43 -7.51 0.95 4.31
C THR A 43 -6.55 2.13 4.49
N GLU A 44 -6.74 3.16 3.69
CA GLU A 44 -5.89 4.35 3.76
C GLU A 44 -6.73 5.62 3.65
N LEU A 45 -6.47 6.57 4.54
CA LEU A 45 -7.20 7.83 4.55
C LEU A 45 -6.94 8.62 3.27
N CYS A 46 -7.99 9.17 2.69
CA CYS A 46 -7.88 9.95 1.45
C CYS A 46 -7.71 11.44 1.78
N GLY A 47 -7.10 12.17 0.86
CA GLY A 47 -6.89 13.59 1.04
C GLY A 47 -7.99 14.43 0.44
N ASN A 48 -8.65 13.88 -0.59
CA ASN A 48 -9.72 14.59 -1.27
C ASN A 48 -10.98 14.63 -0.40
N CYS A 49 -11.49 13.44 -0.07
CA CYS A 49 -12.70 13.33 0.75
C CYS A 49 -12.33 13.29 2.24
N GLY A 50 -11.46 12.36 2.60
CA GLY A 50 -11.04 12.23 3.99
C GLY A 50 -11.62 10.99 4.65
N ARG A 51 -11.69 9.90 3.90
CA ARG A 51 -12.23 8.65 4.43
C ARG A 51 -11.24 7.50 4.22
N ASN A 52 -11.47 6.40 4.93
CA ASN A 52 -10.61 5.23 4.82
C ASN A 52 -11.09 4.29 3.71
N VAL A 53 -10.27 4.15 2.66
CA VAL A 53 -10.62 3.28 1.54
C VAL A 53 -9.59 2.18 1.37
N LEU A 54 -10.05 1.01 0.92
CA LEU A 54 -9.16 -0.12 0.71
C LEU A 54 -7.98 0.25 -0.18
N VAL A 55 -6.79 -0.21 0.20
CA VAL A 55 -5.57 0.09 -0.55
C VAL A 55 -5.74 -0.29 -2.03
N LYS A 56 -6.43 -1.40 -2.28
CA LYS A 56 -6.65 -1.87 -3.63
C LYS A 56 -7.64 -0.95 -4.37
N ASP A 57 -8.72 -0.60 -3.69
CA ASP A 57 -9.75 0.27 -4.27
C ASP A 57 -9.15 1.64 -4.62
N LEU A 58 -8.29 2.14 -3.75
CA LEU A 58 -7.65 3.43 -3.96
C LEU A 58 -7.34 3.65 -5.44
N LYS A 59 -7.10 2.56 -6.15
CA LYS A 59 -6.80 2.62 -7.57
C LYS A 59 -7.87 3.39 -8.33
N THR A 60 -9.12 2.95 -8.19
CA THR A 60 -10.24 3.60 -8.85
C THR A 60 -11.12 4.34 -7.86
N HIS A 61 -10.58 4.61 -6.67
CA HIS A 61 -11.31 5.31 -5.63
C HIS A 61 -11.64 6.73 -6.07
N PRO A 62 -10.67 7.40 -6.71
CA PRO A 62 -10.83 8.77 -7.20
C PRO A 62 -12.13 8.97 -7.97
N GLU A 63 -12.55 7.94 -8.69
CA GLU A 63 -13.77 7.99 -9.47
C GLU A 63 -14.96 8.40 -8.60
N VAL A 64 -15.25 7.59 -7.59
CA VAL A 64 -16.35 7.86 -6.67
C VAL A 64 -16.00 8.99 -5.71
N CYS A 65 -14.73 9.03 -5.29
CA CYS A 65 -14.26 10.06 -4.37
C CYS A 65 -14.63 11.46 -4.87
N GLY A 66 -14.93 12.35 -3.94
CA GLY A 66 -15.28 13.71 -4.30
C GLY A 66 -16.55 13.77 -5.14
N ARG A 67 -17.58 13.06 -4.69
CA ARG A 67 -18.86 13.03 -5.40
C ARG A 67 -19.95 13.71 -4.59
N GLU A 68 -19.89 13.55 -3.27
CA GLU A 68 -20.87 14.15 -2.38
C GLU A 68 -20.96 15.66 -2.60
N GLY A 69 -19.80 16.32 -2.61
CA GLY A 69 -19.77 17.76 -2.82
C GLY A 69 -18.71 18.18 -3.80
N SER A 70 -18.14 19.36 -3.59
CA SER A 70 -17.10 19.88 -4.48
C SER A 70 -15.82 20.18 -3.70
N GLY A 71 -14.73 20.38 -4.43
CA GLY A 71 -13.46 20.68 -3.80
C GLY A 71 -13.06 22.13 -3.95
N PRO A 72 -11.82 22.45 -3.57
CA PRO A 72 -11.28 23.81 -3.65
C PRO A 72 -11.05 24.25 -5.09
N SER A 73 -10.70 25.52 -5.28
CA SER A 73 -10.45 26.06 -6.61
C SER A 73 -9.39 27.15 -6.56
N SER A 74 -8.86 27.51 -7.73
CA SER A 74 -7.84 28.54 -7.82
C SER A 74 -8.45 29.93 -7.72
N GLY A 75 -9.46 30.18 -8.55
CA GLY A 75 -10.12 31.48 -8.55
C GLY A 75 -10.96 31.69 -7.30
N GLY A 1 3.65 10.50 32.64
CA GLY A 1 3.40 9.07 32.50
C GLY A 1 2.22 8.79 31.59
N SER A 2 2.46 8.85 30.29
CA SER A 2 1.41 8.59 29.31
C SER A 2 1.34 7.12 28.95
N SER A 3 2.47 6.56 28.51
CA SER A 3 2.53 5.16 28.13
C SER A 3 3.97 4.66 28.13
N GLY A 4 4.15 3.37 27.92
CA GLY A 4 5.49 2.79 27.89
C GLY A 4 5.47 1.28 28.02
N SER A 5 4.88 0.61 27.03
CA SER A 5 4.78 -0.84 27.04
C SER A 5 5.71 -1.44 25.99
N SER A 6 6.54 -0.61 25.39
CA SER A 6 7.48 -1.05 24.36
C SER A 6 8.81 -1.48 24.98
N GLY A 7 9.54 -2.32 24.27
CA GLY A 7 10.82 -2.79 24.76
C GLY A 7 11.85 -2.97 23.65
N HIS A 8 12.97 -3.59 23.99
CA HIS A 8 14.03 -3.82 23.01
C HIS A 8 13.80 -5.13 22.26
N GLU A 9 13.40 -5.02 21.00
CA GLU A 9 13.14 -6.19 20.17
C GLU A 9 13.84 -6.07 18.82
N GLU A 10 14.43 -7.16 18.36
CA GLU A 10 15.13 -7.17 17.08
C GLU A 10 14.75 -8.41 16.26
N THR A 11 14.83 -8.29 14.95
CA THR A 11 14.50 -9.40 14.06
C THR A 11 15.46 -9.46 12.87
N GLU A 12 15.91 -10.66 12.54
CA GLU A 12 16.84 -10.85 11.43
C GLU A 12 16.08 -11.03 10.12
N CYS A 13 16.71 -10.64 9.02
CA CYS A 13 16.10 -10.75 7.70
C CYS A 13 16.87 -11.72 6.82
N PRO A 14 16.17 -12.35 5.87
CA PRO A 14 16.77 -13.31 4.94
C PRO A 14 17.71 -12.65 3.93
N LEU A 15 18.21 -13.43 2.99
CA LEU A 15 19.11 -12.91 1.98
C LEU A 15 18.34 -12.20 0.86
N ARG A 16 17.30 -12.85 0.36
CA ARG A 16 16.47 -12.27 -0.70
C ARG A 16 15.21 -11.64 -0.12
N LEU A 17 14.94 -10.41 -0.52
CA LEU A 17 13.77 -9.69 -0.04
C LEU A 17 12.87 -9.27 -1.21
N ALA A 18 11.58 -9.11 -0.94
CA ALA A 18 10.63 -8.70 -1.96
C ALA A 18 9.92 -7.41 -1.57
N VAL A 19 9.66 -6.56 -2.57
CA VAL A 19 8.99 -5.29 -2.33
C VAL A 19 7.55 -5.33 -2.83
N CYS A 20 6.64 -4.73 -2.07
CA CYS A 20 5.23 -4.69 -2.45
C CYS A 20 4.99 -3.67 -3.56
N GLN A 21 3.86 -3.81 -4.24
CA GLN A 21 3.51 -2.90 -5.34
C GLN A 21 2.47 -1.89 -4.89
N HIS A 22 1.74 -2.23 -3.82
CA HIS A 22 0.70 -1.35 -3.30
C HIS A 22 1.28 -0.41 -2.23
N CYS A 23 1.89 -0.99 -1.20
CA CYS A 23 2.47 -0.21 -0.13
C CYS A 23 3.92 0.18 -0.47
N ASP A 24 4.58 -0.65 -1.26
CA ASP A 24 5.96 -0.39 -1.65
C ASP A 24 6.89 -0.46 -0.44
N LEU A 25 6.67 -1.44 0.42
CA LEU A 25 7.49 -1.62 1.62
C LEU A 25 8.41 -2.83 1.48
N GLU A 26 9.53 -2.79 2.18
CA GLU A 26 10.49 -3.88 2.14
C GLU A 26 10.05 -5.02 3.05
N LEU A 27 9.86 -6.20 2.47
CA LEU A 27 9.45 -7.37 3.23
C LEU A 27 10.05 -8.65 2.65
N SER A 28 9.81 -9.77 3.31
CA SER A 28 10.34 -11.05 2.87
C SER A 28 9.47 -11.64 1.76
N ILE A 29 10.07 -12.47 0.92
CA ILE A 29 9.36 -13.10 -0.19
C ILE A 29 8.37 -14.14 0.32
N LEU A 30 8.78 -14.85 1.36
CA LEU A 30 7.93 -15.89 1.95
C LEU A 30 6.65 -15.30 2.51
N LYS A 31 6.78 -14.17 3.22
CA LYS A 31 5.64 -13.50 3.81
C LYS A 31 4.88 -12.69 2.76
N LEU A 32 5.63 -12.10 1.83
CA LEU A 32 5.03 -11.29 0.77
C LEU A 32 3.68 -11.86 0.36
N LYS A 33 3.68 -13.12 -0.07
CA LYS A 33 2.45 -13.79 -0.49
C LYS A 33 1.29 -13.43 0.43
N GLU A 34 1.49 -13.60 1.73
CA GLU A 34 0.46 -13.29 2.71
C GLU A 34 0.33 -11.78 2.91
N HIS A 35 1.43 -11.14 3.28
CA HIS A 35 1.44 -9.70 3.50
C HIS A 35 0.55 -8.99 2.47
N GLU A 36 0.72 -9.35 1.21
CA GLU A 36 -0.06 -8.75 0.13
C GLU A 36 -1.55 -8.95 0.36
N ASP A 37 -1.96 -10.20 0.52
CA ASP A 37 -3.36 -10.52 0.75
C ASP A 37 -4.01 -9.49 1.67
N TYR A 38 -3.36 -9.22 2.80
CA TYR A 38 -3.88 -8.26 3.77
C TYR A 38 -3.63 -6.83 3.30
N CYS A 39 -2.48 -6.60 2.67
CA CYS A 39 -2.13 -5.29 2.17
C CYS A 39 -3.31 -4.63 1.48
N GLY A 40 -3.81 -5.27 0.43
CA GLY A 40 -4.95 -4.74 -0.30
C GLY A 40 -6.17 -4.57 0.57
N ALA A 41 -6.61 -5.66 1.19
CA ALA A 41 -7.78 -5.64 2.06
C ALA A 41 -7.85 -4.34 2.84
N ARG A 42 -6.71 -3.90 3.35
CA ARG A 42 -6.64 -2.67 4.12
C ARG A 42 -7.28 -1.51 3.37
N THR A 43 -7.84 -0.56 4.12
CA THR A 43 -8.49 0.59 3.51
C THR A 43 -7.72 1.88 3.81
N GLU A 44 -7.58 2.74 2.81
CA GLU A 44 -6.87 4.00 2.98
C GLU A 44 -7.82 5.19 2.82
N LEU A 45 -7.53 6.26 3.54
CA LEU A 45 -8.35 7.47 3.49
C LEU A 45 -7.94 8.36 2.32
N CYS A 46 -8.80 8.44 1.31
CA CYS A 46 -8.53 9.25 0.13
C CYS A 46 -8.34 10.72 0.51
N GLY A 47 -7.78 11.50 -0.40
CA GLY A 47 -7.55 12.91 -0.13
C GLY A 47 -8.52 13.80 -0.89
N ASN A 48 -8.99 13.32 -2.03
CA ASN A 48 -9.92 14.09 -2.85
C ASN A 48 -11.33 14.03 -2.27
N CYS A 49 -11.89 12.83 -2.17
CA CYS A 49 -13.23 12.64 -1.63
C CYS A 49 -13.18 12.42 -0.12
N GLY A 50 -12.25 11.58 0.32
CA GLY A 50 -12.11 11.30 1.74
C GLY A 50 -13.01 10.16 2.20
N ARG A 51 -12.96 9.05 1.48
CA ARG A 51 -13.78 7.89 1.82
C ARG A 51 -12.92 6.65 2.04
N ASN A 52 -13.33 5.81 2.97
CA ASN A 52 -12.59 4.60 3.28
C ASN A 52 -12.67 3.59 2.13
N VAL A 53 -11.60 3.50 1.35
CA VAL A 53 -11.56 2.58 0.22
C VAL A 53 -10.36 1.65 0.31
N LEU A 54 -10.52 0.44 -0.22
CA LEU A 54 -9.45 -0.56 -0.19
C LEU A 54 -8.18 0.00 -0.83
N VAL A 55 -7.07 -0.70 -0.64
CA VAL A 55 -5.79 -0.28 -1.20
C VAL A 55 -5.57 -0.91 -2.58
N LYS A 56 -6.00 -2.16 -2.73
CA LYS A 56 -5.85 -2.87 -3.99
C LYS A 56 -6.84 -2.37 -5.02
N ASP A 57 -7.97 -1.82 -4.55
CA ASP A 57 -8.99 -1.30 -5.44
C ASP A 57 -8.69 0.15 -5.82
N LEU A 58 -7.73 0.75 -5.13
CA LEU A 58 -7.34 2.14 -5.40
C LEU A 58 -7.11 2.36 -6.89
N LYS A 59 -6.92 1.26 -7.62
CA LYS A 59 -6.69 1.34 -9.06
C LYS A 59 -7.95 1.76 -9.79
N THR A 60 -9.10 1.31 -9.30
CA THR A 60 -10.38 1.65 -9.91
C THR A 60 -11.15 2.64 -9.06
N HIS A 61 -10.54 3.07 -7.95
CA HIS A 61 -11.17 4.02 -7.04
C HIS A 61 -11.44 5.34 -7.75
N PRO A 62 -10.47 5.79 -8.56
CA PRO A 62 -10.58 7.05 -9.31
C PRO A 62 -11.92 7.17 -10.04
N GLU A 63 -12.39 6.05 -10.57
CA GLU A 63 -13.66 6.04 -11.30
C GLU A 63 -14.83 6.21 -10.35
N VAL A 64 -14.69 5.70 -9.13
CA VAL A 64 -15.75 5.80 -8.13
C VAL A 64 -15.36 6.78 -7.03
N CYS A 65 -14.32 7.56 -7.28
CA CYS A 65 -13.85 8.54 -6.31
C CYS A 65 -14.57 9.88 -6.50
N GLY A 66 -15.33 10.29 -5.49
CA GLY A 66 -16.05 11.54 -5.55
C GLY A 66 -17.02 11.57 -6.72
N ARG A 67 -17.74 10.49 -6.93
CA ARG A 67 -18.71 10.39 -8.02
C ARG A 67 -20.02 11.07 -7.64
N GLU A 68 -20.55 10.73 -6.46
CA GLU A 68 -21.80 11.32 -5.99
C GLU A 68 -21.61 12.79 -5.64
N GLY A 69 -20.58 13.08 -4.86
CA GLY A 69 -20.30 14.46 -4.47
C GLY A 69 -19.69 15.27 -5.59
N SER A 70 -20.53 15.78 -6.49
CA SER A 70 -20.05 16.57 -7.61
C SER A 70 -19.96 18.05 -7.24
N GLY A 71 -18.84 18.67 -7.60
CA GLY A 71 -18.65 20.08 -7.29
C GLY A 71 -17.65 20.29 -6.17
N PRO A 72 -16.37 20.03 -6.45
CA PRO A 72 -15.29 20.19 -5.48
C PRO A 72 -15.02 21.65 -5.14
N SER A 73 -15.22 22.02 -3.87
CA SER A 73 -15.00 23.38 -3.44
C SER A 73 -13.56 23.59 -2.98
N SER A 74 -13.07 22.66 -2.17
CA SER A 74 -11.71 22.73 -1.65
C SER A 74 -10.73 23.09 -2.76
N GLY A 75 -10.65 22.22 -3.78
CA GLY A 75 -9.76 22.46 -4.89
C GLY A 75 -9.77 23.90 -5.36
N GLY A 1 14.00 1.94 40.15
CA GLY A 1 12.77 1.19 39.97
C GLY A 1 12.53 0.79 38.53
N SER A 2 13.56 0.22 37.90
CA SER A 2 13.46 -0.21 36.51
C SER A 2 12.45 -1.33 36.35
N SER A 3 11.26 -1.00 35.86
CA SER A 3 10.21 -1.97 35.67
C SER A 3 10.53 -2.90 34.50
N GLY A 4 10.69 -2.31 33.32
CA GLY A 4 10.99 -3.10 32.14
C GLY A 4 12.49 -3.24 31.91
N SER A 5 12.86 -3.98 30.86
CA SER A 5 14.26 -4.19 30.54
C SER A 5 14.64 -3.49 29.24
N SER A 6 15.88 -3.02 29.17
CA SER A 6 16.36 -2.32 27.98
C SER A 6 17.05 -3.28 27.03
N GLY A 7 16.66 -3.23 25.76
CA GLY A 7 17.25 -4.10 24.76
C GLY A 7 16.23 -4.64 23.78
N HIS A 8 16.70 -5.20 22.67
CA HIS A 8 15.82 -5.76 21.67
C HIS A 8 16.49 -6.91 20.92
N GLU A 9 15.69 -7.75 20.29
CA GLU A 9 16.21 -8.89 19.54
C GLU A 9 15.87 -8.78 18.05
N GLU A 10 16.83 -9.12 17.20
CA GLU A 10 16.64 -9.05 15.76
C GLU A 10 17.45 -10.12 15.05
N THR A 11 17.02 -10.48 13.84
CA THR A 11 17.70 -11.50 13.06
C THR A 11 17.40 -11.34 11.57
N GLU A 12 18.41 -11.61 10.74
CA GLU A 12 18.25 -11.49 9.29
C GLU A 12 18.98 -12.62 8.58
N CYS A 13 18.64 -12.83 7.31
CA CYS A 13 19.28 -13.88 6.51
C CYS A 13 19.54 -13.39 5.10
N PRO A 14 20.49 -14.05 4.41
CA PRO A 14 20.87 -13.70 3.04
C PRO A 14 19.78 -14.05 2.04
N LEU A 15 18.62 -14.47 2.54
CA LEU A 15 17.50 -14.83 1.68
C LEU A 15 17.04 -13.64 0.84
N ARG A 16 16.35 -13.94 -0.25
CA ARG A 16 15.85 -12.89 -1.14
C ARG A 16 14.69 -12.13 -0.50
N LEU A 17 14.48 -10.90 -0.96
CA LEU A 17 13.40 -10.07 -0.42
C LEU A 17 12.47 -9.60 -1.54
N ALA A 18 11.21 -9.34 -1.19
CA ALA A 18 10.24 -8.88 -2.17
C ALA A 18 9.55 -7.60 -1.69
N VAL A 19 9.32 -6.68 -2.63
CA VAL A 19 8.67 -5.41 -2.31
C VAL A 19 7.21 -5.42 -2.72
N CYS A 20 6.37 -4.74 -1.94
CA CYS A 20 4.94 -4.67 -2.23
C CYS A 20 4.67 -3.70 -3.38
N GLN A 21 3.49 -3.83 -3.99
CA GLN A 21 3.11 -2.97 -5.09
C GLN A 21 2.15 -1.87 -4.63
N HIS A 22 1.51 -2.09 -3.48
CA HIS A 22 0.58 -1.12 -2.92
C HIS A 22 1.30 -0.20 -1.93
N CYS A 23 1.88 -0.79 -0.90
CA CYS A 23 2.58 -0.02 0.12
C CYS A 23 4.03 0.25 -0.30
N ASP A 24 4.57 -0.63 -1.13
CA ASP A 24 5.93 -0.48 -1.61
C ASP A 24 6.93 -0.53 -0.46
N LEU A 25 6.71 -1.47 0.46
CA LEU A 25 7.59 -1.61 1.62
C LEU A 25 8.47 -2.86 1.49
N GLU A 26 9.62 -2.85 2.14
CA GLU A 26 10.54 -3.97 2.09
C GLU A 26 10.09 -5.08 3.03
N LEU A 27 9.87 -6.27 2.47
CA LEU A 27 9.43 -7.42 3.25
C LEU A 27 10.00 -8.71 2.69
N SER A 28 9.88 -9.79 3.45
CA SER A 28 10.38 -11.10 3.03
C SER A 28 9.59 -11.63 1.85
N ILE A 29 10.20 -12.50 1.06
CA ILE A 29 9.56 -13.10 -0.10
C ILE A 29 8.48 -14.10 0.33
N LEU A 30 8.80 -14.89 1.34
CA LEU A 30 7.86 -15.89 1.85
C LEU A 30 6.63 -15.24 2.46
N LYS A 31 6.86 -14.17 3.22
CA LYS A 31 5.77 -13.44 3.85
C LYS A 31 5.04 -12.56 2.84
N LEU A 32 5.80 -11.92 1.96
CA LEU A 32 5.23 -11.05 0.94
C LEU A 32 3.87 -11.57 0.48
N LYS A 33 3.82 -12.86 0.16
CA LYS A 33 2.58 -13.49 -0.29
C LYS A 33 1.43 -13.17 0.66
N GLU A 34 1.62 -13.52 1.94
CA GLU A 34 0.59 -13.28 2.95
C GLU A 34 0.38 -11.78 3.17
N HIS A 35 1.48 -11.06 3.35
CA HIS A 35 1.42 -9.62 3.56
C HIS A 35 0.53 -8.94 2.52
N GLU A 36 0.91 -9.09 1.25
CA GLU A 36 0.14 -8.51 0.16
C GLU A 36 -1.34 -8.79 0.32
N ASP A 37 -1.68 -10.07 0.49
CA ASP A 37 -3.07 -10.47 0.67
C ASP A 37 -3.84 -9.44 1.48
N TYR A 38 -3.31 -9.08 2.64
CA TYR A 38 -3.95 -8.10 3.51
C TYR A 38 -3.76 -6.69 2.98
N CYS A 39 -2.51 -6.34 2.69
CA CYS A 39 -2.18 -5.02 2.17
C CYS A 39 -3.24 -4.54 1.18
N GLY A 40 -3.57 -5.41 0.23
CA GLY A 40 -4.58 -5.07 -0.77
C GLY A 40 -5.99 -5.14 -0.24
N ALA A 41 -6.17 -5.89 0.85
CA ALA A 41 -7.48 -6.04 1.47
C ALA A 41 -7.75 -4.90 2.45
N ARG A 42 -6.99 -3.82 2.33
CA ARG A 42 -7.14 -2.67 3.22
C ARG A 42 -8.14 -1.68 2.65
N THR A 43 -8.71 -0.84 3.51
CA THR A 43 -9.69 0.16 3.08
C THR A 43 -9.19 1.56 3.38
N GLU A 44 -9.44 2.49 2.45
CA GLU A 44 -9.02 3.87 2.61
C GLU A 44 -10.16 4.83 2.25
N LEU A 45 -10.42 5.78 3.14
CA LEU A 45 -11.48 6.76 2.92
C LEU A 45 -11.12 7.70 1.78
N CYS A 46 -12.09 7.99 0.93
CA CYS A 46 -11.88 8.89 -0.21
C CYS A 46 -12.34 10.30 0.12
N GLY A 47 -11.67 11.28 -0.47
CA GLY A 47 -12.02 12.67 -0.22
C GLY A 47 -13.05 13.19 -1.21
N ASN A 48 -13.13 12.55 -2.37
CA ASN A 48 -14.08 12.96 -3.40
C ASN A 48 -15.49 12.54 -3.02
N CYS A 49 -15.71 11.24 -2.93
CA CYS A 49 -17.03 10.71 -2.58
C CYS A 49 -17.21 10.67 -1.06
N GLY A 50 -16.26 10.02 -0.38
CA GLY A 50 -16.33 9.92 1.07
C GLY A 50 -16.84 8.57 1.53
N ARG A 51 -16.41 7.50 0.85
CA ARG A 51 -16.84 6.16 1.20
C ARG A 51 -15.64 5.24 1.38
N ASN A 52 -15.88 4.05 1.92
CA ASN A 52 -14.83 3.07 2.15
C ASN A 52 -14.65 2.16 0.95
N VAL A 53 -13.46 2.15 0.38
CA VAL A 53 -13.16 1.31 -0.78
C VAL A 53 -11.91 0.48 -0.56
N LEU A 54 -11.83 -0.68 -1.19
CA LEU A 54 -10.68 -1.56 -1.07
C LEU A 54 -9.53 -1.06 -1.94
N VAL A 55 -8.31 -1.18 -1.42
CA VAL A 55 -7.12 -0.75 -2.15
C VAL A 55 -7.03 -1.44 -3.51
N LYS A 56 -7.40 -2.71 -3.54
CA LYS A 56 -7.36 -3.49 -4.78
C LYS A 56 -8.44 -3.02 -5.75
N ASP A 57 -9.46 -2.37 -5.21
CA ASP A 57 -10.56 -1.85 -6.03
C ASP A 57 -10.29 -0.41 -6.46
N LEU A 58 -9.43 0.27 -5.72
CA LEU A 58 -9.09 1.66 -6.02
C LEU A 58 -8.73 1.82 -7.49
N LYS A 59 -8.34 0.72 -8.13
CA LYS A 59 -7.96 0.75 -9.54
C LYS A 59 -9.12 1.23 -10.40
N THR A 60 -10.33 0.79 -10.07
CA THR A 60 -11.52 1.18 -10.82
C THR A 60 -12.49 1.94 -9.93
N HIS A 61 -12.00 2.44 -8.80
CA HIS A 61 -12.84 3.18 -7.85
C HIS A 61 -13.24 4.53 -8.45
N PRO A 62 -12.27 5.22 -9.07
CA PRO A 62 -12.50 6.53 -9.69
C PRO A 62 -13.76 6.55 -10.56
N GLU A 63 -13.96 5.48 -11.33
CA GLU A 63 -15.11 5.39 -12.20
C GLU A 63 -16.41 5.63 -11.43
N VAL A 64 -16.66 4.79 -10.44
CA VAL A 64 -17.87 4.91 -9.62
C VAL A 64 -17.77 6.12 -8.69
N CYS A 65 -16.54 6.51 -8.35
CA CYS A 65 -16.31 7.64 -7.46
C CYS A 65 -16.73 8.94 -8.13
N GLY A 66 -17.15 9.91 -7.32
CA GLY A 66 -17.58 11.19 -7.85
C GLY A 66 -18.72 11.06 -8.84
N ARG A 67 -19.70 10.24 -8.51
CA ARG A 67 -20.85 10.02 -9.38
C ARG A 67 -22.03 10.89 -8.95
N GLU A 68 -22.48 10.69 -7.72
CA GLU A 68 -23.60 11.45 -7.18
C GLU A 68 -23.24 12.10 -5.86
N GLY A 69 -24.18 12.87 -5.30
CA GLY A 69 -23.94 13.53 -4.03
C GLY A 69 -24.97 13.18 -2.99
N SER A 70 -24.56 13.18 -1.72
CA SER A 70 -25.46 12.86 -0.63
C SER A 70 -26.83 13.50 -0.84
N GLY A 71 -26.85 14.82 -0.97
CA GLY A 71 -28.09 15.53 -1.18
C GLY A 71 -28.97 14.88 -2.23
N PRO A 72 -28.52 14.94 -3.50
CA PRO A 72 -29.26 14.36 -4.63
C PRO A 72 -29.25 12.83 -4.59
N SER A 73 -28.65 12.28 -3.55
CA SER A 73 -28.57 10.82 -3.40
C SER A 73 -29.95 10.22 -3.15
N SER A 74 -30.35 9.30 -4.03
CA SER A 74 -31.65 8.65 -3.91
C SER A 74 -31.54 7.15 -4.17
N GLY A 75 -32.33 6.37 -3.46
CA GLY A 75 -32.31 4.93 -3.64
C GLY A 75 -32.16 4.52 -5.09
N GLY A 1 42.94 -24.19 33.03
CA GLY A 1 42.05 -25.10 32.33
C GLY A 1 40.72 -24.44 31.99
N SER A 2 40.77 -23.43 31.11
CA SER A 2 39.57 -22.73 30.70
C SER A 2 39.73 -22.17 29.29
N SER A 3 38.83 -22.58 28.39
CA SER A 3 38.88 -22.12 27.00
C SER A 3 37.48 -21.75 26.51
N GLY A 4 37.36 -20.57 25.91
CA GLY A 4 36.07 -20.12 25.41
C GLY A 4 35.84 -20.52 23.97
N SER A 5 34.69 -20.15 23.42
CA SER A 5 34.36 -20.48 22.04
C SER A 5 34.14 -19.22 21.22
N SER A 6 34.38 -19.32 19.92
CA SER A 6 34.22 -18.19 19.01
C SER A 6 32.74 -17.84 18.84
N GLY A 7 31.95 -18.83 18.46
CA GLY A 7 30.53 -18.60 18.27
C GLY A 7 30.24 -17.38 17.41
N HIS A 8 29.98 -17.61 16.13
CA HIS A 8 29.69 -16.52 15.20
C HIS A 8 28.53 -16.88 14.29
N GLU A 9 27.70 -15.89 13.98
CA GLU A 9 26.55 -16.10 13.11
C GLU A 9 26.50 -15.05 12.00
N GLU A 10 26.71 -15.50 10.76
CA GLU A 10 26.69 -14.60 9.61
C GLU A 10 25.26 -14.17 9.28
N THR A 11 24.90 -12.96 9.67
CA THR A 11 23.57 -12.43 9.42
C THR A 11 23.56 -11.50 8.20
N GLU A 12 22.87 -11.93 7.15
CA GLU A 12 22.80 -11.13 5.93
C GLU A 12 21.43 -10.44 5.82
N CYS A 13 21.43 -9.28 5.17
CA CYS A 13 20.20 -8.52 4.99
C CYS A 13 19.28 -9.19 3.97
N PRO A 14 17.97 -8.90 4.07
CA PRO A 14 16.97 -9.46 3.16
C PRO A 14 17.09 -8.90 1.74
N LEU A 15 17.83 -9.60 0.90
CA LEU A 15 18.03 -9.18 -0.49
C LEU A 15 17.02 -9.86 -1.41
N ARG A 16 16.76 -11.14 -1.15
CA ARG A 16 15.81 -11.91 -1.95
C ARG A 16 14.37 -11.51 -1.63
N LEU A 17 14.21 -10.50 -0.79
CA LEU A 17 12.88 -10.02 -0.40
C LEU A 17 12.18 -9.36 -1.57
N ALA A 18 10.86 -9.28 -1.49
CA ALA A 18 10.06 -8.67 -2.54
C ALA A 18 9.37 -7.40 -2.05
N VAL A 19 9.48 -6.32 -2.82
CA VAL A 19 8.86 -5.06 -2.45
C VAL A 19 7.43 -4.97 -2.97
N CYS A 20 6.50 -4.66 -2.07
CA CYS A 20 5.10 -4.54 -2.42
C CYS A 20 4.89 -3.48 -3.50
N GLN A 21 3.75 -3.56 -4.18
CA GLN A 21 3.43 -2.61 -5.24
C GLN A 21 2.45 -1.55 -4.75
N HIS A 22 1.75 -1.86 -3.65
CA HIS A 22 0.79 -0.94 -3.08
C HIS A 22 1.43 -0.06 -2.00
N CYS A 23 2.04 -0.71 -1.01
CA CYS A 23 2.69 0.00 0.09
C CYS A 23 4.15 0.29 -0.25
N ASP A 24 4.74 -0.59 -1.05
CA ASP A 24 6.14 -0.43 -1.45
C ASP A 24 7.07 -0.57 -0.25
N LEU A 25 6.79 -1.56 0.58
CA LEU A 25 7.61 -1.81 1.77
C LEU A 25 8.44 -3.08 1.61
N GLU A 26 9.54 -3.15 2.34
CA GLU A 26 10.44 -4.30 2.28
C GLU A 26 9.85 -5.49 3.05
N LEU A 27 9.73 -6.62 2.37
CA LEU A 27 9.18 -7.82 2.99
C LEU A 27 9.66 -9.08 2.26
N SER A 28 10.22 -10.02 3.02
CA SER A 28 10.71 -11.26 2.45
C SER A 28 9.60 -12.02 1.74
N ILE A 29 9.88 -12.46 0.51
CA ILE A 29 8.90 -13.20 -0.28
C ILE A 29 8.08 -14.13 0.60
N LEU A 30 8.74 -14.79 1.53
CA LEU A 30 8.08 -15.72 2.44
C LEU A 30 6.87 -15.07 3.09
N LYS A 31 7.05 -13.83 3.56
CA LYS A 31 5.98 -13.09 4.20
C LYS A 31 5.12 -12.35 3.17
N LEU A 32 5.79 -11.74 2.19
CA LEU A 32 5.10 -11.00 1.14
C LEU A 32 3.74 -11.64 0.83
N LYS A 33 3.78 -12.89 0.36
CA LYS A 33 2.56 -13.61 0.02
C LYS A 33 1.43 -13.24 0.98
N GLU A 34 1.60 -13.59 2.25
CA GLU A 34 0.59 -13.30 3.27
C GLU A 34 0.37 -11.80 3.39
N HIS A 35 1.46 -11.04 3.37
CA HIS A 35 1.38 -9.59 3.48
C HIS A 35 0.45 -9.01 2.41
N GLU A 36 0.88 -9.09 1.16
CA GLU A 36 0.09 -8.58 0.04
C GLU A 36 -1.39 -8.91 0.23
N ASP A 37 -1.68 -10.18 0.44
CA ASP A 37 -3.05 -10.64 0.63
C ASP A 37 -3.85 -9.62 1.44
N TYR A 38 -3.23 -9.10 2.51
CA TYR A 38 -3.88 -8.12 3.37
C TYR A 38 -3.67 -6.70 2.83
N CYS A 39 -2.40 -6.35 2.64
CA CYS A 39 -2.06 -5.02 2.13
C CYS A 39 -3.11 -4.51 1.16
N GLY A 40 -3.66 -5.43 0.36
CA GLY A 40 -4.68 -5.06 -0.61
C GLY A 40 -6.08 -5.12 -0.03
N ALA A 41 -6.37 -6.20 0.69
CA ALA A 41 -7.68 -6.38 1.29
C ALA A 41 -7.81 -5.57 2.58
N ARG A 42 -6.78 -4.78 2.88
CA ARG A 42 -6.78 -3.95 4.08
C ARG A 42 -7.63 -2.70 3.87
N THR A 43 -7.95 -2.02 4.98
CA THR A 43 -8.76 -0.81 4.93
C THR A 43 -8.09 0.32 5.70
N GLU A 44 -7.99 1.49 5.07
CA GLU A 44 -7.37 2.65 5.70
C GLU A 44 -8.30 3.86 5.62
N LEU A 45 -8.38 4.60 6.73
CA LEU A 45 -9.23 5.79 6.79
C LEU A 45 -8.75 6.85 5.82
N CYS A 46 -9.69 7.48 5.11
CA CYS A 46 -9.37 8.53 4.16
C CYS A 46 -9.44 9.91 4.80
N GLY A 47 -8.61 10.82 4.30
CA GLY A 47 -8.60 12.17 4.84
C GLY A 47 -9.55 13.10 4.12
N ASN A 48 -9.87 12.76 2.87
CA ASN A 48 -10.77 13.57 2.07
C ASN A 48 -12.22 13.36 2.51
N CYS A 49 -12.71 12.14 2.32
CA CYS A 49 -14.08 11.80 2.69
C CYS A 49 -14.16 11.40 4.16
N GLY A 50 -13.36 10.42 4.56
CA GLY A 50 -13.36 9.97 5.93
C GLY A 50 -14.05 8.63 6.10
N ARG A 51 -13.88 7.75 5.12
CA ARG A 51 -14.50 6.43 5.16
C ARG A 51 -13.47 5.33 4.94
N ASN A 52 -13.80 4.12 5.37
CA ASN A 52 -12.88 2.98 5.22
C ASN A 52 -12.74 2.60 3.75
N VAL A 53 -11.54 2.81 3.22
CA VAL A 53 -11.26 2.48 1.83
C VAL A 53 -10.16 1.43 1.71
N LEU A 54 -10.30 0.53 0.74
CA LEU A 54 -9.32 -0.52 0.53
C LEU A 54 -8.14 -0.01 -0.29
N VAL A 55 -6.93 -0.43 0.11
CA VAL A 55 -5.72 -0.02 -0.59
C VAL A 55 -5.80 -0.32 -2.08
N LYS A 56 -6.30 -1.50 -2.41
CA LYS A 56 -6.44 -1.92 -3.80
C LYS A 56 -7.45 -1.03 -4.54
N ASP A 57 -8.40 -0.49 -3.79
CA ASP A 57 -9.42 0.39 -4.37
C ASP A 57 -8.89 1.80 -4.52
N LEU A 58 -8.05 2.22 -3.58
CA LEU A 58 -7.48 3.57 -3.60
C LEU A 58 -7.12 3.97 -5.03
N LYS A 59 -6.86 2.98 -5.88
CA LYS A 59 -6.50 3.25 -7.27
C LYS A 59 -7.56 4.09 -7.96
N THR A 60 -8.82 3.71 -7.78
CA THR A 60 -9.93 4.44 -8.38
C THR A 60 -10.86 5.01 -7.32
N HIS A 61 -10.35 5.11 -6.09
CA HIS A 61 -11.13 5.64 -4.98
C HIS A 61 -11.37 7.14 -5.16
N PRO A 62 -10.34 7.86 -5.63
CA PRO A 62 -10.42 9.30 -5.86
C PRO A 62 -11.66 9.70 -6.64
N GLU A 63 -12.14 8.80 -7.48
CA GLU A 63 -13.34 9.05 -8.28
C GLU A 63 -14.58 9.11 -7.40
N VAL A 64 -14.79 8.07 -6.62
CA VAL A 64 -15.94 8.00 -5.73
C VAL A 64 -15.59 8.47 -4.32
N CYS A 65 -14.43 9.10 -4.19
CA CYS A 65 -13.96 9.61 -2.91
C CYS A 65 -14.43 11.04 -2.69
N GLY A 66 -15.27 11.23 -1.67
CA GLY A 66 -15.78 12.55 -1.36
C GLY A 66 -17.29 12.64 -1.50
N ARG A 67 -17.81 12.10 -2.58
CA ARG A 67 -19.25 12.11 -2.83
C ARG A 67 -20.03 11.84 -1.55
N GLU A 68 -19.42 11.07 -0.64
CA GLU A 68 -20.05 10.74 0.62
C GLU A 68 -20.18 11.98 1.51
N GLY A 69 -21.40 12.26 1.95
CA GLY A 69 -21.62 13.42 2.80
C GLY A 69 -20.94 13.29 4.15
N SER A 70 -20.52 14.42 4.70
CA SER A 70 -19.84 14.42 5.99
C SER A 70 -20.84 14.45 7.14
N GLY A 71 -20.45 13.91 8.28
CA GLY A 71 -21.34 13.88 9.44
C GLY A 71 -20.58 13.67 10.74
N PRO A 72 -20.00 12.47 10.90
CA PRO A 72 -19.24 12.12 12.10
C PRO A 72 -17.92 12.88 12.21
N SER A 73 -17.86 13.85 13.11
CA SER A 73 -16.66 14.66 13.29
C SER A 73 -16.34 14.80 14.78
N SER A 74 -15.08 14.54 15.12
CA SER A 74 -14.62 14.64 16.50
C SER A 74 -15.02 15.98 17.12
N GLY A 75 -14.60 17.06 16.46
CA GLY A 75 -14.91 18.38 16.95
C GLY A 75 -14.46 19.48 16.00
#